data_6WCU
# 
_entry.id   6WCU 
# 
_audit_conform.dict_name       mmcif_pdbx.dic 
_audit_conform.dict_version    5.387 
_audit_conform.dict_location   http://mmcif.pdb.org/dictionaries/ascii/mmcif_pdbx.dic 
# 
loop_
_database_2.database_id 
_database_2.database_code 
_database_2.pdbx_database_accession 
_database_2.pdbx_DOI 
PDB   6WCU         pdb_00006wcu 10.2210/pdb6wcu/pdb 
WWPDB D_1000247942 ?            ?                   
# 
loop_
_pdbx_audit_revision_history.ordinal 
_pdbx_audit_revision_history.data_content_type 
_pdbx_audit_revision_history.major_revision 
_pdbx_audit_revision_history.minor_revision 
_pdbx_audit_revision_history.revision_date 
1 'Structure model' 1 0 2021-03-17 
2 'Structure model' 1 1 2021-03-24 
3 'Structure model' 1 2 2024-03-06 
# 
_pdbx_audit_revision_details.ordinal             1 
_pdbx_audit_revision_details.revision_ordinal    1 
_pdbx_audit_revision_details.data_content_type   'Structure model' 
_pdbx_audit_revision_details.provider            repository 
_pdbx_audit_revision_details.type                'Initial release' 
_pdbx_audit_revision_details.description         ? 
_pdbx_audit_revision_details.details             ? 
# 
loop_
_pdbx_audit_revision_group.ordinal 
_pdbx_audit_revision_group.revision_ordinal 
_pdbx_audit_revision_group.data_content_type 
_pdbx_audit_revision_group.group 
1 2 'Structure model' 'Database references' 
2 3 'Structure model' 'Data collection'     
3 3 'Structure model' 'Database references' 
# 
loop_
_pdbx_audit_revision_category.ordinal 
_pdbx_audit_revision_category.revision_ordinal 
_pdbx_audit_revision_category.data_content_type 
_pdbx_audit_revision_category.category 
1 2 'Structure model' citation        
2 2 'Structure model' citation_author 
3 3 'Structure model' chem_comp_atom  
4 3 'Structure model' chem_comp_bond  
5 3 'Structure model' database_2      
# 
loop_
_pdbx_audit_revision_item.ordinal 
_pdbx_audit_revision_item.revision_ordinal 
_pdbx_audit_revision_item.data_content_type 
_pdbx_audit_revision_item.item 
1 2 'Structure model' '_citation.journal_volume'            
2 2 'Structure model' '_citation_author.name'               
3 3 'Structure model' '_database_2.pdbx_DOI'                
4 3 'Structure model' '_database_2.pdbx_database_accession' 
# 
_pdbx_database_status.status_code                     REL 
_pdbx_database_status.status_code_sf                  REL 
_pdbx_database_status.status_code_mr                  ? 
_pdbx_database_status.entry_id                        6WCU 
_pdbx_database_status.recvd_initial_deposition_date   2020-03-31 
_pdbx_database_status.SG_entry                        N 
_pdbx_database_status.deposit_site                    RCSB 
_pdbx_database_status.process_site                    RCSB 
_pdbx_database_status.status_code_cs                  ? 
_pdbx_database_status.status_code_nmr_data            ? 
_pdbx_database_status.methods_development_category    ? 
_pdbx_database_status.pdb_format_compatible           Y 
# 
loop_
_pdbx_database_related.db_name 
_pdbx_database_related.details 
_pdbx_database_related.db_id 
_pdbx_database_related.content_type 
PDB 'Crystal structure of coiled coil region of human septin 1' 6WBE unspecified 
PDB 'Crystal structure of coiled coil region of human septin 4' 6WB3 unspecified 
PDB 'Crystal structure of coiled coil region of human septin 6' 6WBP unspecified 
# 
loop_
_audit_author.name 
_audit_author.pdbx_ordinal 
_audit_author.identifier_ORCID 
'Cabrejos, D.A.L.'   1  ?                   
'Cavini, I.'         2  0000-0003-2035-6584 
'Sala, F.A.'         3  0000-0002-0287-3054 
'Valadares, N.F.'    4  0000-0002-6251-7342 
'Pereira, H.M.'      5  0000-0002-8652-6729 
'Brandao-Neto, J.'   6  0000-0003-3414-5171 
'Nascimento, A.F.Z.' 7  0000-0003-4692-5263 
'Uson, I.'           8  0000-0003-2504-1696 
'Araujo, A.P.U.'     9  0000-0001-5455-084X 
'Garratt, R.C.'      10 0000-0002-2016-3179 
# 
_citation.abstract                  ? 
_citation.abstract_id_CAS           ? 
_citation.book_id_ISBN              ? 
_citation.book_publisher            ? 
_citation.book_publisher_city       ? 
_citation.book_title                ? 
_citation.coordinate_linkage        ? 
_citation.country                   UK 
_citation.database_id_Medline       ? 
_citation.details                   ? 
_citation.id                        primary 
_citation.journal_abbrev            J.Mol.Biol. 
_citation.journal_id_ASTM           JMOBAK 
_citation.journal_id_CSD            0070 
_citation.journal_id_ISSN           1089-8638 
_citation.journal_full              ? 
_citation.journal_issue             ? 
_citation.journal_volume            433 
_citation.language                  ? 
_citation.page_first                166889 
_citation.page_last                 166889 
_citation.title                     'Orientational Ambiguity in Septin Coiled Coils and its Structural Basis.' 
_citation.year                      2021 
_citation.database_id_CSD           ? 
_citation.pdbx_database_id_DOI      10.1016/j.jmb.2021.166889 
_citation.pdbx_database_id_PubMed   33639214 
_citation.unpublished_flag          ? 
# 
loop_
_citation_author.citation_id 
_citation_author.name 
_citation_author.ordinal 
_citation_author.identifier_ORCID 
primary 'Leonardo, D.A.'      1  ? 
primary 'Cavini, I.A.'        2  ? 
primary 'Sala, F.A.'          3  ? 
primary 'Mendonca, D.C.'      4  ? 
primary 'Rosa, H.V.D.'        5  ? 
primary 'Kumagai, P.S.'       6  ? 
primary 'Crusca Jr., E.'      7  ? 
primary 'Valadares, N.F.'     8  ? 
primary 'Marques, I.A.'       9  ? 
primary 'Brandao-Neto, J.'    10 ? 
primary 'Munte, C.E.'         11 ? 
primary 'Kalbitzer, H.R.'     12 ? 
primary 'Soler, N.'           13 ? 
primary 'Uson, I.'            14 ? 
primary 'Andre, I.'           15 ? 
primary 'Araujo, A.P.U.'      16 ? 
primary 
;D'Muniz Pereira, H.
;
17 ? 
primary 'Garratt, R.C.'       18 ? 
# 
loop_
_entity.id 
_entity.type 
_entity.src_method 
_entity.pdbx_description 
_entity.formula_weight 
_entity.pdbx_number_of_molecules 
_entity.pdbx_ec 
_entity.pdbx_mutation 
_entity.pdbx_fragment 
_entity.details 
1 polymer syn Septin-5 3888.561 2  ? ? 'Coiled coil region' ? 
2 water   nat water    18.015   42 ? ? ?                    ? 
# 
_entity_name_com.entity_id   1 
_entity_name_com.name        'Cell division control-related protein 1,CDCrel-1,Peanut-like protein 1' 
# 
_entity_poly.entity_id                      1 
_entity_poly.type                           'polypeptide(L)' 
_entity_poly.nstd_linkage                   no 
_entity_poly.nstd_monomer                   no 
_entity_poly.pdbx_seq_one_letter_code       ETEKLIRMKDEELRRMQEMLQRMKQQMQDQ 
_entity_poly.pdbx_seq_one_letter_code_can   ETEKLIRMKDEELRRMQEMLQRMKQQMQDQ 
_entity_poly.pdbx_strand_id                 A,B 
_entity_poly.pdbx_target_identifier         ? 
# 
_pdbx_entity_nonpoly.entity_id   2 
_pdbx_entity_nonpoly.name        water 
_pdbx_entity_nonpoly.comp_id     HOH 
# 
loop_
_entity_poly_seq.entity_id 
_entity_poly_seq.num 
_entity_poly_seq.mon_id 
_entity_poly_seq.hetero 
1 1  GLU n 
1 2  THR n 
1 3  GLU n 
1 4  LYS n 
1 5  LEU n 
1 6  ILE n 
1 7  ARG n 
1 8  MET n 
1 9  LYS n 
1 10 ASP n 
1 11 GLU n 
1 12 GLU n 
1 13 LEU n 
1 14 ARG n 
1 15 ARG n 
1 16 MET n 
1 17 GLN n 
1 18 GLU n 
1 19 MET n 
1 20 LEU n 
1 21 GLN n 
1 22 ARG n 
1 23 MET n 
1 24 LYS n 
1 25 GLN n 
1 26 GLN n 
1 27 MET n 
1 28 GLN n 
1 29 ASP n 
1 30 GLN n 
# 
_pdbx_entity_src_syn.entity_id              1 
_pdbx_entity_src_syn.pdbx_src_id            1 
_pdbx_entity_src_syn.pdbx_alt_source_flag   sample 
_pdbx_entity_src_syn.pdbx_beg_seq_num       1 
_pdbx_entity_src_syn.pdbx_end_seq_num       30 
_pdbx_entity_src_syn.organism_scientific    'Homo sapiens' 
_pdbx_entity_src_syn.organism_common_name   Human 
_pdbx_entity_src_syn.ncbi_taxonomy_id       9606 
_pdbx_entity_src_syn.details                ? 
# 
loop_
_chem_comp.id 
_chem_comp.type 
_chem_comp.mon_nstd_flag 
_chem_comp.name 
_chem_comp.pdbx_synonyms 
_chem_comp.formula 
_chem_comp.formula_weight 
ARG 'L-peptide linking' y ARGININE        ? 'C6 H15 N4 O2 1' 175.209 
ASP 'L-peptide linking' y 'ASPARTIC ACID' ? 'C4 H7 N O4'     133.103 
GLN 'L-peptide linking' y GLUTAMINE       ? 'C5 H10 N2 O3'   146.144 
GLU 'L-peptide linking' y 'GLUTAMIC ACID' ? 'C5 H9 N O4'     147.129 
HOH non-polymer         . WATER           ? 'H2 O'           18.015  
ILE 'L-peptide linking' y ISOLEUCINE      ? 'C6 H13 N O2'    131.173 
LEU 'L-peptide linking' y LEUCINE         ? 'C6 H13 N O2'    131.173 
LYS 'L-peptide linking' y LYSINE          ? 'C6 H15 N2 O2 1' 147.195 
MET 'L-peptide linking' y METHIONINE      ? 'C5 H11 N O2 S'  149.211 
THR 'L-peptide linking' y THREONINE       ? 'C4 H9 N O3'     119.119 
# 
loop_
_pdbx_poly_seq_scheme.asym_id 
_pdbx_poly_seq_scheme.entity_id 
_pdbx_poly_seq_scheme.seq_id 
_pdbx_poly_seq_scheme.mon_id 
_pdbx_poly_seq_scheme.ndb_seq_num 
_pdbx_poly_seq_scheme.pdb_seq_num 
_pdbx_poly_seq_scheme.auth_seq_num 
_pdbx_poly_seq_scheme.pdb_mon_id 
_pdbx_poly_seq_scheme.auth_mon_id 
_pdbx_poly_seq_scheme.pdb_strand_id 
_pdbx_poly_seq_scheme.pdb_ins_code 
_pdbx_poly_seq_scheme.hetero 
A 1 1  GLU 1  340 340 GLU GLU A . n 
A 1 2  THR 2  341 341 THR THR A . n 
A 1 3  GLU 3  342 342 GLU GLU A . n 
A 1 4  LYS 4  343 343 LYS LYS A . n 
A 1 5  LEU 5  344 344 LEU LEU A . n 
A 1 6  ILE 6  345 345 ILE ILE A . n 
A 1 7  ARG 7  346 346 ARG ARG A . n 
A 1 8  MET 8  347 347 MET MET A . n 
A 1 9  LYS 9  348 348 LYS LYS A . n 
A 1 10 ASP 10 349 349 ASP ASP A . n 
A 1 11 GLU 11 350 350 GLU GLU A . n 
A 1 12 GLU 12 351 351 GLU GLU A . n 
A 1 13 LEU 13 352 352 LEU LEU A . n 
A 1 14 ARG 14 353 353 ARG ARG A . n 
A 1 15 ARG 15 354 354 ARG ARG A . n 
A 1 16 MET 16 355 355 MET MET A . n 
A 1 17 GLN 17 356 356 GLN GLN A . n 
A 1 18 GLU 18 357 357 GLU GLU A . n 
A 1 19 MET 19 358 358 MET MET A . n 
A 1 20 LEU 20 359 359 LEU LEU A . n 
A 1 21 GLN 21 360 360 GLN GLN A . n 
A 1 22 ARG 22 361 361 ARG ARG A . n 
A 1 23 MET 23 362 362 MET MET A . n 
A 1 24 LYS 24 363 363 LYS LYS A . n 
A 1 25 GLN 25 364 364 GLN GLN A . n 
A 1 26 GLN 26 365 365 GLN GLN A . n 
A 1 27 MET 27 366 366 MET MET A . n 
A 1 28 GLN 28 367 367 GLN GLN A . n 
A 1 29 ASP 29 368 368 ASP ASP A . n 
A 1 30 GLN 30 369 369 GLN GLN A . n 
B 1 1  GLU 1  340 340 GLU GLU B . n 
B 1 2  THR 2  341 341 THR THR B . n 
B 1 3  GLU 3  342 342 GLU GLU B . n 
B 1 4  LYS 4  343 343 LYS LYS B . n 
B 1 5  LEU 5  344 344 LEU LEU B . n 
B 1 6  ILE 6  345 345 ILE ILE B . n 
B 1 7  ARG 7  346 346 ARG ARG B . n 
B 1 8  MET 8  347 347 MET MET B . n 
B 1 9  LYS 9  348 348 LYS LYS B . n 
B 1 10 ASP 10 349 349 ASP ASP B . n 
B 1 11 GLU 11 350 350 GLU GLU B . n 
B 1 12 GLU 12 351 351 GLU GLU B . n 
B 1 13 LEU 13 352 352 LEU LEU B . n 
B 1 14 ARG 14 353 353 ARG ARG B . n 
B 1 15 ARG 15 354 354 ARG ARG B . n 
B 1 16 MET 16 355 355 MET MET B . n 
B 1 17 GLN 17 356 356 GLN GLN B . n 
B 1 18 GLU 18 357 357 GLU GLU B . n 
B 1 19 MET 19 358 358 MET MET B . n 
B 1 20 LEU 20 359 359 LEU LEU B . n 
B 1 21 GLN 21 360 360 GLN GLN B . n 
B 1 22 ARG 22 361 361 ARG ARG B . n 
B 1 23 MET 23 362 362 MET MET B . n 
B 1 24 LYS 24 363 363 LYS LYS B . n 
B 1 25 GLN 25 364 364 GLN GLN B . n 
B 1 26 GLN 26 365 365 GLN GLN B . n 
B 1 27 MET 27 366 366 MET MET B . n 
B 1 28 GLN 28 367 367 GLN GLN B . n 
B 1 29 ASP 29 368 368 ASP ASP B . n 
B 1 30 GLN 30 369 369 GLN GLN B . n 
# 
loop_
_pdbx_nonpoly_scheme.asym_id 
_pdbx_nonpoly_scheme.entity_id 
_pdbx_nonpoly_scheme.mon_id 
_pdbx_nonpoly_scheme.ndb_seq_num 
_pdbx_nonpoly_scheme.pdb_seq_num 
_pdbx_nonpoly_scheme.auth_seq_num 
_pdbx_nonpoly_scheme.pdb_mon_id 
_pdbx_nonpoly_scheme.auth_mon_id 
_pdbx_nonpoly_scheme.pdb_strand_id 
_pdbx_nonpoly_scheme.pdb_ins_code 
C 2 HOH 1  401 2  HOH HOH A . 
C 2 HOH 2  402 4  HOH HOH A . 
C 2 HOH 3  403 2  HOH HOH A . 
C 2 HOH 4  404 5  HOH HOH A . 
C 2 HOH 5  405 11 HOH HOH A . 
C 2 HOH 6  406 6  HOH HOH A . 
C 2 HOH 7  407 12 HOH HOH A . 
C 2 HOH 8  408 2  HOH HOH A . 
C 2 HOH 9  409 5  HOH HOH A . 
C 2 HOH 10 410 9  HOH HOH A . 
C 2 HOH 11 411 11 HOH HOH A . 
C 2 HOH 12 412 12 HOH HOH A . 
C 2 HOH 13 413 7  HOH HOH A . 
C 2 HOH 14 414 1  HOH HOH A . 
C 2 HOH 15 415 3  HOH HOH A . 
C 2 HOH 16 416 13 HOH HOH A . 
C 2 HOH 17 417 5  HOH HOH A . 
C 2 HOH 18 418 6  HOH HOH A . 
C 2 HOH 19 419 5  HOH HOH A . 
C 2 HOH 20 420 6  HOH HOH A . 
D 2 HOH 1  401 7  HOH HOH B . 
D 2 HOH 2  402 4  HOH HOH B . 
D 2 HOH 3  403 14 HOH HOH B . 
D 2 HOH 4  404 1  HOH HOH B . 
D 2 HOH 5  405 4  HOH HOH B . 
D 2 HOH 6  406 17 HOH HOH B . 
D 2 HOH 7  407 16 HOH HOH B . 
D 2 HOH 8  408 14 HOH HOH B . 
D 2 HOH 9  409 8  HOH HOH B . 
D 2 HOH 10 410 13 HOH HOH B . 
D 2 HOH 11 411 3  HOH HOH B . 
D 2 HOH 12 412 10 HOH HOH B . 
D 2 HOH 13 413 3  HOH HOH B . 
D 2 HOH 14 414 2  HOH HOH B . 
D 2 HOH 15 415 1  HOH HOH B . 
D 2 HOH 16 416 9  HOH HOH B . 
D 2 HOH 17 417 10 HOH HOH B . 
D 2 HOH 18 418 15 HOH HOH B . 
D 2 HOH 19 419 4  HOH HOH B . 
D 2 HOH 20 420 1  HOH HOH B . 
D 2 HOH 21 421 8  HOH HOH B . 
D 2 HOH 22 422 2  HOH HOH B . 
# 
loop_
_software.citation_id 
_software.classification 
_software.compiler_name 
_software.compiler_version 
_software.contact_author 
_software.contact_author_email 
_software.date 
_software.description 
_software.dependencies 
_software.hardware 
_software.language 
_software.location 
_software.mods 
_software.name 
_software.os 
_software.os_version 
_software.type 
_software.version 
_software.pdbx_ordinal 
? 'data scaling'    ? ? ? ? ? ? ? ? ? ? ? Aimless     ? ? ? 0.7.4     1 
? refinement        ? ? ? ? ? ? ? ? ? ? ? PHENIX      ? ? ? 1.16_3549 2 
? 'data extraction' ? ? ? ? ? ? ? ? ? ? ? PDB_EXTRACT ? ? ? 3.25      3 
? 'data reduction'  ? ? ? ? ? ? ? ? ? ? ? XDS         ? ? ? .         4 
? phasing           ? ? ? ? ? ? ? ? ? ? ? Arcimboldo  ? ? ? .         5 
# 
_cell.angle_alpha                  90.000 
_cell.angle_alpha_esd              ? 
_cell.angle_beta                   104.280 
_cell.angle_beta_esd               ? 
_cell.angle_gamma                  90.000 
_cell.angle_gamma_esd              ? 
_cell.entry_id                     6WCU 
_cell.details                      ? 
_cell.formula_units_Z              ? 
_cell.length_a                     22.593 
_cell.length_a_esd                 ? 
_cell.length_b                     26.114 
_cell.length_b_esd                 ? 
_cell.length_c                     45.468 
_cell.length_c_esd                 ? 
_cell.volume                       ? 
_cell.volume_esd                   ? 
_cell.Z_PDB                        4 
_cell.reciprocal_angle_alpha       ? 
_cell.reciprocal_angle_beta        ? 
_cell.reciprocal_angle_gamma       ? 
_cell.reciprocal_angle_alpha_esd   ? 
_cell.reciprocal_angle_beta_esd    ? 
_cell.reciprocal_angle_gamma_esd   ? 
_cell.reciprocal_length_a          ? 
_cell.reciprocal_length_b          ? 
_cell.reciprocal_length_c          ? 
_cell.reciprocal_length_a_esd      ? 
_cell.reciprocal_length_b_esd      ? 
_cell.reciprocal_length_c_esd      ? 
_cell.pdbx_unique_axis             ? 
# 
_symmetry.entry_id                         6WCU 
_symmetry.cell_setting                     ? 
_symmetry.Int_Tables_number                4 
_symmetry.space_group_name_Hall            ? 
_symmetry.space_group_name_H-M             'P 1 21 1' 
_symmetry.pdbx_full_space_group_name_H-M   ? 
# 
_exptl.absorpt_coefficient_mu     ? 
_exptl.absorpt_correction_T_max   ? 
_exptl.absorpt_correction_T_min   ? 
_exptl.absorpt_correction_type    ? 
_exptl.absorpt_process_details    ? 
_exptl.entry_id                   6WCU 
_exptl.crystals_number            1 
_exptl.details                    ? 
_exptl.method                     'X-RAY DIFFRACTION' 
_exptl.method_details             ? 
# 
_exptl_crystal.colour                      ? 
_exptl_crystal.density_diffrn              ? 
_exptl_crystal.density_Matthews            1.67 
_exptl_crystal.density_method              ? 
_exptl_crystal.density_percent_sol         26.41 
_exptl_crystal.description                 ? 
_exptl_crystal.F_000                       ? 
_exptl_crystal.id                          1 
_exptl_crystal.preparation                 ? 
_exptl_crystal.size_max                    ? 
_exptl_crystal.size_mid                    ? 
_exptl_crystal.size_min                    ? 
_exptl_crystal.size_rad                    ? 
_exptl_crystal.colour_lustre               ? 
_exptl_crystal.colour_modifier             ? 
_exptl_crystal.colour_primary              ? 
_exptl_crystal.density_meas                ? 
_exptl_crystal.density_meas_esd            ? 
_exptl_crystal.density_meas_gt             ? 
_exptl_crystal.density_meas_lt             ? 
_exptl_crystal.density_meas_temp           ? 
_exptl_crystal.density_meas_temp_esd       ? 
_exptl_crystal.density_meas_temp_gt        ? 
_exptl_crystal.density_meas_temp_lt        ? 
_exptl_crystal.pdbx_crystal_image_url      ? 
_exptl_crystal.pdbx_crystal_image_format   ? 
_exptl_crystal.pdbx_mosaicity              ? 
_exptl_crystal.pdbx_mosaicity_esd          ? 
# 
_exptl_crystal_grow.apparatus       ? 
_exptl_crystal_grow.atmosphere      ? 
_exptl_crystal_grow.crystal_id      1 
_exptl_crystal_grow.details         ? 
_exptl_crystal_grow.method          'VAPOR DIFFUSION, HANGING DROP' 
_exptl_crystal_grow.method_ref      ? 
_exptl_crystal_grow.pH              ? 
_exptl_crystal_grow.pressure        ? 
_exptl_crystal_grow.pressure_esd    ? 
_exptl_crystal_grow.seeding         ? 
_exptl_crystal_grow.seeding_ref     ? 
_exptl_crystal_grow.temp            291 
_exptl_crystal_grow.temp_details    ? 
_exptl_crystal_grow.temp_esd        ? 
_exptl_crystal_grow.time            ? 
_exptl_crystal_grow.pdbx_details    '0.1 M citric acid pH 5.0, 1.6 M ammonium sulfate' 
_exptl_crystal_grow.pdbx_pH_range   ? 
# 
_diffrn.ambient_environment              ? 
_diffrn.ambient_temp                     100 
_diffrn.ambient_temp_details             ? 
_diffrn.ambient_temp_esd                 ? 
_diffrn.crystal_id                       1 
_diffrn.crystal_support                  ? 
_diffrn.crystal_treatment                ? 
_diffrn.details                          ? 
_diffrn.id                               1 
_diffrn.ambient_pressure                 ? 
_diffrn.ambient_pressure_esd             ? 
_diffrn.ambient_pressure_gt              ? 
_diffrn.ambient_pressure_lt              ? 
_diffrn.ambient_temp_gt                  ? 
_diffrn.ambient_temp_lt                  ? 
_diffrn.pdbx_serial_crystal_experiment   N 
# 
_diffrn_detector.details                      ? 
_diffrn_detector.detector                     CCD 
_diffrn_detector.diffrn_id                    1 
_diffrn_detector.type                         'ADSC QUANTUM 315r' 
_diffrn_detector.area_resol_mean              ? 
_diffrn_detector.dtime                        ? 
_diffrn_detector.pdbx_frames_total            ? 
_diffrn_detector.pdbx_collection_time_total   ? 
_diffrn_detector.pdbx_collection_date         2011-09-26 
_diffrn_detector.pdbx_frequency               ? 
# 
_diffrn_radiation.collimation                      ? 
_diffrn_radiation.diffrn_id                        1 
_diffrn_radiation.filter_edge                      ? 
_diffrn_radiation.inhomogeneity                    ? 
_diffrn_radiation.monochromator                    ? 
_diffrn_radiation.polarisn_norm                    ? 
_diffrn_radiation.polarisn_ratio                   ? 
_diffrn_radiation.probe                            ? 
_diffrn_radiation.type                             ? 
_diffrn_radiation.xray_symbol                      ? 
_diffrn_radiation.wavelength_id                    1 
_diffrn_radiation.pdbx_monochromatic_or_laue_m_l   M 
_diffrn_radiation.pdbx_wavelength_list             ? 
_diffrn_radiation.pdbx_wavelength                  ? 
_diffrn_radiation.pdbx_diffrn_protocol             'SINGLE WAVELENGTH' 
_diffrn_radiation.pdbx_analyzer                    ? 
_diffrn_radiation.pdbx_scattering_type             x-ray 
# 
_diffrn_radiation_wavelength.id           1 
_diffrn_radiation_wavelength.wavelength   0.9795 
_diffrn_radiation_wavelength.wt           1.0 
# 
_diffrn_source.current                     ? 
_diffrn_source.details                     ? 
_diffrn_source.diffrn_id                   1 
_diffrn_source.power                       ? 
_diffrn_source.size                        ? 
_diffrn_source.source                      SYNCHROTRON 
_diffrn_source.target                      ? 
_diffrn_source.type                        'DIAMOND BEAMLINE I04' 
_diffrn_source.voltage                     ? 
_diffrn_source.take-off_angle              ? 
_diffrn_source.pdbx_wavelength_list        0.9795 
_diffrn_source.pdbx_wavelength             ? 
_diffrn_source.pdbx_synchrotron_beamline   I04 
_diffrn_source.pdbx_synchrotron_site       Diamond 
# 
_reflns.B_iso_Wilson_estimate            ? 
_reflns.entry_id                         6WCU 
_reflns.data_reduction_details           ? 
_reflns.data_reduction_method            ? 
_reflns.d_resolution_high                1.800 
_reflns.d_resolution_low                 26.110 
_reflns.details                          ? 
_reflns.limit_h_max                      ? 
_reflns.limit_h_min                      ? 
_reflns.limit_k_max                      ? 
_reflns.limit_k_min                      ? 
_reflns.limit_l_max                      ? 
_reflns.limit_l_min                      ? 
_reflns.number_all                       ? 
_reflns.number_obs                       4769 
_reflns.observed_criterion               ? 
_reflns.observed_criterion_F_max         ? 
_reflns.observed_criterion_F_min         ? 
_reflns.observed_criterion_I_max         ? 
_reflns.observed_criterion_I_min         ? 
_reflns.observed_criterion_sigma_F       ? 
_reflns.observed_criterion_sigma_I       ? 
_reflns.percent_possible_obs             97.400 
_reflns.R_free_details                   ? 
_reflns.Rmerge_F_all                     ? 
_reflns.Rmerge_F_obs                     ? 
_reflns.Friedel_coverage                 ? 
_reflns.number_gt                        ? 
_reflns.threshold_expression             ? 
_reflns.pdbx_redundancy                  3.000 
_reflns.pdbx_Rmerge_I_obs                0.060 
_reflns.pdbx_Rmerge_I_all                ? 
_reflns.pdbx_Rsym_value                  ? 
_reflns.pdbx_netI_over_av_sigmaI         ? 
_reflns.pdbx_netI_over_sigmaI            11.300 
_reflns.pdbx_res_netI_over_av_sigmaI_2   ? 
_reflns.pdbx_res_netI_over_sigmaI_2      ? 
_reflns.pdbx_chi_squared                 ? 
_reflns.pdbx_scaling_rejects             ? 
_reflns.pdbx_d_res_high_opt              ? 
_reflns.pdbx_d_res_low_opt               ? 
_reflns.pdbx_d_res_opt_method            ? 
_reflns.phase_calculation_details        ? 
_reflns.pdbx_Rrim_I_all                  0.073 
_reflns.pdbx_Rpim_I_all                  0.040 
_reflns.pdbx_d_opt                       ? 
_reflns.pdbx_number_measured_all         14437 
_reflns.pdbx_diffrn_id                   1 
_reflns.pdbx_ordinal                     1 
_reflns.pdbx_CC_half                     0.995 
_reflns.pdbx_CC_star                     ? 
_reflns.pdbx_R_split                     ? 
# 
loop_
_reflns_shell.d_res_high 
_reflns_shell.d_res_low 
_reflns_shell.meanI_over_sigI_all 
_reflns_shell.meanI_over_sigI_obs 
_reflns_shell.number_measured_all 
_reflns_shell.number_measured_obs 
_reflns_shell.number_possible 
_reflns_shell.number_unique_all 
_reflns_shell.number_unique_obs 
_reflns_shell.percent_possible_all 
_reflns_shell.percent_possible_obs 
_reflns_shell.Rmerge_F_all 
_reflns_shell.Rmerge_F_obs 
_reflns_shell.Rmerge_I_all 
_reflns_shell.Rmerge_I_obs 
_reflns_shell.meanI_over_sigI_gt 
_reflns_shell.meanI_over_uI_all 
_reflns_shell.meanI_over_uI_gt 
_reflns_shell.number_measured_gt 
_reflns_shell.number_unique_gt 
_reflns_shell.percent_possible_gt 
_reflns_shell.Rmerge_F_gt 
_reflns_shell.Rmerge_I_gt 
_reflns_shell.pdbx_redundancy 
_reflns_shell.pdbx_Rsym_value 
_reflns_shell.pdbx_chi_squared 
_reflns_shell.pdbx_netI_over_sigmaI_all 
_reflns_shell.pdbx_netI_over_sigmaI_obs 
_reflns_shell.pdbx_Rrim_I_all 
_reflns_shell.pdbx_Rpim_I_all 
_reflns_shell.pdbx_rejects 
_reflns_shell.pdbx_ordinal 
_reflns_shell.pdbx_diffrn_id 
_reflns_shell.pdbx_CC_half 
_reflns_shell.pdbx_CC_star 
_reflns_shell.pdbx_R_split 
1.800 1.840  ? ? 950 ? ? ? 306 97.100 ? ? ? ? 0.213 ? ? ? ? ? ? ? ? 3.100 ? ? ? 4.500  0.259 0.145 ? 1 1 0.977 ? ? 
8.630 26.110 ? ? 105 ? ? ? 40  82.900 ? ? ? ? 0.050 ? ? ? ? ? ? ? ? 2.600 ? ? ? 16.700 0.062 0.035 ? 2 1 0.997 ? ? 
# 
_refine.aniso_B[1][1]                            ? 
_refine.aniso_B[1][2]                            ? 
_refine.aniso_B[1][3]                            ? 
_refine.aniso_B[2][2]                            ? 
_refine.aniso_B[2][3]                            ? 
_refine.aniso_B[3][3]                            ? 
_refine.B_iso_max                                67.720 
_refine.B_iso_mean                               21.5542 
_refine.B_iso_min                                10.350 
_refine.correlation_coeff_Fo_to_Fc               ? 
_refine.correlation_coeff_Fo_to_Fc_free          ? 
_refine.details                                  ? 
_refine.diff_density_max                         ? 
_refine.diff_density_max_esd                     ? 
_refine.diff_density_min                         ? 
_refine.diff_density_min_esd                     ? 
_refine.diff_density_rms                         ? 
_refine.diff_density_rms_esd                     ? 
_refine.entry_id                                 6WCU 
_refine.pdbx_refine_id                           'X-RAY DIFFRACTION' 
_refine.ls_abs_structure_details                 ? 
_refine.ls_abs_structure_Flack                   ? 
_refine.ls_abs_structure_Flack_esd               ? 
_refine.ls_abs_structure_Rogers                  ? 
_refine.ls_abs_structure_Rogers_esd              ? 
_refine.ls_d_res_high                            1.8000 
_refine.ls_d_res_low                             22.4650 
_refine.ls_extinction_coef                       ? 
_refine.ls_extinction_coef_esd                   ? 
_refine.ls_extinction_expression                 ? 
_refine.ls_extinction_method                     ? 
_refine.ls_goodness_of_fit_all                   ? 
_refine.ls_goodness_of_fit_all_esd               ? 
_refine.ls_goodness_of_fit_obs                   ? 
_refine.ls_goodness_of_fit_obs_esd               ? 
_refine.ls_hydrogen_treatment                    ? 
_refine.ls_matrix_type                           ? 
_refine.ls_number_constraints                    ? 
_refine.ls_number_parameters                     ? 
_refine.ls_number_reflns_all                     ? 
_refine.ls_number_reflns_obs                     4768 
_refine.ls_number_reflns_R_free                  252 
_refine.ls_number_reflns_R_work                  ? 
_refine.ls_number_restraints                     ? 
_refine.ls_percent_reflns_obs                    97.0500 
_refine.ls_percent_reflns_R_free                 5.2900 
_refine.ls_R_factor_all                          ? 
_refine.ls_R_factor_obs                          0.2267 
_refine.ls_R_factor_R_free                       0.2432 
_refine.ls_R_factor_R_free_error                 ? 
_refine.ls_R_factor_R_free_error_details         ? 
_refine.ls_R_factor_R_work                       0.2186 
_refine.ls_R_Fsqd_factor_obs                     ? 
_refine.ls_R_I_factor_obs                        ? 
_refine.ls_redundancy_reflns_all                 ? 
_refine.ls_redundancy_reflns_obs                 ? 
_refine.ls_restrained_S_all                      ? 
_refine.ls_restrained_S_obs                      ? 
_refine.ls_shift_over_esd_max                    ? 
_refine.ls_shift_over_esd_mean                   ? 
_refine.ls_structure_factor_coef                 ? 
_refine.ls_weighting_details                     ? 
_refine.ls_weighting_scheme                      ? 
_refine.ls_wR_factor_all                         ? 
_refine.ls_wR_factor_obs                         ? 
_refine.ls_wR_factor_R_free                      ? 
_refine.ls_wR_factor_R_work                      ? 
_refine.occupancy_max                            ? 
_refine.occupancy_min                            ? 
_refine.solvent_model_details                    ? 
_refine.solvent_model_param_bsol                 ? 
_refine.solvent_model_param_ksol                 ? 
_refine.pdbx_R_complete                          ? 
_refine.ls_R_factor_gt                           ? 
_refine.ls_goodness_of_fit_gt                    ? 
_refine.ls_goodness_of_fit_ref                   ? 
_refine.ls_shift_over_su_max                     ? 
_refine.ls_shift_over_su_max_lt                  ? 
_refine.ls_shift_over_su_mean                    ? 
_refine.ls_shift_over_su_mean_lt                 ? 
_refine.pdbx_ls_sigma_I                          ? 
_refine.pdbx_ls_sigma_F                          1.350 
_refine.pdbx_ls_sigma_Fsqd                       ? 
_refine.pdbx_data_cutoff_high_absF               ? 
_refine.pdbx_data_cutoff_high_rms_absF           ? 
_refine.pdbx_data_cutoff_low_absF                ? 
_refine.pdbx_isotropic_thermal_model             ? 
_refine.pdbx_ls_cross_valid_method               THROUGHOUT 
_refine.pdbx_method_to_determine_struct          'AB INITIO PHASING' 
_refine.pdbx_starting_model                      ? 
_refine.pdbx_stereochemistry_target_values       ? 
_refine.pdbx_R_Free_selection_details            ? 
_refine.pdbx_stereochem_target_val_spec_case     ? 
_refine.pdbx_overall_ESU_R                       ? 
_refine.pdbx_overall_ESU_R_Free                  ? 
_refine.pdbx_solvent_vdw_probe_radii             1.1100 
_refine.pdbx_solvent_ion_probe_radii             ? 
_refine.pdbx_solvent_shrinkage_radii             0.9000 
_refine.pdbx_real_space_R                        ? 
_refine.pdbx_density_correlation                 ? 
_refine.pdbx_pd_number_of_powder_patterns        ? 
_refine.pdbx_pd_number_of_points                 ? 
_refine.pdbx_pd_meas_number_of_points            ? 
_refine.pdbx_pd_proc_ls_prof_R_factor            ? 
_refine.pdbx_pd_proc_ls_prof_wR_factor           ? 
_refine.pdbx_pd_Marquardt_correlation_coeff      ? 
_refine.pdbx_pd_Fsqrd_R_factor                   ? 
_refine.pdbx_pd_ls_matrix_band_width             ? 
_refine.pdbx_overall_phase_error                 29.0800 
_refine.pdbx_overall_SU_R_free_Cruickshank_DPI   ? 
_refine.pdbx_overall_SU_R_free_Blow_DPI          ? 
_refine.pdbx_overall_SU_R_Blow_DPI               ? 
_refine.pdbx_TLS_residual_ADP_flag               ? 
_refine.pdbx_diffrn_id                           1 
_refine.overall_SU_B                             ? 
_refine.overall_SU_ML                            ? 
_refine.overall_SU_R_Cruickshank_DPI             ? 
_refine.overall_SU_R_free                        ? 
_refine.overall_FOM_free_R_set                   ? 
_refine.overall_FOM_work_R_set                   ? 
_refine.pdbx_average_fsc_overall                 ? 
_refine.pdbx_average_fsc_work                    ? 
_refine.pdbx_average_fsc_free                    ? 
# 
_refine_hist.pdbx_refine_id                   'X-RAY DIFFRACTION' 
_refine_hist.cycle_id                         final 
_refine_hist.details                          ? 
_refine_hist.d_res_high                       1.8000 
_refine_hist.d_res_low                        22.4650 
_refine_hist.number_atoms_solvent             42 
_refine_hist.number_atoms_total               572 
_refine_hist.number_reflns_all                ? 
_refine_hist.number_reflns_obs                ? 
_refine_hist.number_reflns_R_free             ? 
_refine_hist.number_reflns_R_work             ? 
_refine_hist.R_factor_all                     ? 
_refine_hist.R_factor_obs                     ? 
_refine_hist.R_factor_R_free                  ? 
_refine_hist.R_factor_R_work                  ? 
_refine_hist.pdbx_number_residues_total       60 
_refine_hist.pdbx_B_iso_mean_ligand           ? 
_refine_hist.pdbx_B_iso_mean_solvent          27.50 
_refine_hist.pdbx_number_atoms_protein        530 
_refine_hist.pdbx_number_atoms_nucleic_acid   0 
_refine_hist.pdbx_number_atoms_ligand         0 
_refine_hist.pdbx_number_atoms_lipid          ? 
_refine_hist.pdbx_number_atoms_carb           ? 
_refine_hist.pdbx_pseudo_atom_details         ? 
# 
loop_
_refine_ls_shell.pdbx_refine_id 
_refine_ls_shell.d_res_high 
_refine_ls_shell.d_res_low 
_refine_ls_shell.number_reflns_all 
_refine_ls_shell.number_reflns_obs 
_refine_ls_shell.number_reflns_R_free 
_refine_ls_shell.number_reflns_R_work 
_refine_ls_shell.percent_reflns_obs 
_refine_ls_shell.percent_reflns_R_free 
_refine_ls_shell.R_factor_all 
_refine_ls_shell.R_factor_obs 
_refine_ls_shell.R_factor_R_free 
_refine_ls_shell.R_factor_R_free_error 
_refine_ls_shell.R_factor_R_work 
_refine_ls_shell.redundancy_reflns_all 
_refine_ls_shell.redundancy_reflns_obs 
_refine_ls_shell.wR_factor_all 
_refine_ls_shell.wR_factor_obs 
_refine_ls_shell.wR_factor_R_free 
_refine_ls_shell.wR_factor_R_work 
_refine_ls_shell.pdbx_R_complete 
_refine_ls_shell.pdbx_total_number_of_bins_used 
_refine_ls_shell.pdbx_phase_error 
_refine_ls_shell.pdbx_fsc_work 
_refine_ls_shell.pdbx_fsc_free 
'X-RAY DIFFRACTION' 1.8029 2.2705  2383 . 116 2267 93.0000 . . . 0.2883 0.0000 0.2568 . . . . . . . 2 . . . 
'X-RAY DIFFRACTION' 2.2705 16.7787 2357 . 131 2226 91.0000 . . . 0.2572 0.0000 0.2098 . . . . . . . 2 . . . 
# 
_struct.entry_id                     6WCU 
_struct.title                        'Crystal structure of coiled coil region of human septin 5' 
_struct.pdbx_model_details           ? 
_struct.pdbx_formula_weight          ? 
_struct.pdbx_formula_weight_method   ? 
_struct.pdbx_model_type_details      ? 
_struct.pdbx_CASP_flag               N 
# 
_struct_keywords.entry_id        6WCU 
_struct_keywords.text            'Coiled coil, Septin, STRUCTURAL PROTEIN' 
_struct_keywords.pdbx_keywords   'STRUCTURAL PROTEIN' 
# 
loop_
_struct_asym.id 
_struct_asym.pdbx_blank_PDB_chainid_flag 
_struct_asym.pdbx_modified 
_struct_asym.entity_id 
_struct_asym.details 
A N N 1 ? 
B N N 1 ? 
C N N 2 ? 
D N N 2 ? 
# 
_struct_ref.id                         1 
_struct_ref.db_name                    UNP 
_struct_ref.db_code                    SEPT5_HUMAN 
_struct_ref.pdbx_db_accession          Q99719 
_struct_ref.pdbx_db_isoform            ? 
_struct_ref.entity_id                  1 
_struct_ref.pdbx_seq_one_letter_code   ETEKLIRMKDEELRRMQEMLQRMKQQMQDQ 
_struct_ref.pdbx_align_begin           340 
# 
loop_
_struct_ref_seq.align_id 
_struct_ref_seq.ref_id 
_struct_ref_seq.pdbx_PDB_id_code 
_struct_ref_seq.pdbx_strand_id 
_struct_ref_seq.seq_align_beg 
_struct_ref_seq.pdbx_seq_align_beg_ins_code 
_struct_ref_seq.seq_align_end 
_struct_ref_seq.pdbx_seq_align_end_ins_code 
_struct_ref_seq.pdbx_db_accession 
_struct_ref_seq.db_align_beg 
_struct_ref_seq.pdbx_db_align_beg_ins_code 
_struct_ref_seq.db_align_end 
_struct_ref_seq.pdbx_db_align_end_ins_code 
_struct_ref_seq.pdbx_auth_seq_align_beg 
_struct_ref_seq.pdbx_auth_seq_align_end 
1 1 6WCU A 1 ? 30 ? Q99719 340 ? 369 ? 340 369 
2 1 6WCU B 1 ? 30 ? Q99719 340 ? 369 ? 340 369 
# 
_pdbx_struct_assembly.id                   1 
_pdbx_struct_assembly.details              author_and_software_defined_assembly 
_pdbx_struct_assembly.method_details       PISA 
_pdbx_struct_assembly.oligomeric_details   dimeric 
_pdbx_struct_assembly.oligomeric_count     2 
# 
loop_
_pdbx_struct_assembly_prop.biol_id 
_pdbx_struct_assembly_prop.type 
_pdbx_struct_assembly_prop.value 
_pdbx_struct_assembly_prop.details 
1 'ABSA (A^2)' 1570 ? 
1 MORE         -21  ? 
1 'SSA (A^2)'  5190 ? 
# 
_pdbx_struct_assembly_gen.assembly_id       1 
_pdbx_struct_assembly_gen.oper_expression   1 
_pdbx_struct_assembly_gen.asym_id_list      A,B,C,D 
# 
_pdbx_struct_assembly_auth_evidence.id                     1 
_pdbx_struct_assembly_auth_evidence.assembly_id            1 
_pdbx_struct_assembly_auth_evidence.experimental_support   'light scattering' 
_pdbx_struct_assembly_auth_evidence.details                SEC-MALS 
# 
_pdbx_struct_oper_list.id                   1 
_pdbx_struct_oper_list.type                 'identity operation' 
_pdbx_struct_oper_list.name                 1_555 
_pdbx_struct_oper_list.symmetry_operation   x,y,z 
_pdbx_struct_oper_list.matrix[1][1]         1.0000000000 
_pdbx_struct_oper_list.matrix[1][2]         0.0000000000 
_pdbx_struct_oper_list.matrix[1][3]         0.0000000000 
_pdbx_struct_oper_list.vector[1]            0.0000000000 
_pdbx_struct_oper_list.matrix[2][1]         0.0000000000 
_pdbx_struct_oper_list.matrix[2][2]         1.0000000000 
_pdbx_struct_oper_list.matrix[2][3]         0.0000000000 
_pdbx_struct_oper_list.vector[2]            0.0000000000 
_pdbx_struct_oper_list.matrix[3][1]         0.0000000000 
_pdbx_struct_oper_list.matrix[3][2]         0.0000000000 
_pdbx_struct_oper_list.matrix[3][3]         1.0000000000 
_pdbx_struct_oper_list.vector[3]            0.0000000000 
# 
loop_
_struct_conf.conf_type_id 
_struct_conf.id 
_struct_conf.pdbx_PDB_helix_id 
_struct_conf.beg_label_comp_id 
_struct_conf.beg_label_asym_id 
_struct_conf.beg_label_seq_id 
_struct_conf.pdbx_beg_PDB_ins_code 
_struct_conf.end_label_comp_id 
_struct_conf.end_label_asym_id 
_struct_conf.end_label_seq_id 
_struct_conf.pdbx_end_PDB_ins_code 
_struct_conf.beg_auth_comp_id 
_struct_conf.beg_auth_asym_id 
_struct_conf.beg_auth_seq_id 
_struct_conf.end_auth_comp_id 
_struct_conf.end_auth_asym_id 
_struct_conf.end_auth_seq_id 
_struct_conf.pdbx_PDB_helix_class 
_struct_conf.details 
_struct_conf.pdbx_PDB_helix_length 
HELX_P HELX_P1 AA1 GLU A 1 ? ASP A 29 ? GLU A 340 ASP A 368 1 ? 29 
HELX_P HELX_P2 AA2 THR B 2 ? ASP B 29 ? THR B 341 ASP B 368 1 ? 28 
# 
_struct_conf_type.id          HELX_P 
_struct_conf_type.criteria    ? 
_struct_conf_type.reference   ? 
# 
_pdbx_validate_close_contact.id               1 
_pdbx_validate_close_contact.PDB_model_num    1 
_pdbx_validate_close_contact.auth_atom_id_1   OE1 
_pdbx_validate_close_contact.auth_asym_id_1   A 
_pdbx_validate_close_contact.auth_comp_id_1   GLN 
_pdbx_validate_close_contact.auth_seq_id_1    365 
_pdbx_validate_close_contact.PDB_ins_code_1   ? 
_pdbx_validate_close_contact.label_alt_id_1   ? 
_pdbx_validate_close_contact.auth_atom_id_2   O 
_pdbx_validate_close_contact.auth_asym_id_2   A 
_pdbx_validate_close_contact.auth_comp_id_2   HOH 
_pdbx_validate_close_contact.auth_seq_id_2    401 
_pdbx_validate_close_contact.PDB_ins_code_2   ? 
_pdbx_validate_close_contact.label_alt_id_2   ? 
_pdbx_validate_close_contact.dist             2.16 
# 
_pdbx_validate_symm_contact.id                1 
_pdbx_validate_symm_contact.PDB_model_num     1 
_pdbx_validate_symm_contact.auth_atom_id_1    NH2 
_pdbx_validate_symm_contact.auth_asym_id_1    A 
_pdbx_validate_symm_contact.auth_comp_id_1    ARG 
_pdbx_validate_symm_contact.auth_seq_id_1     353 
_pdbx_validate_symm_contact.PDB_ins_code_1    ? 
_pdbx_validate_symm_contact.label_alt_id_1    B 
_pdbx_validate_symm_contact.site_symmetry_1   1_555 
_pdbx_validate_symm_contact.auth_atom_id_2    CG 
_pdbx_validate_symm_contact.auth_asym_id_2    B 
_pdbx_validate_symm_contact.auth_comp_id_2    GLU 
_pdbx_validate_symm_contact.auth_seq_id_2     350 
_pdbx_validate_symm_contact.PDB_ins_code_2    ? 
_pdbx_validate_symm_contact.label_alt_id_2    ? 
_pdbx_validate_symm_contact.site_symmetry_2   1_655 
_pdbx_validate_symm_contact.dist              2.08 
# 
loop_
_pdbx_refine_tls.id 
_pdbx_refine_tls.pdbx_refine_id 
_pdbx_refine_tls.details 
_pdbx_refine_tls.method 
_pdbx_refine_tls.origin_x 
_pdbx_refine_tls.origin_y 
_pdbx_refine_tls.origin_z 
_pdbx_refine_tls.T[1][1] 
_pdbx_refine_tls.T[1][1]_esd 
_pdbx_refine_tls.T[1][2] 
_pdbx_refine_tls.T[1][2]_esd 
_pdbx_refine_tls.T[1][3] 
_pdbx_refine_tls.T[1][3]_esd 
_pdbx_refine_tls.T[2][2] 
_pdbx_refine_tls.T[2][2]_esd 
_pdbx_refine_tls.T[2][3] 
_pdbx_refine_tls.T[2][3]_esd 
_pdbx_refine_tls.T[3][3] 
_pdbx_refine_tls.T[3][3]_esd 
_pdbx_refine_tls.L[1][1] 
_pdbx_refine_tls.L[1][1]_esd 
_pdbx_refine_tls.L[1][2] 
_pdbx_refine_tls.L[1][2]_esd 
_pdbx_refine_tls.L[1][3] 
_pdbx_refine_tls.L[1][3]_esd 
_pdbx_refine_tls.L[2][2] 
_pdbx_refine_tls.L[2][2]_esd 
_pdbx_refine_tls.L[2][3] 
_pdbx_refine_tls.L[2][3]_esd 
_pdbx_refine_tls.L[3][3] 
_pdbx_refine_tls.L[3][3]_esd 
_pdbx_refine_tls.S[1][1] 
_pdbx_refine_tls.S[1][1]_esd 
_pdbx_refine_tls.S[1][2] 
_pdbx_refine_tls.S[1][2]_esd 
_pdbx_refine_tls.S[1][3] 
_pdbx_refine_tls.S[1][3]_esd 
_pdbx_refine_tls.S[2][1] 
_pdbx_refine_tls.S[2][1]_esd 
_pdbx_refine_tls.S[2][2] 
_pdbx_refine_tls.S[2][2]_esd 
_pdbx_refine_tls.S[2][3] 
_pdbx_refine_tls.S[2][3]_esd 
_pdbx_refine_tls.S[3][1] 
_pdbx_refine_tls.S[3][1]_esd 
_pdbx_refine_tls.S[3][2] 
_pdbx_refine_tls.S[3][2]_esd 
_pdbx_refine_tls.S[3][3] 
_pdbx_refine_tls.S[3][3]_esd 
1 'X-RAY DIFFRACTION' ? refined -3.3957 2.0756  -2.5515 0.1533 ? -0.0744 ? 0.0358 ? 0.0870 ? 0.0038  ? 0.1217 ? 1.8379 ? -0.4584 ? -1.6121 ? 0.8845 ? 0.6770 ? 2.8109 ? -0.0922 ? 0.1283  ? -0.0038 ? -0.1340 ? 0.0827 ? 0.0397  ? 0.0177  ? -0.0088 ? 0.0586  ? 
2 'X-RAY DIFFRACTION' ? refined 3.2679  -1.8575 3.1553  0.1377 ? -0.0500 ? 0.0413 ? 0.0637 ? -0.0246 ? 0.1949 ? 1.3625 ? -0.2128 ? -0.9074 ? 1.5587 ? 1.0489 ? 2.2339 ? 0.0639  ? -0.0280 ? -0.1178 ? -0.1684 ? 0.0393 ? -0.2054 ? -0.0088 ? 0.0821  ? -0.0071 ? 
# 
loop_
_pdbx_refine_tls_group.id 
_pdbx_refine_tls_group.pdbx_refine_id 
_pdbx_refine_tls_group.refine_tls_id 
_pdbx_refine_tls_group.beg_label_asym_id 
_pdbx_refine_tls_group.beg_label_seq_id 
_pdbx_refine_tls_group.beg_auth_asym_id 
_pdbx_refine_tls_group.beg_auth_seq_id 
_pdbx_refine_tls_group.end_label_asym_id 
_pdbx_refine_tls_group.end_label_seq_id 
_pdbx_refine_tls_group.end_auth_asym_id 
_pdbx_refine_tls_group.end_auth_seq_id 
_pdbx_refine_tls_group.selection 
_pdbx_refine_tls_group.selection_details 
1 'X-RAY DIFFRACTION' 1 ? ? A 101 ? ? A 130 ? 
;chain 'A' and (resid 340 through 369 )
;
2 'X-RAY DIFFRACTION' 2 ? ? B 201 ? ? B 230 ? 
;chain 'B' and (resid 340 through 369 )
;
# 
loop_
_chem_comp_atom.comp_id 
_chem_comp_atom.atom_id 
_chem_comp_atom.type_symbol 
_chem_comp_atom.pdbx_aromatic_flag 
_chem_comp_atom.pdbx_stereo_config 
_chem_comp_atom.pdbx_ordinal 
ARG N    N N N 1   
ARG CA   C N S 2   
ARG C    C N N 3   
ARG O    O N N 4   
ARG CB   C N N 5   
ARG CG   C N N 6   
ARG CD   C N N 7   
ARG NE   N N N 8   
ARG CZ   C N N 9   
ARG NH1  N N N 10  
ARG NH2  N N N 11  
ARG OXT  O N N 12  
ARG H    H N N 13  
ARG H2   H N N 14  
ARG HA   H N N 15  
ARG HB2  H N N 16  
ARG HB3  H N N 17  
ARG HG2  H N N 18  
ARG HG3  H N N 19  
ARG HD2  H N N 20  
ARG HD3  H N N 21  
ARG HE   H N N 22  
ARG HH11 H N N 23  
ARG HH12 H N N 24  
ARG HH21 H N N 25  
ARG HH22 H N N 26  
ARG HXT  H N N 27  
ASP N    N N N 28  
ASP CA   C N S 29  
ASP C    C N N 30  
ASP O    O N N 31  
ASP CB   C N N 32  
ASP CG   C N N 33  
ASP OD1  O N N 34  
ASP OD2  O N N 35  
ASP OXT  O N N 36  
ASP H    H N N 37  
ASP H2   H N N 38  
ASP HA   H N N 39  
ASP HB2  H N N 40  
ASP HB3  H N N 41  
ASP HD2  H N N 42  
ASP HXT  H N N 43  
GLN N    N N N 44  
GLN CA   C N S 45  
GLN C    C N N 46  
GLN O    O N N 47  
GLN CB   C N N 48  
GLN CG   C N N 49  
GLN CD   C N N 50  
GLN OE1  O N N 51  
GLN NE2  N N N 52  
GLN OXT  O N N 53  
GLN H    H N N 54  
GLN H2   H N N 55  
GLN HA   H N N 56  
GLN HB2  H N N 57  
GLN HB3  H N N 58  
GLN HG2  H N N 59  
GLN HG3  H N N 60  
GLN HE21 H N N 61  
GLN HE22 H N N 62  
GLN HXT  H N N 63  
GLU N    N N N 64  
GLU CA   C N S 65  
GLU C    C N N 66  
GLU O    O N N 67  
GLU CB   C N N 68  
GLU CG   C N N 69  
GLU CD   C N N 70  
GLU OE1  O N N 71  
GLU OE2  O N N 72  
GLU OXT  O N N 73  
GLU H    H N N 74  
GLU H2   H N N 75  
GLU HA   H N N 76  
GLU HB2  H N N 77  
GLU HB3  H N N 78  
GLU HG2  H N N 79  
GLU HG3  H N N 80  
GLU HE2  H N N 81  
GLU HXT  H N N 82  
HOH O    O N N 83  
HOH H1   H N N 84  
HOH H2   H N N 85  
ILE N    N N N 86  
ILE CA   C N S 87  
ILE C    C N N 88  
ILE O    O N N 89  
ILE CB   C N S 90  
ILE CG1  C N N 91  
ILE CG2  C N N 92  
ILE CD1  C N N 93  
ILE OXT  O N N 94  
ILE H    H N N 95  
ILE H2   H N N 96  
ILE HA   H N N 97  
ILE HB   H N N 98  
ILE HG12 H N N 99  
ILE HG13 H N N 100 
ILE HG21 H N N 101 
ILE HG22 H N N 102 
ILE HG23 H N N 103 
ILE HD11 H N N 104 
ILE HD12 H N N 105 
ILE HD13 H N N 106 
ILE HXT  H N N 107 
LEU N    N N N 108 
LEU CA   C N S 109 
LEU C    C N N 110 
LEU O    O N N 111 
LEU CB   C N N 112 
LEU CG   C N N 113 
LEU CD1  C N N 114 
LEU CD2  C N N 115 
LEU OXT  O N N 116 
LEU H    H N N 117 
LEU H2   H N N 118 
LEU HA   H N N 119 
LEU HB2  H N N 120 
LEU HB3  H N N 121 
LEU HG   H N N 122 
LEU HD11 H N N 123 
LEU HD12 H N N 124 
LEU HD13 H N N 125 
LEU HD21 H N N 126 
LEU HD22 H N N 127 
LEU HD23 H N N 128 
LEU HXT  H N N 129 
LYS N    N N N 130 
LYS CA   C N S 131 
LYS C    C N N 132 
LYS O    O N N 133 
LYS CB   C N N 134 
LYS CG   C N N 135 
LYS CD   C N N 136 
LYS CE   C N N 137 
LYS NZ   N N N 138 
LYS OXT  O N N 139 
LYS H    H N N 140 
LYS H2   H N N 141 
LYS HA   H N N 142 
LYS HB2  H N N 143 
LYS HB3  H N N 144 
LYS HG2  H N N 145 
LYS HG3  H N N 146 
LYS HD2  H N N 147 
LYS HD3  H N N 148 
LYS HE2  H N N 149 
LYS HE3  H N N 150 
LYS HZ1  H N N 151 
LYS HZ2  H N N 152 
LYS HZ3  H N N 153 
LYS HXT  H N N 154 
MET N    N N N 155 
MET CA   C N S 156 
MET C    C N N 157 
MET O    O N N 158 
MET CB   C N N 159 
MET CG   C N N 160 
MET SD   S N N 161 
MET CE   C N N 162 
MET OXT  O N N 163 
MET H    H N N 164 
MET H2   H N N 165 
MET HA   H N N 166 
MET HB2  H N N 167 
MET HB3  H N N 168 
MET HG2  H N N 169 
MET HG3  H N N 170 
MET HE1  H N N 171 
MET HE2  H N N 172 
MET HE3  H N N 173 
MET HXT  H N N 174 
THR N    N N N 175 
THR CA   C N S 176 
THR C    C N N 177 
THR O    O N N 178 
THR CB   C N R 179 
THR OG1  O N N 180 
THR CG2  C N N 181 
THR OXT  O N N 182 
THR H    H N N 183 
THR H2   H N N 184 
THR HA   H N N 185 
THR HB   H N N 186 
THR HG1  H N N 187 
THR HG21 H N N 188 
THR HG22 H N N 189 
THR HG23 H N N 190 
THR HXT  H N N 191 
# 
loop_
_chem_comp_bond.comp_id 
_chem_comp_bond.atom_id_1 
_chem_comp_bond.atom_id_2 
_chem_comp_bond.value_order 
_chem_comp_bond.pdbx_aromatic_flag 
_chem_comp_bond.pdbx_stereo_config 
_chem_comp_bond.pdbx_ordinal 
ARG N   CA   sing N N 1   
ARG N   H    sing N N 2   
ARG N   H2   sing N N 3   
ARG CA  C    sing N N 4   
ARG CA  CB   sing N N 5   
ARG CA  HA   sing N N 6   
ARG C   O    doub N N 7   
ARG C   OXT  sing N N 8   
ARG CB  CG   sing N N 9   
ARG CB  HB2  sing N N 10  
ARG CB  HB3  sing N N 11  
ARG CG  CD   sing N N 12  
ARG CG  HG2  sing N N 13  
ARG CG  HG3  sing N N 14  
ARG CD  NE   sing N N 15  
ARG CD  HD2  sing N N 16  
ARG CD  HD3  sing N N 17  
ARG NE  CZ   sing N N 18  
ARG NE  HE   sing N N 19  
ARG CZ  NH1  sing N N 20  
ARG CZ  NH2  doub N N 21  
ARG NH1 HH11 sing N N 22  
ARG NH1 HH12 sing N N 23  
ARG NH2 HH21 sing N N 24  
ARG NH2 HH22 sing N N 25  
ARG OXT HXT  sing N N 26  
ASP N   CA   sing N N 27  
ASP N   H    sing N N 28  
ASP N   H2   sing N N 29  
ASP CA  C    sing N N 30  
ASP CA  CB   sing N N 31  
ASP CA  HA   sing N N 32  
ASP C   O    doub N N 33  
ASP C   OXT  sing N N 34  
ASP CB  CG   sing N N 35  
ASP CB  HB2  sing N N 36  
ASP CB  HB3  sing N N 37  
ASP CG  OD1  doub N N 38  
ASP CG  OD2  sing N N 39  
ASP OD2 HD2  sing N N 40  
ASP OXT HXT  sing N N 41  
GLN N   CA   sing N N 42  
GLN N   H    sing N N 43  
GLN N   H2   sing N N 44  
GLN CA  C    sing N N 45  
GLN CA  CB   sing N N 46  
GLN CA  HA   sing N N 47  
GLN C   O    doub N N 48  
GLN C   OXT  sing N N 49  
GLN CB  CG   sing N N 50  
GLN CB  HB2  sing N N 51  
GLN CB  HB3  sing N N 52  
GLN CG  CD   sing N N 53  
GLN CG  HG2  sing N N 54  
GLN CG  HG3  sing N N 55  
GLN CD  OE1  doub N N 56  
GLN CD  NE2  sing N N 57  
GLN NE2 HE21 sing N N 58  
GLN NE2 HE22 sing N N 59  
GLN OXT HXT  sing N N 60  
GLU N   CA   sing N N 61  
GLU N   H    sing N N 62  
GLU N   H2   sing N N 63  
GLU CA  C    sing N N 64  
GLU CA  CB   sing N N 65  
GLU CA  HA   sing N N 66  
GLU C   O    doub N N 67  
GLU C   OXT  sing N N 68  
GLU CB  CG   sing N N 69  
GLU CB  HB2  sing N N 70  
GLU CB  HB3  sing N N 71  
GLU CG  CD   sing N N 72  
GLU CG  HG2  sing N N 73  
GLU CG  HG3  sing N N 74  
GLU CD  OE1  doub N N 75  
GLU CD  OE2  sing N N 76  
GLU OE2 HE2  sing N N 77  
GLU OXT HXT  sing N N 78  
HOH O   H1   sing N N 79  
HOH O   H2   sing N N 80  
ILE N   CA   sing N N 81  
ILE N   H    sing N N 82  
ILE N   H2   sing N N 83  
ILE CA  C    sing N N 84  
ILE CA  CB   sing N N 85  
ILE CA  HA   sing N N 86  
ILE C   O    doub N N 87  
ILE C   OXT  sing N N 88  
ILE CB  CG1  sing N N 89  
ILE CB  CG2  sing N N 90  
ILE CB  HB   sing N N 91  
ILE CG1 CD1  sing N N 92  
ILE CG1 HG12 sing N N 93  
ILE CG1 HG13 sing N N 94  
ILE CG2 HG21 sing N N 95  
ILE CG2 HG22 sing N N 96  
ILE CG2 HG23 sing N N 97  
ILE CD1 HD11 sing N N 98  
ILE CD1 HD12 sing N N 99  
ILE CD1 HD13 sing N N 100 
ILE OXT HXT  sing N N 101 
LEU N   CA   sing N N 102 
LEU N   H    sing N N 103 
LEU N   H2   sing N N 104 
LEU CA  C    sing N N 105 
LEU CA  CB   sing N N 106 
LEU CA  HA   sing N N 107 
LEU C   O    doub N N 108 
LEU C   OXT  sing N N 109 
LEU CB  CG   sing N N 110 
LEU CB  HB2  sing N N 111 
LEU CB  HB3  sing N N 112 
LEU CG  CD1  sing N N 113 
LEU CG  CD2  sing N N 114 
LEU CG  HG   sing N N 115 
LEU CD1 HD11 sing N N 116 
LEU CD1 HD12 sing N N 117 
LEU CD1 HD13 sing N N 118 
LEU CD2 HD21 sing N N 119 
LEU CD2 HD22 sing N N 120 
LEU CD2 HD23 sing N N 121 
LEU OXT HXT  sing N N 122 
LYS N   CA   sing N N 123 
LYS N   H    sing N N 124 
LYS N   H2   sing N N 125 
LYS CA  C    sing N N 126 
LYS CA  CB   sing N N 127 
LYS CA  HA   sing N N 128 
LYS C   O    doub N N 129 
LYS C   OXT  sing N N 130 
LYS CB  CG   sing N N 131 
LYS CB  HB2  sing N N 132 
LYS CB  HB3  sing N N 133 
LYS CG  CD   sing N N 134 
LYS CG  HG2  sing N N 135 
LYS CG  HG3  sing N N 136 
LYS CD  CE   sing N N 137 
LYS CD  HD2  sing N N 138 
LYS CD  HD3  sing N N 139 
LYS CE  NZ   sing N N 140 
LYS CE  HE2  sing N N 141 
LYS CE  HE3  sing N N 142 
LYS NZ  HZ1  sing N N 143 
LYS NZ  HZ2  sing N N 144 
LYS NZ  HZ3  sing N N 145 
LYS OXT HXT  sing N N 146 
MET N   CA   sing N N 147 
MET N   H    sing N N 148 
MET N   H2   sing N N 149 
MET CA  C    sing N N 150 
MET CA  CB   sing N N 151 
MET CA  HA   sing N N 152 
MET C   O    doub N N 153 
MET C   OXT  sing N N 154 
MET CB  CG   sing N N 155 
MET CB  HB2  sing N N 156 
MET CB  HB3  sing N N 157 
MET CG  SD   sing N N 158 
MET CG  HG2  sing N N 159 
MET CG  HG3  sing N N 160 
MET SD  CE   sing N N 161 
MET CE  HE1  sing N N 162 
MET CE  HE2  sing N N 163 
MET CE  HE3  sing N N 164 
MET OXT HXT  sing N N 165 
THR N   CA   sing N N 166 
THR N   H    sing N N 167 
THR N   H2   sing N N 168 
THR CA  C    sing N N 169 
THR CA  CB   sing N N 170 
THR CA  HA   sing N N 171 
THR C   O    doub N N 172 
THR C   OXT  sing N N 173 
THR CB  OG1  sing N N 174 
THR CB  CG2  sing N N 175 
THR CB  HB   sing N N 176 
THR OG1 HG1  sing N N 177 
THR CG2 HG21 sing N N 178 
THR CG2 HG22 sing N N 179 
THR CG2 HG23 sing N N 180 
THR OXT HXT  sing N N 181 
# 
loop_
_pdbx_audit_support.funding_organization 
_pdbx_audit_support.country 
_pdbx_audit_support.grant_number 
_pdbx_audit_support.ordinal 
'Sao Paulo Research Foundation (FAPESP)' Brazil 2016/04658-9 1 
'Sao Paulo Research Foundation (FAPESP)' Brazil 2018/19992-7 2 
'Sao Paulo Research Foundation (FAPESP)' Brazil 2015/00062-1 3 
'Sao Paulo Research Foundation (FAPESP)' Brazil 2014/15546-1 4 
# 
_pdbx_reflns_twin.domain_id                    1 
_pdbx_reflns_twin.crystal_id                   1 
_pdbx_reflns_twin.diffrn_id                    1 
_pdbx_reflns_twin.fraction                     0.490 
_pdbx_reflns_twin.operator                     h,-k,-h-l 
_pdbx_reflns_twin.type                         ? 
_pdbx_reflns_twin.mean_F_square_over_mean_F2   ? 
_pdbx_reflns_twin.mean_I2_over_mean_I_square   ? 
# 
_atom_sites.entry_id                    6WCU 
_atom_sites.Cartn_transf_matrix[1][1]   ? 
_atom_sites.Cartn_transf_matrix[1][2]   ? 
_atom_sites.Cartn_transf_matrix[1][3]   ? 
_atom_sites.Cartn_transf_matrix[2][1]   ? 
_atom_sites.Cartn_transf_matrix[2][2]   ? 
_atom_sites.Cartn_transf_matrix[2][3]   ? 
_atom_sites.Cartn_transf_matrix[3][1]   ? 
_atom_sites.Cartn_transf_matrix[3][2]   ? 
_atom_sites.Cartn_transf_matrix[3][3]   ? 
_atom_sites.Cartn_transf_vector[1]      ? 
_atom_sites.Cartn_transf_vector[2]      ? 
_atom_sites.Cartn_transf_vector[3]      ? 
_atom_sites.fract_transf_matrix[1][1]   -0.03479030 
_atom_sites.fract_transf_matrix[1][2]   0.02348492 
_atom_sites.fract_transf_matrix[1][3]   -0.01800083 
_atom_sites.fract_transf_matrix[2][1]   -0.02230172 
_atom_sites.fract_transf_matrix[2][2]   -0.03101810 
_atom_sites.fract_transf_matrix[2][3]   0.00263465 
_atom_sites.fract_transf_matrix[3][1]   -0.01050738 
_atom_sites.fract_transf_matrix[3][2]   0.00907941 
_atom_sites.fract_transf_matrix[3][3]   0.01795055 
_atom_sites.fract_transf_vector[1]      -0.067006 
_atom_sites.fract_transf_vector[2]      0.208573 
_atom_sites.fract_transf_vector[3]      0.355776 
_atom_sites.solution_primary            ? 
_atom_sites.solution_secondary          ? 
_atom_sites.solution_hydrogens          ? 
_atom_sites.special_details             ? 
# 
loop_
_atom_type.symbol 
C 
N 
O 
S 
# 
loop_
_atom_site.group_PDB 
_atom_site.id 
_atom_site.type_symbol 
_atom_site.label_atom_id 
_atom_site.label_alt_id 
_atom_site.label_comp_id 
_atom_site.label_asym_id 
_atom_site.label_entity_id 
_atom_site.label_seq_id 
_atom_site.pdbx_PDB_ins_code 
_atom_site.Cartn_x 
_atom_site.Cartn_y 
_atom_site.Cartn_z 
_atom_site.occupancy 
_atom_site.B_iso_or_equiv 
_atom_site.pdbx_formal_charge 
_atom_site.auth_seq_id 
_atom_site.auth_comp_id 
_atom_site.auth_asym_id 
_atom_site.auth_atom_id 
_atom_site.pdbx_PDB_model_num 
ATOM   1   N N   . GLU A 1 1  ? -10.004 15.476  13.322  1.00 18.18 ? 340 GLU A N   1 
ATOM   2   C CA  . GLU A 1 1  ? -8.675  14.930  13.318  1.00 18.12 ? 340 GLU A CA  1 
ATOM   3   C C   . GLU A 1 1  ? -8.610  13.411  13.250  1.00 17.36 ? 340 GLU A C   1 
ATOM   4   O O   . GLU A 1 1  ? -8.400  12.874  12.212  1.00 16.11 ? 340 GLU A O   1 
ATOM   5   C CB  . GLU A 1 1  ? -7.875  15.378  14.511  1.00 18.55 ? 340 GLU A CB  1 
ATOM   6   C CG  . GLU A 1 1  ? -6.438  14.953  14.430  1.00 16.73 ? 340 GLU A CG  1 
ATOM   7   C CD  . GLU A 1 1  ? -5.856  14.656  15.760  1.00 20.89 ? 340 GLU A CD  1 
ATOM   8   O OE1 . GLU A 1 1  ? -4.655  14.883  15.899  1.00 24.40 ? 340 GLU A OE1 1 
ATOM   9   O OE2 . GLU A 1 1  ? -6.587  14.246  16.673  1.00 23.22 ? 340 GLU A OE2 1 
ATOM   10  N N   . THR A 1 2  ? -8.805  12.747  14.376  1.00 19.80 ? 341 THR A N   1 
ATOM   11  C CA  . THR A 1 2  ? -8.685  11.301  14.401  1.00 20.24 ? 341 THR A CA  1 
ATOM   12  C C   . THR A 1 2  ? -9.576  10.563  13.372  1.00 20.96 ? 341 THR A C   1 
ATOM   13  O O   . THR A 1 2  ? -9.135  9.616   12.769  1.00 20.12 ? 341 THR A O   1 
ATOM   14  C CB  . THR A 1 2  ? -8.660  10.742  15.841  1.00 20.07 ? 341 THR A CB  1 
ATOM   15  O OG1 . THR A 1 2  ? -8.116  9.423   15.832  1.00 21.20 ? 341 THR A OG1 1 
ATOM   16  C CG2 . THR A 1 2  ? -10.023 10.750  16.429  1.00 23.95 ? 341 THR A CG2 1 
ATOM   17  N N   . GLU A 1 3  ? -10.803 11.021  13.142  1.00 21.28 ? 342 GLU A N   1 
ATOM   18  C CA  . GLU A 1 3  ? -11.626 10.405  12.112  1.00 19.68 ? 342 GLU A CA  1 
ATOM   19  C C   . GLU A 1 3  ? -11.056 10.774  10.757  1.00 18.94 ? 342 GLU A C   1 
ATOM   20  O O   . GLU A 1 3  ? -11.052 9.945   9.843   1.00 18.17 ? 342 GLU A O   1 
ATOM   21  C CB  . GLU A 1 3  ? -13.076 10.856  12.160  1.00 21.66 ? 342 GLU A CB  1 
ATOM   22  C CG  . GLU A 1 3  ? -13.895 10.044  13.121  1.00 24.94 ? 342 GLU A CG  1 
ATOM   23  C CD  . GLU A 1 3  ? -13.126 9.802   14.376  1.00 35.95 ? 342 GLU A CD  1 
ATOM   24  O OE1 . GLU A 1 3  ? -12.979 10.741  15.161  1.00 41.75 ? 342 GLU A OE1 1 
ATOM   25  O OE2 . GLU A 1 3  ? -12.634 8.699   14.568  1.00 42.29 ? 342 GLU A OE2 1 
ATOM   26  N N   . LYS A 1 4  ? -10.621 12.029  10.612  1.00 17.72 ? 343 LYS A N   1 
ATOM   27  C CA  . LYS A 1 4  ? -10.068 12.381  9.312   1.00 15.43 ? 343 LYS A CA  1 
ATOM   28  C C   . LYS A 1 4  ? -8.802  11.587  9.037   1.00 15.38 ? 343 LYS A C   1 
ATOM   29  O O   . LYS A 1 4  ? -8.559  11.168  7.903   1.00 16.71 ? 343 LYS A O   1 
ATOM   30  C CB  . LYS A 1 4  ? -9.754  13.871  9.236   1.00 17.48 ? 343 LYS A CB  1 
ATOM   31  C CG  . LYS A 1 4  ? -9.744  14.403  7.821   1.00 22.00 ? 343 LYS A CG  1 
ATOM   32  C CD  . LYS A 1 4  ? -9.155  15.797  7.659   1.00 23.94 ? 343 LYS A CD  1 
ATOM   33  C CE  . LYS A 1 4  ? -9.302  16.690  8.868   1.00 26.68 ? 343 LYS A CE  1 
ATOM   34  N NZ  . LYS A 1 4  ? -10.656 16.717  9.476   1.00 34.25 ? 343 LYS A NZ  1 
ATOM   35  N N   . LEU A 1 5  ? -8.011  11.323  10.075  1.00 12.30 ? 344 LEU A N   1 
ATOM   36  C CA  . LEU A 1 5  ? -6.794  10.543  9.906   1.00 14.34 ? 344 LEU A CA  1 
ATOM   37  C C   . LEU A 1 5  ? -7.107  9.141   9.413   1.00 11.39 ? 344 LEU A C   1 
ATOM   38  O O   . LEU A 1 5  ? -6.423  8.620   8.527   1.00 12.74 ? 344 LEU A O   1 
ATOM   39  C CB  . LEU A 1 5  ? -6.037  10.483  11.229  1.00 15.67 ? 344 LEU A CB  1 
ATOM   40  C CG  . LEU A 1 5  ? -5.086  11.643  11.469  1.00 17.81 ? 344 LEU A CG  1 
ATOM   41  C CD1 . LEU A 1 5  ? -4.459  11.517  12.837  1.00 14.73 ? 344 LEU A CD1 1 
ATOM   42  C CD2 . LEU A 1 5  ? -4.033  11.635  10.383  1.00 22.68 ? 344 LEU A CD2 1 
ATOM   43  N N   . ILE A 1 6  ? -8.129  8.508   9.982   1.00 14.11 ? 345 ILE A N   1 
ATOM   44  C CA  . ILE A 1 6  ? -8.490  7.166   9.544   1.00 15.35 ? 345 ILE A CA  1 
ATOM   45  C C   . ILE A 1 6  ? -8.896  7.185   8.081   1.00 15.63 ? 345 ILE A C   1 
ATOM   46  O O   . ILE A 1 6  ? -8.471  6.331   7.293   1.00 10.53 ? 345 ILE A O   1 
ATOM   47  C CB  . ILE A 1 6  ? -9.605  6.597   10.437  1.00 16.76 ? 345 ILE A CB  1 
ATOM   48  C CG1 . ILE A 1 6  ? -9.043  6.257   11.820  1.00 16.99 ? 345 ILE A CG1 1 
ATOM   49  C CG2 . ILE A 1 6  ? -10.226 5.379   9.795   1.00 16.61 ? 345 ILE A CG2 1 
ATOM   50  C CD1 . ILE A 1 6  ? -10.066 5.731   12.795  1.00 17.52 ? 345 ILE A CD1 1 
ATOM   51  N N   . ARG A 1 7  ? -9.674  8.189   7.680   1.00 11.03 ? 346 ARG A N   1 
ATOM   52  C CA  . ARG A 1 7  ? -10.117 8.250   6.295   1.00 11.82 ? 346 ARG A CA  1 
ATOM   53  C C   . ARG A 1 7  ? -8.961  8.543   5.342   1.00 13.47 ? 346 ARG A C   1 
ATOM   54  O O   . ARG A 1 7  ? -8.918  8.002   4.232   1.00 14.79 ? 346 ARG A O   1 
ATOM   55  C CB  . ARG A 1 7  ? -11.227 9.285   6.150   1.00 13.86 ? 346 ARG A CB  1 
ATOM   56  C CG  . ARG A 1 7  ? -12.510 8.845   6.784   1.00 15.01 ? 346 ARG A CG  1 
ATOM   57  C CD  . ARG A 1 7  ? -13.672 9.691   6.318   1.00 18.85 ? 346 ARG A CD  1 
ATOM   58  N NE  . ARG A 1 7  ? -13.538 11.086  6.715   1.00 18.92 ? 346 ARG A NE  1 
ATOM   59  C CZ  . ARG A 1 7  ? -14.080 11.604  7.808   1.00 17.85 ? 346 ARG A CZ  1 
ATOM   60  N NH1 . ARG A 1 7  ? -14.796 10.844  8.621   1.00 17.96 ? 346 ARG A NH1 1 
ATOM   61  N NH2 . ARG A 1 7  ? -13.909 12.884  8.083   1.00 20.55 ? 346 ARG A NH2 1 
ATOM   62  N N   . MET A 1 8  ? -8.006  9.378   5.755   1.00 11.40 ? 347 MET A N   1 
ATOM   63  C CA  . MET A 1 8  ? -6.843  9.618   4.907   1.00 11.54 ? 347 MET A CA  1 
ATOM   64  C C   . MET A 1 8  ? -6.045  8.340   4.703   1.00 13.71 ? 347 MET A C   1 
ATOM   65  O O   . MET A 1 8  ? -5.640  8.024   3.581   1.00 13.57 ? 347 MET A O   1 
ATOM   66  C CB  . MET A 1 8  ? -5.939  10.693  5.505   1.00 18.07 ? 347 MET A CB  1 
ATOM   67  C CG  . MET A 1 8  ? -6.462  12.100  5.479   1.00 21.85 ? 347 MET A CG  1 
ATOM   68  S SD  . MET A 1 8  ? -5.304  13.119  6.409   1.00 22.89 ? 347 MET A SD  1 
ATOM   69  C CE  . MET A 1 8  ? -3.757  12.526  5.725   1.00 19.30 ? 347 MET A CE  1 
ATOM   70  N N   . LYS A 1 9  ? -5.806  7.588   5.777   1.00 12.07 ? 348 LYS A N   1 
ATOM   71  C CA  . LYS A 1 9  ? -5.014  6.377   5.634   1.00 10.58 ? 348 LYS A CA  1 
ATOM   72  C C   . LYS A 1 9  ? -5.769  5.307   4.863   1.00 10.35 ? 348 LYS A C   1 
ATOM   73  O O   . LYS A 1 9  ? -5.148  4.496   4.175   1.00 11.22 ? 348 LYS A O   1 
ATOM   74  C CB  . LYS A 1 9  ? -4.584  5.857   7.006   1.00 10.64 ? 348 LYS A CB  1 
ATOM   75  C CG  . LYS A 1 9  ? -3.609  6.767   7.708   1.00 11.09 ? 348 LYS A CG  1 
ATOM   76  C CD  . LYS A 1 9  ? -3.313  6.299   9.105   1.00 12.78 ? 348 LYS A CD  1 
ATOM   77  C CE  . LYS A 1 9  ? -2.616  7.391   9.895   1.00 15.89 ? 348 LYS A CE  1 
ATOM   78  N NZ  . LYS A 1 9  ? -1.283  7.724   9.320   1.00 16.40 ? 348 LYS A NZ  1 
ATOM   79  N N   . ASP A 1 10 ? -7.099  5.298   4.946   1.00 10.36 ? 349 ASP A N   1 
ATOM   80  C CA  . ASP A 1 10 ? -7.866  4.370   4.124   1.00 13.70 ? 349 ASP A CA  1 
ATOM   81  C C   . ASP A 1 10 ? -7.778  4.728   2.643   1.00 16.95 ? 349 ASP A C   1 
ATOM   82  O O   . ASP A 1 10 ? -7.746  3.834   1.790   1.00 18.28 ? 349 ASP A O   1 
ATOM   83  C CB  . ASP A 1 10 ? -9.321  4.330   4.591   1.00 11.91 ? 349 ASP A CB  1 
ATOM   84  C CG  . ASP A 1 10 ? -9.496  3.500   5.839   1.00 14.36 ? 349 ASP A CG  1 
ATOM   85  O OD1 . ASP A 1 10 ? -8.620  2.653   6.095   1.00 16.46 ? 349 ASP A OD1 1 
ATOM   86  O OD2 . ASP A 1 10 ? -10.508 3.670   6.547   1.00 17.91 ? 349 ASP A OD2 1 
ATOM   87  N N   . GLU A 1 11 ? -7.737  6.020   2.309   1.00 13.40 ? 350 GLU A N   1 
ATOM   88  C CA  . GLU A 1 11 ? -7.540  6.386   0.909   1.00 11.18 ? 350 GLU A CA  1 
ATOM   89  C C   . GLU A 1 11 ? -6.148  5.996   0.425   1.00 17.06 ? 350 GLU A C   1 
ATOM   90  O O   . GLU A 1 11 ? -5.995  5.473   -0.685  1.00 13.24 ? 350 GLU A O   1 
ATOM   91  C CB  . GLU A 1 11 ? -7.771  7.879   0.696   1.00 11.70 ? 350 GLU A CB  1 
ATOM   92  C CG  . GLU A 1 11 ? -7.437  8.335   -0.726  1.00 12.24 ? 350 GLU A CG  1 
ATOM   93  C CD  . GLU A 1 11 ? -7.513  9.837   -0.911  1.00 30.32 ? 350 GLU A CD  1 
ATOM   94  O OE1 . GLU A 1 11 ? -8.035  10.528  -0.011  1.00 28.87 ? 350 GLU A OE1 1 
ATOM   95  O OE2 . GLU A 1 11 ? -7.035  10.332  -1.953  1.00 28.70 ? 350 GLU A OE2 1 
ATOM   96  N N   . GLU A 1 12 ? -5.124  6.223   1.251   1.00 15.50 ? 351 GLU A N   1 
ATOM   97  C CA  . GLU A 1 12 ? -3.768  5.875   0.847   1.00 14.45 ? 351 GLU A CA  1 
ATOM   98  C C   . GLU A 1 12 ? -3.629  4.376   0.647   1.00 13.46 ? 351 GLU A C   1 
ATOM   99  O O   . GLU A 1 12 ? -3.001  3.930   -0.315  1.00 17.03 ? 351 GLU A O   1 
ATOM   100 C CB  . GLU A 1 12 ? -2.752  6.357   1.874   1.00 18.20 ? 351 GLU A CB  1 
ATOM   101 C CG  . GLU A 1 12 ? -1.353  6.389   1.310   1.00 29.70 ? 351 GLU A CG  1 
ATOM   102 C CD  . GLU A 1 12 ? -0.348  6.988   2.257   1.00 42.47 ? 351 GLU A CD  1 
ATOM   103 O OE1 . GLU A 1 12 ? -0.465  6.756   3.476   1.00 46.32 ? 351 GLU A OE1 1 
ATOM   104 O OE2 . GLU A 1 12 ? 0.535   7.738   1.784   1.00 44.61 ? 351 GLU A OE2 1 
ATOM   105 N N   . LEU A 1 13 ? -4.194  3.581   1.551   1.00 12.22 ? 352 LEU A N   1 
ATOM   106 C CA  . LEU A 1 13 ? -4.163  2.135   1.371   1.00 13.72 ? 352 LEU A CA  1 
ATOM   107 C C   . LEU A 1 13 ? -4.812  1.744   0.055   1.00 10.68 ? 352 LEU A C   1 
ATOM   108 O O   . LEU A 1 13 ? -4.309  0.867   -0.653  1.00 10.86 ? 352 LEU A O   1 
ATOM   109 C CB  . LEU A 1 13 ? -4.859  1.434   2.539   1.00 10.46 ? 352 LEU A CB  1 
ATOM   110 C CG  . LEU A 1 13 ? -4.026  1.337   3.813   1.00 10.49 ? 352 LEU A CG  1 
ATOM   111 C CD1 . LEU A 1 13 ? -4.869  0.886   4.996   1.00 11.17 ? 352 LEU A CD1 1 
ATOM   112 C CD2 . LEU A 1 13 ? -2.859  0.404   3.584   1.00 10.77 ? 352 LEU A CD2 1 
ATOM   113 N N   A ARG A 1 14 ? -5.895  2.404   -0.319  0.64 10.82 ? 353 ARG A N   1 
ATOM   114 N N   B ARG A 1 14 ? -5.892  2.415   -0.319  0.36 10.82 ? 353 ARG A N   1 
ATOM   115 C CA  A ARG A 1 14 ? -6.532  2.072   -1.577  0.64 11.25 ? 353 ARG A CA  1 
ATOM   116 C CA  B ARG A 1 14 ? -6.542  2.093   -1.576  0.36 11.25 ? 353 ARG A CA  1 
ATOM   117 C C   A ARG A 1 14 ? -5.606  2.426   -2.749  0.64 11.41 ? 353 ARG A C   1 
ATOM   118 C C   B ARG A 1 14 ? -5.619  2.432   -2.752  0.36 14.18 ? 353 ARG A C   1 
ATOM   119 O O   A ARG A 1 14 ? -5.445  1.631   -3.650  0.64 14.82 ? 353 ARG A O   1 
ATOM   120 O O   B ARG A 1 14 ? -5.452  1.624   -3.650  0.36 14.50 ? 353 ARG A O   1 
ATOM   121 C CB  A ARG A 1 14 ? -7.878  2.756   -1.709  0.64 14.20 ? 353 ARG A CB  1 
ATOM   122 C CB  B ARG A 1 14 ? -7.879  2.809   -1.703  0.36 13.90 ? 353 ARG A CB  1 
ATOM   123 C CG  A ARG A 1 14 ? -8.488  2.690   -3.084  0.64 16.11 ? 353 ARG A CG  1 
ATOM   124 C CG  B ARG A 1 14 ? -8.496  2.742   -3.081  0.36 16.32 ? 353 ARG A CG  1 
ATOM   125 C CD  A ARG A 1 14 ? -9.681  3.623   -3.181  0.64 19.68 ? 353 ARG A CD  1 
ATOM   126 C CD  B ARG A 1 14 ? -9.693  3.673   -3.194  0.36 19.48 ? 353 ARG A CD  1 
ATOM   127 N NE  A ARG A 1 14 ? -9.307  5.036   -3.272  0.64 19.14 ? 353 ARG A NE  1 
ATOM   128 N NE  B ARG A 1 14 ? -9.359  5.078   -2.960  0.36 21.82 ? 353 ARG A NE  1 
ATOM   129 C CZ  A ARG A 1 14 ? -8.825  5.618   -4.368  0.64 13.34 ? 353 ARG A CZ  1 
ATOM   130 C CZ  B ARG A 1 14 ? -10.264 6.047   -2.851  0.36 12.99 ? 353 ARG A CZ  1 
ATOM   131 N NH1 A ARG A 1 14 ? -8.519  6.898   -4.345  0.64 19.24 ? 353 ARG A NH1 1 
ATOM   132 N NH1 B ARG A 1 14 ? -9.892  7.293   -2.638  0.36 13.71 ? 353 ARG A NH1 1 
ATOM   133 N NH2 A ARG A 1 14 ? -8.637  4.931   -5.472  0.64 13.78 ? 353 ARG A NH2 1 
ATOM   134 N NH2 B ARG A 1 14 ? -11.552 5.766   -2.968  0.36 16.63 ? 353 ARG A NH2 1 
ATOM   135 N N   . ARG A 1 15 ? -4.922  3.560   -2.668  1.00 13.47 ? 354 ARG A N   1 
ATOM   136 C CA  . ARG A 1 15 ? -4.013  3.955   -3.736  1.00 11.59 ? 354 ARG A CA  1 
ATOM   137 C C   . ARG A 1 15 ? -2.868  2.965   -3.862  1.00 16.22 ? 354 ARG A C   1 
ATOM   138 O O   . ARG A 1 15 ? -2.503  2.562   -4.970  1.00 15.09 ? 354 ARG A O   1 
ATOM   139 C CB  . ARG A 1 15 ? -3.464  5.352   -3.451  1.00 11.72 ? 354 ARG A CB  1 
ATOM   140 C CG  . ARG A 1 15 ? -4.523  6.420   -3.330  1.00 12.04 ? 354 ARG A CG  1 
ATOM   141 C CD  . ARG A 1 15 ? -4.916  6.950   -4.673  1.00 19.90 ? 354 ARG A CD  1 
ATOM   142 N NE  . ARG A 1 15 ? -3.814  7.668   -5.292  1.00 19.16 ? 354 ARG A NE  1 
ATOM   143 C CZ  . ARG A 1 15 ? -3.682  8.986   -5.261  1.00 22.61 ? 354 ARG A CZ  1 
ATOM   144 N NH1 . ARG A 1 15 ? -2.644  9.566   -5.848  1.00 25.64 ? 354 ARG A NH1 1 
ATOM   145 N NH2 . ARG A 1 15 ? -4.596  9.723   -4.647  1.00 23.84 ? 354 ARG A NH2 1 
ATOM   146 N N   . MET A 1 16 ? -2.299  2.549   -2.729  1.00 11.14 ? 355 MET A N   1 
ATOM   147 C CA  A MET A 1 16 ? -1.170  1.630   -2.775  0.65 12.38 ? 355 MET A CA  1 
ATOM   148 C CA  B MET A 1 16 ? -1.175  1.619   -2.736  0.35 12.49 ? 355 MET A CA  1 
ATOM   149 C C   . MET A 1 16 ? -1.584  0.246   -3.253  1.00 11.40 ? 355 MET A C   1 
ATOM   150 O O   . MET A 1 16 ? -0.798  -0.439  -3.909  1.00 11.67 ? 355 MET A O   1 
ATOM   151 C CB  A MET A 1 16 ? -0.502  1.538   -1.406  0.65 12.46 ? 355 MET A CB  1 
ATOM   152 C CB  B MET A 1 16 ? -0.594  1.501   -1.329  0.35 13.42 ? 355 MET A CB  1 
ATOM   153 C CG  A MET A 1 16 ? 0.042   2.851   -0.908  0.65 16.03 ? 355 MET A CG  1 
ATOM   154 C CG  B MET A 1 16 ? -0.138  2.818   -0.761  0.35 15.61 ? 355 MET A CG  1 
ATOM   155 S SD  A MET A 1 16 ? 0.959   2.612   0.614   0.65 17.39 ? 355 MET A SD  1 
ATOM   156 S SD  B MET A 1 16 ? 1.635   2.993   -0.878  0.35 17.28 ? 355 MET A SD  1 
ATOM   157 C CE  A MET A 1 16 ? 2.225   1.506   0.041   0.65 17.21 ? 355 MET A CE  1 
ATOM   158 C CE  B MET A 1 16 ? 2.140   1.906   0.449   0.35 17.40 ? 355 MET A CE  1 
ATOM   159 N N   . GLN A 1 17 ? -2.800  -0.188  -2.935  1.00 14.17 ? 356 GLN A N   1 
ATOM   160 C CA  . GLN A 1 17 ? -3.245  -1.471  -3.462  1.00 13.65 ? 356 GLN A CA  1 
ATOM   161 C C   . GLN A 1 17 ? -3.516  -1.372  -4.958  1.00 16.34 ? 356 GLN A C   1 
ATOM   162 O O   . GLN A 1 17 ? -3.192  -2.292  -5.714  1.00 15.45 ? 356 GLN A O   1 
ATOM   163 C CB  . GLN A 1 17 ? -4.476  -1.964  -2.703  1.00 11.95 ? 356 GLN A CB  1 
ATOM   164 C CG  . GLN A 1 17 ? -4.869  -3.365  -3.080  1.00 16.41 ? 356 GLN A CG  1 
ATOM   165 C CD  . GLN A 1 17 ? -5.706  -4.038  -2.024  1.00 20.50 ? 356 GLN A CD  1 
ATOM   166 O OE1 . GLN A 1 17 ? -5.361  -4.033  -0.846  1.00 28.05 ? 356 GLN A OE1 1 
ATOM   167 N NE2 . GLN A 1 17 ? -6.817  -4.624  -2.440  1.00 20.66 ? 356 GLN A NE2 1 
ATOM   168 N N   . GLU A 1 18 ? -4.107  -0.264  -5.408  1.00 17.97 ? 357 GLU A N   1 
ATOM   169 C CA  . GLU A 1 18 ? -4.230  -0.037  -6.842  1.00 21.17 ? 357 GLU A CA  1 
ATOM   170 C C   . GLU A 1 18 ? -2.869  -0.046  -7.528  1.00 21.76 ? 357 GLU A C   1 
ATOM   171 O O   . GLU A 1 18 ? -2.712  -0.644  -8.597  1.00 22.56 ? 357 GLU A O   1 
ATOM   172 C CB  . GLU A 1 18 ? -4.952  1.282   -7.109  1.00 25.31 ? 357 GLU A CB  1 
ATOM   173 C CG  . GLU A 1 18 ? -6.405  1.269   -6.696  1.00 32.44 ? 357 GLU A CG  1 
ATOM   174 C CD  . GLU A 1 18 ? -7.015  2.649   -6.688  1.00 34.15 ? 357 GLU A CD  1 
ATOM   175 O OE1 . GLU A 1 18 ? -6.253  3.641   -6.655  1.00 28.30 ? 357 GLU A OE1 1 
ATOM   176 O OE2 . GLU A 1 18 ? -8.258  2.738   -6.729  1.00 39.79 ? 357 GLU A OE2 1 
ATOM   177 N N   . MET A 1 19 ? -1.863  0.574   -6.909  1.00 12.43 ? 358 MET A N   1 
ATOM   178 C CA  . MET A 1 19 ? -0.528  0.597   -7.498  1.00 12.59 ? 358 MET A CA  1 
ATOM   179 C C   . MET A 1 19 ? 0.077   -0.799  -7.519  1.00 17.32 ? 358 MET A C   1 
ATOM   180 O O   . MET A 1 19 ? 0.779   -1.162  -8.468  1.00 16.53 ? 358 MET A O   1 
ATOM   181 C CB  . MET A 1 19 ? 0.360   1.574   -6.731  1.00 12.33 ? 358 MET A CB  1 
ATOM   182 C CG  . MET A 1 19 ? 1.715   1.833   -7.350  1.00 23.00 ? 358 MET A CG  1 
ATOM   183 S SD  . MET A 1 19 ? 2.601   3.092   -6.411  1.00 26.19 ? 358 MET A SD  1 
ATOM   184 C CE  . MET A 1 19 ? 1.324   4.339   -6.327  1.00 24.40 ? 358 MET A CE  1 
ATOM   185 N N   . LEU A 1 20 ? -0.194  -1.597  -6.485  1.00 12.56 ? 359 LEU A N   1 
ATOM   186 C CA  . LEU A 1 20 ? 0.233   -2.992  -6.486  1.00 15.89 ? 359 LEU A CA  1 
ATOM   187 C C   . LEU A 1 20 ? -0.422  -3.768  -7.619  1.00 13.57 ? 359 LEU A C   1 
ATOM   188 O O   . LEU A 1 20 ? 0.214   -4.623  -8.240  1.00 14.78 ? 359 LEU A O   1 
ATOM   189 C CB  . LEU A 1 20 ? -0.103  -3.650  -5.153  1.00 17.40 ? 359 LEU A CB  1 
ATOM   190 C CG  . LEU A 1 20 ? 0.825   -3.441  -3.965  1.00 21.80 ? 359 LEU A CG  1 
ATOM   191 C CD1 . LEU A 1 20 ? 0.163   -3.984  -2.715  1.00 22.46 ? 359 LEU A CD1 1 
ATOM   192 C CD2 . LEU A 1 20 ? 2.137   -4.141  -4.207  1.00 22.55 ? 359 LEU A CD2 1 
ATOM   193 N N   . GLN A 1 21 ? -1.694  -3.496  -7.894  1.00 15.02 ? 360 GLN A N   1 
ATOM   194 C CA  . GLN A 1 21 ? -2.294  -4.261  -8.980  1.00 14.49 ? 360 GLN A CA  1 
ATOM   195 C C   . GLN A 1 21 ? -1.721  -3.844  -10.327 1.00 14.83 ? 360 GLN A C   1 
ATOM   196 O O   . GLN A 1 21 ? -1.422  -4.697  -11.170 1.00 24.87 ? 360 GLN A O   1 
ATOM   197 C CB  . GLN A 1 21 ? -3.811  -4.092  -8.970  1.00 32.03 ? 360 GLN A CB  1 
ATOM   198 C CG  . GLN A 1 21 ? -4.438  -4.260  -7.595  1.00 38.40 ? 360 GLN A CG  1 
ATOM   199 C CD  . GLN A 1 21 ? -4.320  -5.672  -7.046  1.00 42.48 ? 360 GLN A CD  1 
ATOM   200 O OE1 . GLN A 1 21 ? -3.216  -6.186  -6.869  1.00 49.61 ? 360 GLN A OE1 1 
ATOM   201 N NE2 . GLN A 1 21 ? -5.461  -6.306  -6.775  1.00 36.41 ? 360 GLN A NE2 1 
ATOM   202 N N   . ARG A 1 22 ? -1.392  -2.568  -10.542 1.00 15.60 ? 361 ARG A N   1 
ATOM   203 C CA  . ARG A 1 22 ? -0.799  -2.163  -11.811 1.00 14.92 ? 361 ARG A CA  1 
ATOM   204 C C   . ARG A 1 22 ? 0.604   -2.735  -11.974 1.00 17.98 ? 361 ARG A C   1 
ATOM   205 O O   . ARG A 1 22 ? 0.958   -3.215  -13.056 1.00 15.61 ? 361 ARG A O   1 
ATOM   206 C CB  . ARG A 1 22 ? -0.787  -0.638  -11.927 1.00 17.20 ? 361 ARG A CB  1 
ATOM   207 C CG  . ARG A 1 22 ? -2.155  0.033   -11.760 1.00 20.74 ? 361 ARG A CG  1 
ATOM   208 C CD  . ARG A 1 22 ? -2.031  1.560   -11.849 1.00 25.54 ? 361 ARG A CD  1 
ATOM   209 N NE  . ARG A 1 22 ? -3.144  2.291   -11.239 1.00 23.90 ? 361 ARG A NE  1 
ATOM   210 C CZ  . ARG A 1 22 ? -3.057  2.966   -10.098 1.00 19.18 ? 361 ARG A CZ  1 
ATOM   211 N NH1 . ARG A 1 22 ? -1.912  3.005   -9.437  1.00 22.24 ? 361 ARG A NH1 1 
ATOM   212 N NH2 . ARG A 1 22 ? -4.106  3.611   -9.623  1.00 18.98 ? 361 ARG A NH2 1 
ATOM   213 N N   . MET A 1 23 ? 1.413   -2.726  -10.909 1.00 19.38 ? 362 MET A N   1 
ATOM   214 C CA  . MET A 1 23 ? 2.720   -3.368  -11.004 1.00 18.16 ? 362 MET A CA  1 
ATOM   215 C C   . MET A 1 23 ? 2.583   -4.871  -11.181 1.00 17.04 ? 362 MET A C   1 
ATOM   216 O O   . MET A 1 23 ? 3.437   -5.495  -11.818 1.00 19.55 ? 362 MET A O   1 
ATOM   217 C CB  . MET A 1 23 ? 3.578   -3.054  -9.778  1.00 19.64 ? 362 MET A CB  1 
ATOM   218 C CG  . MET A 1 23 ? 3.989   -1.590  -9.669  1.00 25.18 ? 362 MET A CG  1 
ATOM   219 S SD  . MET A 1 23 ? 5.124   -1.257  -8.309  1.00 29.95 ? 362 MET A SD  1 
ATOM   220 C CE  . MET A 1 23 ? 6.520   -2.254  -8.799  1.00 30.47 ? 362 MET A CE  1 
ATOM   221 N N   . LYS A 1 24 ? 1.516   -5.464  -10.644 1.00 15.29 ? 363 LYS A N   1 
ATOM   222 C CA  . LYS A 1 24 ? 1.276   -6.883  -10.871 1.00 16.11 ? 363 LYS A CA  1 
ATOM   223 C C   . LYS A 1 24 ? 0.963   -7.155  -12.339 1.00 19.27 ? 363 LYS A C   1 
ATOM   224 O O   . LYS A 1 24 ? 1.512   -8.089  -12.932 1.00 20.13 ? 363 LYS A O   1 
ATOM   225 C CB  . LYS A 1 24 ? 0.140   -7.373  -9.965  1.00 16.14 ? 363 LYS A CB  1 
ATOM   226 C CG  . LYS A 1 24 ? -0.131  -8.869  -10.055 1.00 17.21 ? 363 LYS A CG  1 
ATOM   227 C CD  . LYS A 1 24 ? -1.258  -9.333  -9.128  1.00 23.75 ? 363 LYS A CD  1 
ATOM   228 C CE  . LYS A 1 24 ? -2.491  -8.444  -9.212  1.00 24.25 ? 363 LYS A CE  1 
ATOM   229 N NZ  . LYS A 1 24 ? -3.140  -8.458  -10.546 1.00 25.11 ? 363 LYS A NZ  1 
ATOM   230 N N   . GLN A 1 25 ? 0.107   -6.336  -12.949 1.00 16.88 ? 364 GLN A N   1 
ATOM   231 C CA  . GLN A 1 25 ? -0.215  -6.528  -14.359 1.00 17.81 ? 364 GLN A CA  1 
ATOM   232 C C   . GLN A 1 25 ? 0.978   -6.251  -15.262 1.00 31.00 ? 364 GLN A C   1 
ATOM   233 O O   . GLN A 1 25 ? 1.059   -6.800  -16.366 1.00 30.56 ? 364 GLN A O   1 
ATOM   234 C CB  . GLN A 1 25 ? -1.379  -5.632  -14.760 1.00 17.93 ? 364 GLN A CB  1 
ATOM   235 C CG  . GLN A 1 25 ? -2.622  -5.845  -13.945 1.00 26.02 ? 364 GLN A CG  1 
ATOM   236 C CD  . GLN A 1 25 ? -3.641  -4.758  -14.181 1.00 29.10 ? 364 GLN A CD  1 
ATOM   237 O OE1 . GLN A 1 25 ? -3.615  -4.087  -15.212 1.00 33.77 ? 364 GLN A OE1 1 
ATOM   238 N NE2 . GLN A 1 25 ? -4.540  -4.565  -13.221 1.00 25.22 ? 364 GLN A NE2 1 
ATOM   239 N N   . GLN A 1 26 ? 1.899   -5.392  -14.832 1.00 29.20 ? 365 GLN A N   1 
ATOM   240 C CA  . GLN A 1 26 ? 3.072   -5.124  -15.651 1.00 27.11 ? 365 GLN A CA  1 
ATOM   241 C C   . GLN A 1 26 ? 4.109   -6.231  -15.543 1.00 25.66 ? 365 GLN A C   1 
ATOM   242 O O   . GLN A 1 26 ? 4.787   -6.530  -16.529 1.00 28.45 ? 365 GLN A O   1 
ATOM   243 C CB  . GLN A 1 26 ? 3.672   -3.769  -15.276 1.00 26.16 ? 365 GLN A CB  1 
ATOM   244 C CG  . GLN A 1 26 ? 2.770   -2.604  -15.655 1.00 28.80 ? 365 GLN A CG  1 
ATOM   245 C CD  . GLN A 1 26 ? 3.166   -1.300  -14.996 1.00 35.08 ? 365 GLN A CD  1 
ATOM   246 O OE1 . GLN A 1 26 ? 4.083   -1.251  -14.173 1.00 37.57 ? 365 GLN A OE1 1 
ATOM   247 N NE2 . GLN A 1 26 ? 2.470   -0.230  -15.355 1.00 36.45 ? 365 GLN A NE2 1 
ATOM   248 N N   . MET A 1 27 ? 4.237   -6.863  -14.377 1.00 22.54 ? 366 MET A N   1 
ATOM   249 C CA  . MET A 1 27 ? 5.189   -7.963  -14.323 1.00 26.72 ? 366 MET A CA  1 
ATOM   250 C C   . MET A 1 27 ? 4.646   -9.236  -14.957 1.00 31.59 ? 366 MET A C   1 
ATOM   251 O O   . MET A 1 27 ? 5.438   -10.085 -15.379 1.00 35.98 ? 366 MET A O   1 
ATOM   252 C CB  . MET A 1 27 ? 5.606   -8.232  -12.877 1.00 28.30 ? 366 MET A CB  1 
ATOM   253 C CG  . MET A 1 27 ? 6.450   -7.123  -12.268 1.00 31.21 ? 366 MET A CG  1 
ATOM   254 S SD  . MET A 1 27 ? 7.065   -7.518  -10.614 1.00 34.75 ? 366 MET A SD  1 
ATOM   255 C CE  . MET A 1 27 ? 5.617   -8.267  -9.883  1.00 34.95 ? 366 MET A CE  1 
ATOM   256 N N   . GLN A 1 28 ? 3.331   -9.367  -15.153 1.00 30.09 ? 367 GLN A N   1 
ATOM   257 C CA  . GLN A 1 28 ? 2.822   -10.502 -15.917 1.00 30.19 ? 367 GLN A CA  1 
ATOM   258 C C   . GLN A 1 28 ? 3.083   -10.360 -17.411 1.00 30.69 ? 367 GLN A C   1 
ATOM   259 O O   . GLN A 1 28 ? 3.048   -11.367 -18.130 1.00 32.88 ? 367 GLN A O   1 
ATOM   260 C CB  . GLN A 1 28 ? 1.327   -10.684 -15.673 1.00 28.96 ? 367 GLN A CB  1 
ATOM   261 C CG  . GLN A 1 28 ? 0.988   -11.145 -14.287 1.00 28.48 ? 367 GLN A CG  1 
ATOM   262 C CD  . GLN A 1 28 ? -0.497  -11.125 -14.034 1.00 36.24 ? 367 GLN A CD  1 
ATOM   263 O OE1 . GLN A 1 28 ? -1.277  -10.702 -14.886 1.00 42.75 ? 367 GLN A OE1 1 
ATOM   264 N NE2 . GLN A 1 28 ? -0.901  -11.573 -12.854 1.00 37.20 ? 367 GLN A NE2 1 
ATOM   265 N N   . ASP A 1 29 ? 3.349   -9.143  -17.895 1.00 26.55 ? 368 ASP A N   1 
ATOM   266 C CA  . ASP A 1 29 ? 3.600   -8.936  -19.316 1.00 28.00 ? 368 ASP A CA  1 
ATOM   267 C C   . ASP A 1 29 ? 4.976   -9.422  -19.749 1.00 28.79 ? 368 ASP A C   1 
ATOM   268 O O   . ASP A 1 29 ? 5.225   -9.537  -20.953 1.00 22.85 ? 368 ASP A O   1 
ATOM   269 C CB  . ASP A 1 29 ? 3.435   -7.459  -19.673 1.00 25.00 ? 368 ASP A CB  1 
ATOM   270 C CG  . ASP A 1 29 ? 2.032   -7.125  -20.138 1.00 27.26 ? 368 ASP A CG  1 
ATOM   271 O OD1 . ASP A 1 29 ? 1.483   -7.866  -20.975 1.00 30.78 ? 368 ASP A OD1 1 
ATOM   272 O OD2 . ASP A 1 29 ? 1.472   -6.121  -19.664 1.00 30.83 ? 368 ASP A OD2 1 
ATOM   273 N N   . GLN A 1 30 ? 5.863   -9.712  -18.810 1.00 29.28 ? 369 GLN A N   1 
ATOM   274 C CA  . GLN A 1 30 ? 7.135   -10.333 -19.141 1.00 32.15 ? 369 GLN A CA  1 
ATOM   275 C C   . GLN A 1 30 ? 6.963   -11.828 -19.376 1.00 39.41 ? 369 GLN A C   1 
ATOM   276 O O   . GLN A 1 30 ? 6.359   -12.528 -18.567 1.00 51.44 ? 369 GLN A O   1 
ATOM   277 C CB  . GLN A 1 30 ? 8.153   -10.091 -18.028 1.00 31.11 ? 369 GLN A CB  1 
ATOM   278 C CG  . GLN A 1 30 ? 8.476   -8.631  -17.764 1.00 29.62 ? 369 GLN A CG  1 
ATOM   279 C CD  . GLN A 1 30 ? 9.204   -7.973  -18.921 1.00 29.10 ? 369 GLN A CD  1 
ATOM   280 O OE1 . GLN A 1 30 ? 10.114  -8.558  -19.508 1.00 27.38 ? 369 GLN A OE1 1 
ATOM   281 N NE2 . GLN A 1 30 ? 8.839   -6.737  -19.223 1.00 32.85 ? 369 GLN A NE2 1 
ATOM   282 N N   . GLU B 1 1  ? -12.264 2.092   18.763  1.00 20.65 ? 340 GLU B N   1 
ATOM   283 C CA  . GLU B 1 1  ? -10.917 2.244   19.279  1.00 18.97 ? 340 GLU B CA  1 
ATOM   284 C C   . GLU B 1 1  ? -10.029 2.866   18.201  1.00 20.06 ? 340 GLU B C   1 
ATOM   285 O O   . GLU B 1 1  ? -9.245  2.177   17.549  1.00 20.63 ? 340 GLU B O   1 
ATOM   286 C CB  . GLU B 1 1  ? -10.375 0.897   19.744  1.00 14.13 ? 340 GLU B CB  1 
ATOM   287 C CG  . GLU B 1 1  ? -11.316 0.168   20.678  1.00 15.06 ? 340 GLU B CG  1 
ATOM   288 C CD  . GLU B 1 1  ? -10.704 -1.074  21.276  1.00 15.59 ? 340 GLU B CD  1 
ATOM   289 O OE1 . GLU B 1 1  ? -9.545  -1.382  20.960  1.00 19.99 ? 340 GLU B OE1 1 
ATOM   290 O OE2 . GLU B 1 1  ? -11.381 -1.749  22.070  1.00 20.87 ? 340 GLU B OE2 1 
ATOM   291 N N   . THR B 1 2  ? -10.173 4.184   18.031  1.00 18.55 ? 341 THR B N   1 
ATOM   292 C CA  . THR B 1 2  ? -9.585  4.875   16.885  1.00 20.94 ? 341 THR B CA  1 
ATOM   293 C C   . THR B 1 2  ? -8.063  4.832   16.903  1.00 20.63 ? 341 THR B C   1 
ATOM   294 O O   . THR B 1 2  ? -7.433  4.707   15.849  1.00 19.97 ? 341 THR B O   1 
ATOM   295 C CB  . THR B 1 2  ? -10.057 6.327   16.846  1.00 22.33 ? 341 THR B CB  1 
ATOM   296 O OG1 . THR B 1 2  ? -9.370  7.085   17.850  1.00 28.48 ? 341 THR B OG1 1 
ATOM   297 C CG2 . THR B 1 2  ? -11.535 6.400   17.099  1.00 16.17 ? 341 THR B CG2 1 
ATOM   298 N N   . GLU B 1 3  ? -7.451  4.924   18.079  1.00 21.08 ? 342 GLU B N   1 
ATOM   299 C CA  . GLU B 1 3  ? -5.995  4.894   18.127  1.00 19.99 ? 342 GLU B CA  1 
ATOM   300 C C   . GLU B 1 3  ? -5.443  3.515   17.796  1.00 18.38 ? 342 GLU B C   1 
ATOM   301 O O   . GLU B 1 3  ? -4.341  3.411   17.249  1.00 18.34 ? 342 GLU B O   1 
ATOM   302 C CB  . GLU B 1 3  ? -5.501  5.370   19.492  1.00 20.31 ? 342 GLU B CB  1 
ATOM   303 C CG  . GLU B 1 3  ? -5.755  6.843   19.742  1.00 17.59 ? 342 GLU B CG  1 
ATOM   304 C CD  . GLU B 1 3  ? -5.066  7.731   18.731  1.00 20.61 ? 342 GLU B CD  1 
ATOM   305 O OE1 . GLU B 1 3  ? -3.985  7.353   18.244  1.00 21.53 ? 342 GLU B OE1 1 
ATOM   306 O OE2 . GLU B 1 3  ? -5.611  8.806   18.415  1.00 24.70 ? 342 GLU B OE2 1 
ATOM   307 N N   . LYS B 1 4  ? -6.168  2.448   18.133  1.00 18.70 ? 343 LYS B N   1 
ATOM   308 C CA  . LYS B 1 4  ? -5.728  1.117   17.731  1.00 16.38 ? 343 LYS B CA  1 
ATOM   309 C C   . LYS B 1 4  ? -5.846  0.939   16.220  1.00 16.50 ? 343 LYS B C   1 
ATOM   310 O O   . LYS B 1 4  ? -4.983  0.317   15.595  1.00 19.65 ? 343 LYS B O   1 
ATOM   311 C CB  . LYS B 1 4  ? -6.539  0.054   18.478  1.00 14.66 ? 343 LYS B CB  1 
ATOM   312 C CG  . LYS B 1 4  ? -5.826  -1.273  18.680  1.00 16.97 ? 343 LYS B CG  1 
ATOM   313 C CD  . LYS B 1 4  ? -6.613  -2.186  19.608  1.00 17.97 ? 343 LYS B CD  1 
ATOM   314 C CE  . LYS B 1 4  ? -6.016  -3.583  19.691  1.00 15.01 ? 343 LYS B CE  1 
ATOM   315 N NZ  . LYS B 1 4  ? -4.696  -3.609  20.375  1.00 22.55 ? 343 LYS B NZ  1 
ATOM   316 N N   . LEU B 1 5  ? -6.898  1.498   15.613  1.00 15.72 ? 344 LEU B N   1 
ATOM   317 C CA  . LEU B 1 5  ? -7.067  1.428   14.163  1.00 12.20 ? 344 LEU B CA  1 
ATOM   318 C C   . LEU B 1 5  ? -5.967  2.181   13.431  1.00 11.17 ? 344 LEU B C   1 
ATOM   319 O O   . LEU B 1 5  ? -5.447  1.704   12.420  1.00 11.01 ? 344 LEU B O   1 
ATOM   320 C CB  . LEU B 1 5  ? -8.425  1.995   13.765  1.00 14.66 ? 344 LEU B CB  1 
ATOM   321 C CG  . LEU B 1 5  ? -9.595  1.029   13.737  1.00 17.17 ? 344 LEU B CG  1 
ATOM   322 C CD1 . LEU B 1 5  ? -10.869 1.781   13.410  1.00 16.74 ? 344 LEU B CD1 1 
ATOM   323 C CD2 . LEU B 1 5  ? -9.306  -0.032  12.697  1.00 18.71 ? 344 LEU B CD2 1 
ATOM   324 N N   . ILE B 1 6  ? -5.620  3.370   13.913  1.00 11.16 ? 345 ILE B N   1 
ATOM   325 C CA  . ILE B 1 6  ? -4.589  4.162   13.252  1.00 11.00 ? 345 ILE B CA  1 
ATOM   326 C C   . ILE B 1 6  ? -3.283  3.391   13.218  1.00 10.97 ? 345 ILE B C   1 
ATOM   327 O O   . ILE B 1 6  ? -2.562  3.406   12.215  1.00 26.84 ? 345 ILE B O   1 
ATOM   328 C CB  . ILE B 1 6  ? -4.436  5.523   13.950  1.00 11.21 ? 345 ILE B CB  1 
ATOM   329 C CG1 . ILE B 1 6  ? -5.650  6.402   13.650  1.00 25.82 ? 345 ILE B CG1 1 
ATOM   330 C CG2 . ILE B 1 6  ? -3.189  6.223   13.492  1.00 16.16 ? 345 ILE B CG2 1 
ATOM   331 C CD1 . ILE B 1 6  ? -5.620  7.749   14.342  1.00 24.72 ? 345 ILE B CD1 1 
ATOM   332 N N   . ARG B 1 7  ? -2.955  2.701   14.311  1.00 11.20 ? 346 ARG B N   1 
ATOM   333 C CA  . ARG B 1 7  ? -1.728  1.918   14.324  1.00 16.49 ? 346 ARG B CA  1 
ATOM   334 C C   . ARG B 1 7  ? -1.825  0.714   13.388  1.00 11.28 ? 346 ARG B C   1 
ATOM   335 O O   . ARG B 1 7  ? -0.848  0.364   12.717  1.00 11.80 ? 346 ARG B O   1 
ATOM   336 C CB  . ARG B 1 7  ? -1.406  1.483   15.749  1.00 15.68 ? 346 ARG B CB  1 
ATOM   337 C CG  . ARG B 1 7  ? -0.968  2.623   16.622  1.00 17.40 ? 346 ARG B CG  1 
ATOM   338 C CD  . ARG B 1 7  ? -0.314  2.123   17.884  1.00 18.25 ? 346 ARG B CD  1 
ATOM   339 N NE  . ARG B 1 7  ? -1.235  1.355   18.702  1.00 13.16 ? 346 ARG B NE  1 
ATOM   340 C CZ  . ARG B 1 7  ? -1.948  1.867   19.696  1.00 17.84 ? 346 ARG B CZ  1 
ATOM   341 N NH1 . ARG B 1 7  ? -1.848  3.153   19.995  1.00 16.93 ? 346 ARG B NH1 1 
ATOM   342 N NH2 . ARG B 1 7  ? -2.759  1.088   20.387  1.00 21.79 ? 346 ARG B NH2 1 
ATOM   343 N N   . MET B 1 8  ? -3.000  0.090   13.304  1.00 12.87 ? 347 MET B N   1 
ATOM   344 C CA  . MET B 1 8  ? -3.184  -1.017  12.370  1.00 15.45 ? 347 MET B CA  1 
ATOM   345 C C   . MET B 1 8  ? -3.019  -0.558  10.929  1.00 10.98 ? 347 MET B C   1 
ATOM   346 O O   . MET B 1 8  ? -2.360  -1.222  10.125  1.00 15.80 ? 347 MET B O   1 
ATOM   347 C CB  . MET B 1 8  ? -4.562  -1.641  12.561  1.00 17.65 ? 347 MET B CB  1 
ATOM   348 C CG  . MET B 1 8  ? -4.750  -2.430  13.833  1.00 22.23 ? 347 MET B CG  1 
ATOM   349 S SD  . MET B 1 8  ? -6.490  -2.870  13.994  1.00 24.67 ? 347 MET B SD  1 
ATOM   350 C CE  . MET B 1 8  ? -6.833  -3.420  12.328  1.00 14.61 ? 347 MET B CE  1 
ATOM   351 N N   . LYS B 1 9  ? -3.641  0.566   10.573  1.00 14.14 ? 348 LYS B N   1 
ATOM   352 C CA  . LYS B 1 9  ? -3.532  1.051   9.205   1.00 10.69 ? 348 LYS B CA  1 
ATOM   353 C C   . LYS B 1 9  ? -2.139  1.595   8.921   1.00 15.81 ? 348 LYS B C   1 
ATOM   354 O O   . LYS B 1 9  ? -1.695  1.579   7.773   1.00 16.38 ? 348 LYS B O   1 
ATOM   355 C CB  . LYS B 1 9  ? -4.600  2.106   8.939   1.00 10.76 ? 348 LYS B CB  1 
ATOM   356 C CG  . LYS B 1 9  ? -5.996  1.542   8.988   1.00 10.99 ? 348 LYS B CG  1 
ATOM   357 C CD  . LYS B 1 9  ? -7.027  2.633   8.860   1.00 19.23 ? 348 LYS B CD  1 
ATOM   358 C CE  . LYS B 1 9  ? -8.409  2.137   9.257   1.00 20.79 ? 348 LYS B CE  1 
ATOM   359 N NZ  . LYS B 1 9  ? -8.923  1.065   8.360   1.00 18.75 ? 348 LYS B NZ  1 
ATOM   360 N N   . ASP B 1 10 ? -1.444  2.101   9.936   1.00 10.72 ? 349 ASP B N   1 
ATOM   361 C CA  . ASP B 1 10 ? -0.053  2.471   9.722   1.00 10.90 ? 349 ASP B CA  1 
ATOM   362 C C   . ASP B 1 10 ? 0.816   1.241   9.489   1.00 14.47 ? 349 ASP B C   1 
ATOM   363 O O   . ASP B 1 10 ? 1.767   1.307   8.706   1.00 11.30 ? 349 ASP B O   1 
ATOM   364 C CB  . ASP B 1 10 ? 0.466   3.301   10.895  1.00 11.72 ? 349 ASP B CB  1 
ATOM   365 C CG  . ASP B 1 10 ? -0.015  4.738   10.836  1.00 20.62 ? 349 ASP B CG  1 
ATOM   366 O OD1 . ASP B 1 10 ? -0.382  5.176   9.727   1.00 24.06 ? 349 ASP B OD1 1 
ATOM   367 O OD2 . ASP B 1 10 ? -0.006  5.438   11.872  1.00 21.52 ? 349 ASP B OD2 1 
ATOM   368 N N   . GLU B 1 11 ? 0.510   0.115   10.146  1.00 14.76 ? 350 GLU B N   1 
ATOM   369 C CA  . GLU B 1 11 ? 1.246   -1.123  9.884   1.00 13.75 ? 350 GLU B CA  1 
ATOM   370 C C   . GLU B 1 11 ? 0.983   -1.641  8.471   1.00 11.33 ? 350 GLU B C   1 
ATOM   371 O O   . GLU B 1 11 ? 1.907   -2.105  7.794   1.00 11.57 ? 350 GLU B O   1 
ATOM   372 C CB  . GLU B 1 11 ? 0.887   -2.188  10.924  1.00 15.57 ? 350 GLU B CB  1 
ATOM   373 C CG  . GLU B 1 11 ? 1.504   -3.557  10.654  1.00 26.82 ? 350 GLU B CG  1 
ATOM   374 C CD  . GLU B 1 11 ? 1.018   -4.640  11.608  1.00 37.83 ? 350 GLU B CD  1 
ATOM   375 O OE1 . GLU B 1 11 ? 0.358   -4.308  12.613  1.00 42.06 ? 350 GLU B OE1 1 
ATOM   376 O OE2 . GLU B 1 11 ? 1.286   -5.833  11.347  1.00 42.18 ? 350 GLU B OE2 1 
ATOM   377 N N   . GLU B 1 12 ? -0.271  -1.570  8.015   1.00 11.08 ? 351 GLU B N   1 
ATOM   378 C CA  . GLU B 1 12 ? -0.604  -2.006  6.662   1.00 11.11 ? 351 GLU B CA  1 
ATOM   379 C C   . GLU B 1 12 ? 0.105   -1.157  5.618   1.00 11.10 ? 351 GLU B C   1 
ATOM   380 O O   . GLU B 1 12 ? 0.652   -1.688  4.648   1.00 11.31 ? 351 GLU B O   1 
ATOM   381 C CB  . GLU B 1 12 ? -2.113  -1.933  6.444   1.00 14.68 ? 351 GLU B CB  1 
ATOM   382 C CG  . GLU B 1 12 ? -2.618  -2.664  5.219   1.00 21.82 ? 351 GLU B CG  1 
ATOM   383 C CD  . GLU B 1 12 ? -4.134  -2.643  5.117   1.00 33.26 ? 351 GLU B CD  1 
ATOM   384 O OE1 . GLU B 1 12 ? -4.790  -2.286  6.116   1.00 37.12 ? 351 GLU B OE1 1 
ATOM   385 O OE2 . GLU B 1 12 ? -4.669  -2.952  4.030   1.00 37.78 ? 351 GLU B OE2 1 
ATOM   386 N N   . LEU B 1 13 ? 0.109   0.162   5.800   1.00 10.99 ? 352 LEU B N   1 
ATOM   387 C CA  . LEU B 1 13 ? 0.807   1.045   4.870   1.00 12.56 ? 352 LEU B CA  1 
ATOM   388 C C   . LEU B 1 13 ? 2.285   0.693   4.768   1.00 14.17 ? 352 LEU B C   1 
ATOM   389 O O   . LEU B 1 13 ? 2.868   0.750   3.681   1.00 13.55 ? 352 LEU B O   1 
ATOM   390 C CB  . LEU B 1 13 ? 0.637   2.503   5.301   1.00 12.37 ? 352 LEU B CB  1 
ATOM   391 C CG  . LEU B 1 13 ? -0.692  3.178   4.966   1.00 12.56 ? 352 LEU B CG  1 
ATOM   392 C CD1 . LEU B 1 13 ? -0.845  4.491   5.707   1.00 14.21 ? 352 LEU B CD1 1 
ATOM   393 C CD2 . LEU B 1 13 ? -0.783  3.407   3.482   1.00 11.55 ? 352 LEU B CD2 1 
ATOM   394 N N   . ARG B 1 14 ? 2.908   0.338   5.891   1.00 14.36 ? 353 ARG B N   1 
ATOM   395 C CA  . ARG B 1 14 ? 4.317   -0.041  5.859   1.00 14.26 ? 353 ARG B CA  1 
ATOM   396 C C   . ARG B 1 14 ? 4.534   -1.328  5.073   1.00 16.11 ? 353 ARG B C   1 
ATOM   397 O O   . ARG B 1 14 ? 5.459   -1.413  4.259   1.00 18.83 ? 353 ARG B O   1 
ATOM   398 C CB  . ARG B 1 14 ? 4.854   -0.168  7.285   1.00 16.06 ? 353 ARG B CB  1 
ATOM   399 C CG  . ARG B 1 14 ? 4.914   1.166   8.024   1.00 22.50 ? 353 ARG B CG  1 
ATOM   400 C CD  . ARG B 1 14 ? 5.698   1.079   9.326   1.00 26.79 ? 353 ARG B CD  1 
ATOM   401 N NE  . ARG B 1 14 ? 4.913   0.492   10.406  1.00 27.44 ? 353 ARG B NE  1 
ATOM   402 C CZ  . ARG B 1 14 ? 4.293   1.199   11.342  1.00 24.86 ? 353 ARG B CZ  1 
ATOM   403 N NH1 . ARG B 1 14 ? 4.372   2.518   11.324  1.00 25.50 ? 353 ARG B NH1 1 
ATOM   404 N NH2 . ARG B 1 14 ? 3.599   0.588   12.292  1.00 21.20 ? 353 ARG B NH2 1 
ATOM   405 N N   . ARG B 1 15 ? 3.685   -2.338  5.286   1.00 17.23 ? 354 ARG B N   1 
ATOM   406 C CA  . ARG B 1 15 ? 3.857   -3.609  4.587   1.00 12.36 ? 354 ARG B CA  1 
ATOM   407 C C   . ARG B 1 15 ? 3.618   -3.462  3.089   1.00 12.35 ? 354 ARG B C   1 
ATOM   408 O O   . ARG B 1 15 ? 4.356   -4.033  2.283   1.00 12.77 ? 354 ARG B O   1 
ATOM   409 C CB  . ARG B 1 15 ? 2.944   -4.674  5.197   1.00 12.37 ? 354 ARG B CB  1 
ATOM   410 C CG  . ARG B 1 15 ? 3.266   -4.963  6.664   1.00 12.62 ? 354 ARG B CG  1 
ATOM   411 C CD  . ARG B 1 15 ? 2.606   -6.228  7.180   1.00 15.75 ? 354 ARG B CD  1 
ATOM   412 N NE  . ARG B 1 15 ? 1.362   -5.939  7.884   1.00 25.68 ? 354 ARG B NE  1 
ATOM   413 C CZ  . ARG B 1 15 ? 0.658   -6.834  8.573   1.00 28.45 ? 354 ARG B CZ  1 
ATOM   414 N NH1 . ARG B 1 15 ? 1.073   -8.092  8.661   1.00 33.49 ? 354 ARG B NH1 1 
ATOM   415 N NH2 . ARG B 1 15 ? -0.463  -6.467  9.181   1.00 25.05 ? 354 ARG B NH2 1 
ATOM   416 N N   . MET B 1 16 ? 2.600   -2.696  2.695   1.00 14.60 ? 355 MET B N   1 
ATOM   417 C CA  A MET B 1 16 ? 2.356   -2.502  1.270   0.50 12.21 ? 355 MET B CA  1 
ATOM   418 C CA  B MET B 1 16 ? 2.334   -2.457  1.278   0.50 12.20 ? 355 MET B CA  1 
ATOM   419 C C   . MET B 1 16 ? 3.478   -1.722  0.600   1.00 12.54 ? 355 MET B C   1 
ATOM   420 O O   . MET B 1 16 ? 3.712   -1.903  -0.599  1.00 12.93 ? 355 MET B O   1 
ATOM   421 C CB  A MET B 1 16 ? 1.026   -1.792  1.042   0.50 12.31 ? 355 MET B CB  1 
ATOM   422 C CB  B MET B 1 16 ? 1.050   -1.648  1.125   0.50 12.38 ? 355 MET B CB  1 
ATOM   423 C CG  A MET B 1 16 ? -0.179  -2.700  1.077   0.50 12.02 ? 355 MET B CG  1 
ATOM   424 C CG  B MET B 1 16 ? -0.140  -2.317  1.739   0.50 14.86 ? 355 MET B CG  1 
ATOM   425 S SD  A MET B 1 16 ? -1.664  -1.775  0.686   0.50 14.99 ? 355 MET B SD  1 
ATOM   426 S SD  B MET B 1 16 ? -0.910  -3.422  0.578   0.50 14.60 ? 355 MET B SD  1 
ATOM   427 C CE  A MET B 1 16 ? -2.913  -3.026  0.930   0.50 15.92 ? 355 MET B CE  1 
ATOM   428 C CE  B MET B 1 16 ? -2.090  -2.297  -0.139  0.50 12.44 ? 355 MET B CE  1 
ATOM   429 N N   . GLN B 1 17 ? 4.175   -0.857  1.336   1.00 12.53 ? 356 GLN B N   1 
ATOM   430 C CA  . GLN B 1 17 ? 5.286   -0.134  0.729   1.00 16.48 ? 356 GLN B CA  1 
ATOM   431 C C   . GLN B 1 17 ? 6.510   -1.025  0.588   1.00 14.99 ? 356 GLN B C   1 
ATOM   432 O O   . GLN B 1 17 ? 7.181   -0.997  -0.448  1.00 15.71 ? 356 GLN B O   1 
ATOM   433 C CB  . GLN B 1 17 ? 5.604   1.123   1.538   1.00 13.08 ? 356 GLN B CB  1 
ATOM   434 C CG  . GLN B 1 17 ? 6.626   2.015   0.875   1.00 27.01 ? 356 GLN B CG  1 
ATOM   435 C CD  . GLN B 1 17 ? 6.546   3.439   1.356   1.00 29.41 ? 356 GLN B CD  1 
ATOM   436 O OE1 . GLN B 1 17 ? 5.470   4.036   1.393   1.00 32.93 ? 356 GLN B OE1 1 
ATOM   437 N NE2 . GLN B 1 17 ? 7.685   3.992   1.747   1.00 31.17 ? 356 GLN B NE2 1 
ATOM   438 N N   . GLU B 1 18 ? 6.800   -1.843  1.599   1.00 16.84 ? 357 GLU B N   1 
ATOM   439 C CA  . GLU B 1 18 ? 7.840   -2.852  1.447   1.00 21.21 ? 357 GLU B CA  1 
ATOM   440 C C   . GLU B 1 18 ? 7.545   -3.752  0.256   1.00 14.26 ? 357 GLU B C   1 
ATOM   441 O O   . GLU B 1 18 ? 8.452   -4.108  -0.499  1.00 16.41 ? 357 GLU B O   1 
ATOM   442 C CB  . GLU B 1 18 ? 7.961   -3.684  2.725   1.00 23.32 ? 357 GLU B CB  1 
ATOM   443 C CG  . GLU B 1 18 ? 8.488   -2.932  3.940   1.00 29.37 ? 357 GLU B CG  1 
ATOM   444 C CD  . GLU B 1 18 ? 8.278   -3.703  5.234   1.00 32.11 ? 357 GLU B CD  1 
ATOM   445 O OE1 . GLU B 1 18 ? 7.425   -4.616  5.256   1.00 33.27 ? 357 GLU B OE1 1 
ATOM   446 O OE2 . GLU B 1 18 ? 8.975   -3.408  6.223   1.00 35.64 ? 357 GLU B OE2 1 
ATOM   447 N N   . MET B 1 19 ? 6.276   -4.111  0.064   1.00 13.87 ? 358 MET B N   1 
ATOM   448 C CA  . MET B 1 19 ? 5.899   -4.980  -1.045  1.00 14.06 ? 358 MET B CA  1 
ATOM   449 C C   . MET B 1 19 ? 6.054   -4.281  -2.388  1.00 18.59 ? 358 MET B C   1 
ATOM   450 O O   . MET B 1 19 ? 6.467   -4.902  -3.372  1.00 14.91 ? 358 MET B O   1 
ATOM   451 C CB  . MET B 1 19 ? 4.458   -5.438  -0.864  1.00 13.67 ? 358 MET B CB  1 
ATOM   452 C CG  . MET B 1 19 ? 4.007   -6.495  -1.833  1.00 19.28 ? 358 MET B CG  1 
ATOM   453 S SD  . MET B 1 19 ? 2.323   -6.943  -1.419  1.00 22.92 ? 358 MET B SD  1 
ATOM   454 C CE  . MET B 1 19 ? 2.513   -7.190  0.342   1.00 22.20 ? 358 MET B CE  1 
ATOM   455 N N   . LEU B 1 20 ? 5.715   -2.993  -2.450  1.00 14.14 ? 359 LEU B N   1 
ATOM   456 C CA  . LEU B 1 20 ? 5.897   -2.231  -3.682  1.00 21.33 ? 359 LEU B CA  1 
ATOM   457 C C   . LEU B 1 20 ? 7.367   -2.121  -4.052  1.00 15.32 ? 359 LEU B C   1 
ATOM   458 O O   . LEU B 1 20 ? 7.739   -2.324  -5.211  1.00 15.96 ? 359 LEU B O   1 
ATOM   459 C CB  . LEU B 1 20 ? 5.275   -0.845  -3.531  1.00 22.03 ? 359 LEU B CB  1 
ATOM   460 C CG  . LEU B 1 20 ? 3.764   -0.779  -3.725  1.00 14.15 ? 359 LEU B CG  1 
ATOM   461 C CD1 . LEU B 1 20 ? 3.276   0.583   -3.297  1.00 19.83 ? 359 LEU B CD1 1 
ATOM   462 C CD2 . LEU B 1 20 ? 3.405   -1.041  -5.167  1.00 17.25 ? 359 LEU B CD2 1 
ATOM   463 N N   . GLN B 1 21 ? 8.222   -1.788  -3.084  1.00 16.54 ? 360 GLN B N   1 
ATOM   464 C CA  . GLN B 1 21 ? 9.647   -1.743  -3.372  1.00 16.18 ? 360 GLN B CA  1 
ATOM   465 C C   . GLN B 1 21 ? 10.227  -3.131  -3.593  1.00 18.81 ? 360 GLN B C   1 
ATOM   466 O O   . GLN B 1 21 ? 11.267  -3.260  -4.245  1.00 18.58 ? 360 GLN B O   1 
ATOM   467 C CB  . GLN B 1 21 ? 10.395  -1.039  -2.237  1.00 30.00 ? 360 GLN B CB  1 
ATOM   468 C CG  . GLN B 1 21 ? 10.325  -1.765  -0.904  1.00 30.00 ? 360 GLN B CG  1 
ATOM   469 C CD  . GLN B 1 21 ? 11.076  -1.041  0.195   1.00 30.00 ? 360 GLN B CD  1 
ATOM   470 O OE1 . GLN B 1 21 ? 11.341  0.157   0.089   1.00 30.00 ? 360 GLN B OE1 1 
ATOM   471 N NE2 . GLN B 1 21 ? 11.418  -1.765  1.256   1.00 30.00 ? 360 GLN B NE2 1 
ATOM   472 N N   . ARG B 1 22 ? 9.563   -4.172  -3.083  1.00 19.30 ? 361 ARG B N   1 
ATOM   473 C CA  . ARG B 1 22 ? 9.965   -5.541  -3.388  1.00 16.63 ? 361 ARG B CA  1 
ATOM   474 C C   . ARG B 1 22 ? 9.574   -5.919  -4.812  1.00 16.92 ? 361 ARG B C   1 
ATOM   475 O O   . ARG B 1 22 ? 10.353  -6.556  -5.527  1.00 20.43 ? 361 ARG B O   1 
ATOM   476 C CB  . ARG B 1 22 ? 9.334   -6.496  -2.375  1.00 16.24 ? 361 ARG B CB  1 
ATOM   477 C CG  . ARG B 1 22 ? 9.863   -7.907  -2.399  1.00 20.38 ? 361 ARG B CG  1 
ATOM   478 C CD  . ARG B 1 22 ? 9.692   -8.592  -1.044  1.00 21.34 ? 361 ARG B CD  1 
ATOM   479 N NE  . ARG B 1 22 ? 8.323   -8.541  -0.539  1.00 20.24 ? 361 ARG B NE  1 
ATOM   480 C CZ  . ARG B 1 22 ? 7.935   -7.828  0.516   1.00 16.74 ? 361 ARG B CZ  1 
ATOM   481 N NH1 . ARG B 1 22 ? 8.809   -7.096  1.192   1.00 18.85 ? 361 ARG B NH1 1 
ATOM   482 N NH2 . ARG B 1 22 ? 6.666   -7.852  0.897   1.00 18.01 ? 361 ARG B NH2 1 
ATOM   483 N N   . MET B 1 23 ? 8.374   -5.525  -5.242  1.00 19.97 ? 362 MET B N   1 
ATOM   484 C CA  . MET B 1 23 ? 7.979   -5.734  -6.630  1.00 20.40 ? 362 MET B CA  1 
ATOM   485 C C   . MET B 1 23 ? 8.798   -4.873  -7.577  1.00 17.59 ? 362 MET B C   1 
ATOM   486 O O   . MET B 1 23 ? 9.021   -5.260  -8.728  1.00 18.32 ? 362 MET B O   1 
ATOM   487 C CB  . MET B 1 23 ? 6.500   -5.419  -6.811  1.00 21.74 ? 362 MET B CB  1 
ATOM   488 C CG  . MET B 1 23 ? 5.576   -6.351  -6.066  1.00 27.03 ? 362 MET B CG  1 
ATOM   489 S SD  . MET B 1 23 ? 3.865   -6.000  -6.457  1.00 29.87 ? 362 MET B SD  1 
ATOM   490 C CE  . MET B 1 23 ? 3.851   -6.360  -8.208  1.00 28.26 ? 362 MET B CE  1 
ATOM   491 N N   . LYS B 1 24 ? 9.240   -3.706  -7.113  1.00 21.62 ? 363 LYS B N   1 
ATOM   492 C CA  . LYS B 1 24 ? 10.066  -2.836  -7.939  1.00 22.03 ? 363 LYS B CA  1 
ATOM   493 C C   . LYS B 1 24 ? 11.426  -3.472  -8.214  1.00 19.22 ? 363 LYS B C   1 
ATOM   494 O O   . LYS B 1 24 ? 11.903  -3.464  -9.354  1.00 20.12 ? 363 LYS B O   1 
ATOM   495 C CB  . LYS B 1 24 ? 10.211  -1.474  -7.250  1.00 18.18 ? 363 LYS B CB  1 
ATOM   496 C CG  . LYS B 1 24 ? 10.909  -0.399  -8.065  1.00 19.19 ? 363 LYS B CG  1 
ATOM   497 C CD  . LYS B 1 24 ? 11.019  0.911   -7.285  1.00 29.49 ? 363 LYS B CD  1 
ATOM   498 C CE  . LYS B 1 24 ? 9.676   1.353   -6.722  1.00 27.67 ? 363 LYS B CE  1 
ATOM   499 N NZ  . LYS B 1 24 ? 9.833   2.339   -5.615  1.00 24.73 ? 363 LYS B NZ  1 
ATOM   500 N N   . GLN B 1 25 ? 12.055  -4.054  -7.192  1.00 19.12 ? 364 GLN B N   1 
ATOM   501 C CA  . GLN B 1 25 ? 13.353  -4.662  -7.459  1.00 25.09 ? 364 GLN B CA  1 
ATOM   502 C C   . GLN B 1 25 ? 13.211  -5.919  -8.304  1.00 29.90 ? 364 GLN B C   1 
ATOM   503 O O   . GLN B 1 25 ? 14.140  -6.283  -9.031  1.00 33.76 ? 364 GLN B O   1 
ATOM   504 C CB  . GLN B 1 25 ? 14.066  -4.976  -6.145  1.00 25.32 ? 364 GLN B CB  1 
ATOM   505 C CG  . GLN B 1 25 ? 15.464  -5.548  -6.303  1.00 34.22 ? 364 GLN B CG  1 
ATOM   506 C CD  . GLN B 1 25 ? 16.479  -4.885  -5.385  1.00 42.56 ? 364 GLN B CD  1 
ATOM   507 O OE1 . GLN B 1 25 ? 16.446  -5.064  -4.166  1.00 44.97 ? 364 GLN B OE1 1 
ATOM   508 N NE2 . GLN B 1 25 ? 17.387  -4.111  -5.970  1.00 43.45 ? 364 GLN B NE2 1 
ATOM   509 N N   . GLN B 1 26 ? 12.032  -6.544  -8.336  1.00 26.84 ? 365 GLN B N   1 
ATOM   510 C CA  . GLN B 1 26 ? 11.812  -7.690  -9.212  1.00 23.55 ? 365 GLN B CA  1 
ATOM   511 C C   . GLN B 1 26 ? 11.611  -7.259  -10.659 1.00 23.61 ? 365 GLN B C   1 
ATOM   512 O O   . GLN B 1 26 ? 12.016  -7.980  -11.574 1.00 28.31 ? 365 GLN B O   1 
ATOM   513 C CB  . GLN B 1 26 ? 10.607  -8.500  -8.719  1.00 22.26 ? 365 GLN B CB  1 
ATOM   514 C CG  . GLN B 1 26 ? 10.832  -9.180  -7.369  1.00 22.44 ? 365 GLN B CG  1 
ATOM   515 C CD  . GLN B 1 26 ? 9.547   -9.662  -6.697  1.00 22.48 ? 365 GLN B CD  1 
ATOM   516 O OE1 . GLN B 1 26 ? 8.437   -9.432  -7.183  1.00 22.58 ? 365 GLN B OE1 1 
ATOM   517 N NE2 . GLN B 1 26 ? 9.702   -10.327 -5.560  1.00 21.63 ? 365 GLN B NE2 1 
ATOM   518 N N   . MET B 1 27 ? 10.985  -6.102  -10.887 1.00 20.55 ? 366 MET B N   1 
ATOM   519 C CA  . MET B 1 27 ? 10.864  -5.599  -12.249 1.00 24.47 ? 366 MET B CA  1 
ATOM   520 C C   . MET B 1 27 ? 12.170  -4.990  -12.751 1.00 28.12 ? 366 MET B C   1 
ATOM   521 O O   . MET B 1 27 ? 12.381  -4.916  -13.966 1.00 30.71 ? 366 MET B O   1 
ATOM   522 C CB  . MET B 1 27 ? 9.734   -4.570  -12.326 1.00 24.29 ? 366 MET B CB  1 
ATOM   523 C CG  . MET B 1 27 ? 9.484   -3.987  -13.709 1.00 31.77 ? 366 MET B CG  1 
ATOM   524 S SD  . MET B 1 27 ? 8.630   -5.117  -14.826 1.00 39.48 ? 366 MET B SD  1 
ATOM   525 C CE  . MET B 1 27 ? 8.735   -4.193  -16.360 1.00 41.64 ? 366 MET B CE  1 
ATOM   526 N N   . GLN B 1 28 ? 13.069  -4.575  -11.857 1.00 27.22 ? 367 GLN B N   1 
ATOM   527 C CA  . GLN B 1 28 ? 14.388  -4.132  -12.290 1.00 26.19 ? 367 GLN B CA  1 
ATOM   528 C C   . GLN B 1 28 ? 15.283  -5.302  -12.697 1.00 27.94 ? 367 GLN B C   1 
ATOM   529 O O   . GLN B 1 28 ? 16.244  -5.100  -13.449 1.00 29.86 ? 367 GLN B O   1 
ATOM   530 C CB  . GLN B 1 28 ? 15.042  -3.303  -11.176 1.00 23.34 ? 367 GLN B CB  1 
ATOM   531 C CG  . GLN B 1 28 ? 14.363  -1.958  -10.948 1.00 26.46 ? 367 GLN B CG  1 
ATOM   532 C CD  . GLN B 1 28 ? 14.852  -1.226  -9.705  1.00 29.92 ? 367 GLN B CD  1 
ATOM   533 O OE1 . GLN B 1 28 ? 15.663  -1.740  -8.936  1.00 33.52 ? 367 GLN B OE1 1 
ATOM   534 N NE2 . GLN B 1 28 ? 14.348  -0.015  -9.503  1.00 32.76 ? 367 GLN B NE2 1 
ATOM   535 N N   . ASP B 1 29 ? 14.889  -6.507  -12.332 1.00 25.00 ? 368 ASP B N   1 
ATOM   536 C CA  . ASP B 1 29 ? 15.613  -7.671  -12.766 1.00 24.80 ? 368 ASP B CA  1 
ATOM   537 C C   . ASP B 1 29 ? 15.234  -7.982  -14.236 1.00 31.61 ? 368 ASP B C   1 
ATOM   538 O O   . ASP B 1 29 ? 15.988  -8.674  -14.877 1.00 33.20 ? 368 ASP B O   1 
ATOM   539 C CB  . ASP B 1 29 ? 15.388  -8.884  -11.860 1.00 24.33 ? 368 ASP B CB  1 
ATOM   540 C CG  . ASP B 1 29 ? 16.364  -8.960  -10.690 1.00 30.10 ? 368 ASP B CG  1 
ATOM   541 O OD1 . ASP B 1 29 ? 17.558  -9.219  -10.865 1.00 30.02 ? 368 ASP B OD1 1 
ATOM   542 O OD2 . ASP B 1 29 ? 15.923  -8.791  -9.554  1.00 31.41 ? 368 ASP B OD2 1 
ATOM   543 N N   . GLN B 1 30 ? 14.084  -7.516  -14.773 1.00 29.74 ? 369 GLN B N   1 
ATOM   544 C CA  . GLN B 1 30 ? 13.802  -7.789  -16.233 1.00 31.56 ? 369 GLN B CA  1 
ATOM   545 C C   . GLN B 1 30 ? 14.520  -6.837  -17.183 1.00 27.14 ? 369 GLN B C   1 
ATOM   546 O O   . GLN B 1 30 ? 15.127  -5.927  -16.748 1.00 30.37 ? 369 GLN B O   1 
ATOM   547 C CB  . GLN B 1 30 ? 12.313  -7.700  -16.593 1.00 33.23 ? 369 GLN B CB  1 
ATOM   548 C CG  . GLN B 1 30 ? 11.406  -8.347  -15.543 1.00 33.98 ? 369 GLN B CG  1 
ATOM   549 C CD  . GLN B 1 30 ? 11.744  -9.779  -15.352 1.00 35.60 ? 369 GLN B CD  1 
ATOM   550 O OE1 . GLN B 1 30 ? 11.820  -10.527 -16.307 1.00 37.91 ? 369 GLN B OE1 1 
ATOM   551 N NE2 . GLN B 1 30 ? 12.040  -10.150 -14.134 1.00 35.97 ? 369 GLN B NE2 1 
HETATM 552 O O   . HOH C 2 .  ? 3.977   0.462   -12.855 1.00 21.09 ? 401 HOH A O   1 
HETATM 553 O O   . HOH C 2 .  ? 6.249   -1.046  -13.744 1.00 28.87 ? 402 HOH A O   1 
HETATM 554 O O   . HOH C 2 .  ? 2.628   6.964   2.174   1.00 25.99 ? 403 HOH A O   1 
HETATM 555 O O   . HOH C 2 .  ? 10.085  -5.338  -21.021 1.00 30.25 ? 404 HOH A O   1 
HETATM 556 O O   . HOH C 2 .  ? -12.288 5.700   6.173   1.00 28.81 ? 405 HOH A O   1 
HETATM 557 O O   . HOH C 2 .  ? 0.110   -0.622  -16.709 1.00 23.46 ? 406 HOH A O   1 
HETATM 558 O O   . HOH C 2 .  ? -8.758  1.240   1.681   1.00 64.72 ? 407 HOH A O   1 
HETATM 559 O O   . HOH C 2 .  ? -8.337  1.200   -9.142  1.00 36.34 ? 408 HOH A O   1 
HETATM 560 O O   . HOH C 2 .  ? -2.653  12.314  -6.714  1.00 29.34 ? 409 HOH A O   1 
HETATM 561 O O   . HOH C 2 .  ? -11.178 6.893   2.774   1.00 10.42 ? 410 HOH A O   1 
HETATM 562 O O   . HOH C 2 .  ? 6.109   -4.901  -18.622 1.00 25.10 ? 411 HOH A O   1 
HETATM 563 O O   . HOH C 2 .  ? -8.704  0.228   4.191   1.00 67.72 ? 412 HOH A O   1 
HETATM 564 O O   . HOH C 2 .  ? -3.430  -12.770 -11.506 1.00 28.96 ? 413 HOH A O   1 
HETATM 565 O O   . HOH C 2 .  ? -7.143  -3.722  -6.255  1.00 29.44 ? 414 HOH A O   1 
HETATM 566 O O   . HOH C 2 .  ? -5.554  -1.087  -9.949  1.00 32.48 ? 415 HOH A O   1 
HETATM 567 O O   . HOH C 2 .  ? -9.637  11.149  2.712   1.00 26.00 ? 416 HOH A O   1 
HETATM 568 O O   . HOH C 2 .  ? -13.544 7.625   10.044  1.00 21.67 ? 417 HOH A O   1 
HETATM 569 O O   . HOH C 2 .  ? 2.156   -3.349  -21.609 1.00 16.91 ? 418 HOH A O   1 
HETATM 570 O O   . HOH C 2 .  ? -11.790 13.119  4.303   1.00 19.43 ? 419 HOH A O   1 
HETATM 571 O O   . HOH C 2 .  ? -12.552 14.921  5.358   1.00 17.41 ? 420 HOH A O   1 
HETATM 572 O O   . HOH D 2 .  ? 0.984   4.852   13.800  1.00 21.12 ? 401 HOH B O   1 
HETATM 573 O O   . HOH D 2 .  ? -2.700  -6.738  8.941   1.00 19.51 ? 402 HOH B O   1 
HETATM 574 O O   . HOH D 2 .  ? -6.654  -4.034  3.540   1.00 29.28 ? 403 HOH B O   1 
HETATM 575 O O   . HOH D 2 .  ? -0.427  -3.013  14.392  1.00 21.96 ? 404 HOH B O   1 
HETATM 576 O O   . HOH D 2 .  ? -4.117  -5.090  3.144   1.00 20.79 ? 405 HOH B O   1 
HETATM 577 O O   . HOH D 2 .  ? 8.810   2.140   -3.342  1.00 26.49 ? 406 HOH B O   1 
HETATM 578 O O   . HOH D 2 .  ? -1.621  -5.185  11.075  1.00 26.84 ? 407 HOH B O   1 
HETATM 579 O O   . HOH D 2 .  ? 7.907   -11.112 -3.906  1.00 35.75 ? 408 HOH B O   1 
HETATM 580 O O   . HOH D 2 .  ? 5.145   -6.888  2.810   1.00 23.93 ? 409 HOH B O   1 
HETATM 581 O O   . HOH D 2 .  ? 6.674   -10.089 -2.301  1.00 36.19 ? 410 HOH B O   1 
HETATM 582 O O   . HOH D 2 .  ? 15.633  -3.242  -17.830 1.00 32.29 ? 411 HOH B O   1 
HETATM 583 O O   . HOH D 2 .  ? 3.040   3.745   7.633   1.00 19.02 ? 412 HOH B O   1 
HETATM 584 O O   . HOH D 2 .  ? 12.265  -10.912 -11.046 1.00 21.41 ? 413 HOH B O   1 
HETATM 585 O O   . HOH D 2 .  ? 10.104  -10.574 -11.776 1.00 29.19 ? 414 HOH B O   1 
HETATM 586 O O   . HOH D 2 .  ? 12.435  -9.214  -4.675  1.00 23.56 ? 415 HOH B O   1 
HETATM 587 O O   . HOH D 2 .  ? 11.300  3.065   1.307   1.00 27.77 ? 416 HOH B O   1 
HETATM 588 O O   . HOH D 2 .  ? 1.747   6.139   7.483   1.00 32.76 ? 417 HOH B O   1 
HETATM 589 O O   . HOH D 2 .  ? 8.700   -9.542  -13.513 1.00 18.86 ? 418 HOH B O   1 
HETATM 590 O O   . HOH D 2 .  ? 10.185  -13.602 -15.421 1.00 23.74 ? 419 HOH B O   1 
HETATM 591 O O   . HOH D 2 .  ? -3.873  -5.400  10.766  1.00 24.27 ? 420 HOH B O   1 
HETATM 592 O O   . HOH D 2 .  ? 2.119   0.593   16.417  1.00 25.79 ? 421 HOH B O   1 
HETATM 593 O O   . HOH D 2 .  ? 13.250  0.794   -3.882  1.00 30.26 ? 422 HOH B O   1 
# 
loop_
_atom_site_anisotrop.id 
_atom_site_anisotrop.type_symbol 
_atom_site_anisotrop.pdbx_label_atom_id 
_atom_site_anisotrop.pdbx_label_alt_id 
_atom_site_anisotrop.pdbx_label_comp_id 
_atom_site_anisotrop.pdbx_label_asym_id 
_atom_site_anisotrop.pdbx_label_seq_id 
_atom_site_anisotrop.pdbx_PDB_ins_code 
_atom_site_anisotrop.U[1][1] 
_atom_site_anisotrop.U[2][2] 
_atom_site_anisotrop.U[3][3] 
_atom_site_anisotrop.U[1][2] 
_atom_site_anisotrop.U[1][3] 
_atom_site_anisotrop.U[2][3] 
_atom_site_anisotrop.pdbx_auth_seq_id 
_atom_site_anisotrop.pdbx_auth_comp_id 
_atom_site_anisotrop.pdbx_auth_asym_id 
_atom_site_anisotrop.pdbx_auth_atom_id 
1   N N   . GLU A 1  ? 0.2607 0.1496 0.2805 -0.0402 0.0670  -0.0335 340 GLU A N   
2   C CA  . GLU A 1  ? 0.2546 0.1590 0.2748 -0.0484 0.0633  -0.0405 340 GLU A CA  
3   C C   . GLU A 1  ? 0.2386 0.1619 0.2593 -0.0437 0.0535  -0.0338 340 GLU A C   
4   O O   . GLU A 1  ? 0.2232 0.1457 0.2431 -0.0443 0.0502  -0.0269 340 GLU A O   
5   C CB  . GLU A 1  ? 0.2556 0.1722 0.2769 -0.0551 0.0664  -0.0568 340 GLU A CB  
6   C CG  . GLU A 1  ? 0.2248 0.1639 0.2472 -0.0617 0.0620  -0.0648 340 GLU A CG  
7   C CD  . GLU A 1  ? 0.2688 0.2331 0.2917 -0.0630 0.0605  -0.0785 340 GLU A CD  
8   O OE1 . GLU A 1  ? 0.3073 0.2873 0.3326 -0.0725 0.0623  -0.0924 340 GLU A OE1 
9   O OE2 . GLU A 1  ? 0.2969 0.2676 0.3178 -0.0545 0.0579  -0.0760 340 GLU A OE2 
10  N N   . THR A 2  ? 0.2643 0.2027 0.2851 -0.0390 0.0504  -0.0358 341 THR A N   
11  C CA  . THR A 2  ? 0.2657 0.2190 0.2843 -0.0351 0.0445  -0.0311 341 THR A CA  
12  C C   . THR A 2  ? 0.2767 0.2235 0.2961 -0.0317 0.0420  -0.0190 341 THR A C   
13  O O   . THR A 2  ? 0.2654 0.2164 0.2827 -0.0320 0.0391  -0.0151 341 THR A O   
14  C CB  . THR A 2  ? 0.2597 0.2278 0.2753 -0.0293 0.0439  -0.0349 341 THR A CB  
15  O OG1 . THR A 2  ? 0.2714 0.2522 0.2820 -0.0248 0.0407  -0.0314 341 THR A OG1 
16  C CG2 . THR A 2  ? 0.3104 0.2726 0.3271 -0.0235 0.0458  -0.0294 341 THR A CG2 
17  N N   . GLU A 3  ? 0.2825 0.2208 0.3051 -0.0284 0.0434  -0.0141 342 GLU A N   
18  C CA  . GLU A 3  ? 0.2618 0.1995 0.2865 -0.0267 0.0406  -0.0053 342 GLU A CA  
19  C C   . GLU A 3  ? 0.2556 0.1854 0.2787 -0.0300 0.0397  -0.0021 342 GLU A C   
20  O O   . GLU A 3  ? 0.2448 0.1783 0.2674 -0.0311 0.0364  0.0025  342 GLU A O   
21  C CB  . GLU A 3  ? 0.2851 0.2229 0.3148 -0.0208 0.0417  -0.0014 342 GLU A CB  
22  C CG  . GLU A 3  ? 0.3223 0.2704 0.3547 -0.0183 0.0423  -0.0009 342 GLU A CG  
23  C CD  . GLU A 3  ? 0.4623 0.4136 0.4899 -0.0179 0.0443  -0.0061 342 GLU A CD  
24  O OE1 . GLU A 3  ? 0.5360 0.4915 0.5589 -0.0188 0.0439  -0.0051 342 GLU A OE1 
25  O OE2 . GLU A 3  ? 0.5430 0.4932 0.5704 -0.0156 0.0470  -0.0111 342 GLU A OE2 
26  N N   . LYS A 4  ? 0.2449 0.1623 0.2661 -0.0321 0.0441  -0.0052 343 LYS A N   
27  C CA  . LYS A 4  ? 0.2204 0.1282 0.2379 -0.0353 0.0450  -0.0017 343 LYS A CA  
28  C C   . LYS A 4  ? 0.2176 0.1332 0.2336 -0.0421 0.0426  -0.0056 343 LYS A C   
29  O O   . LYS A 4  ? 0.2352 0.1511 0.2486 -0.0432 0.0399  -0.0008 343 LYS A O   
30  C CB  . LYS A 4  ? 0.2537 0.1426 0.2680 -0.0368 0.0534  -0.0045 343 LYS A CB  
31  C CG  . LYS A 4  ? 0.3166 0.1950 0.3245 -0.0340 0.0547  0.0036  343 LYS A CG  
32  C CD  . LYS A 4  ? 0.3480 0.2114 0.3501 -0.0353 0.0629  0.0003  343 LYS A CD  
33  C CE  . LYS A 4  ? 0.3846 0.2409 0.3882 -0.0359 0.0700  -0.0076 343 LYS A CE  
34  N NZ  . LYS A 4  ? 0.4807 0.3330 0.4875 -0.0270 0.0708  -0.0032 343 LYS A NZ  
35  N N   . LEU A 5  ? 0.1749 0.1007 0.1919 -0.0448 0.0426  -0.0140 344 LEU A N   
36  C CA  . LEU A 5  ? 0.1972 0.1345 0.2130 -0.0486 0.0403  -0.0176 344 LEU A CA  
37  C C   . LEU A 5  ? 0.1588 0.1012 0.1727 -0.0449 0.0360  -0.0102 344 LEU A C   
38  O O   . LEU A 5  ? 0.1764 0.1199 0.1881 -0.0476 0.0349  -0.0088 344 LEU A O   
39  C CB  . LEU A 5  ? 0.2085 0.1616 0.2253 -0.0486 0.0405  -0.0276 344 LEU A CB  
40  C CG  . LEU A 5  ? 0.2345 0.1887 0.2535 -0.0575 0.0455  -0.0398 344 LEU A CG  
41  C CD1 . LEU A 5  ? 0.1875 0.1645 0.2076 -0.0564 0.0443  -0.0508 344 LEU A CD1 
42  C CD2 . LEU A 5  ? 0.2962 0.2504 0.3154 -0.0645 0.0467  -0.0411 344 LEU A CD2 
43  N N   . ILE A 6  ? 0.1923 0.1370 0.2067 -0.0396 0.0349  -0.0065 345 ILE A N   
44  C CA  . ILE A 6  ? 0.2082 0.1547 0.2205 -0.0383 0.0336  -0.0013 345 ILE A CA  
45  C C   . ILE A 6  ? 0.2132 0.1547 0.2260 -0.0416 0.0319  0.0033  345 ILE A C   
46  O O   . ILE A 6  ? 0.1495 0.0914 0.1592 -0.0441 0.0313  0.0045  345 ILE A O   
47  C CB  . ILE A 6  ? 0.2250 0.1735 0.2384 -0.0340 0.0352  0.0008  345 ILE A CB  
48  C CG1 . ILE A 6  ? 0.2271 0.1821 0.2362 -0.0288 0.0372  -0.0024 345 ILE A CG1 
49  C CG2 . ILE A 6  ? 0.2238 0.1711 0.2364 -0.0359 0.0363  0.0047  345 ILE A CG2 
50  C CD1 . ILE A 6  ? 0.2341 0.1891 0.2423 -0.0243 0.0407  -0.0001 345 ILE A CD1 
51  N N   . ARG A 7  ? 0.1556 0.0926 0.1709 -0.0406 0.0315  0.0058  346 ARG A N   
52  C CA  . ARG A 7  ? 0.1662 0.1024 0.1804 -0.0412 0.0294  0.0108  346 ARG A CA  
53  C C   . ARG A 7  ? 0.1907 0.1213 0.1997 -0.0449 0.0297  0.0107  346 ARG A C   
54  O O   . ARG A 7  ? 0.2078 0.1407 0.2137 -0.0468 0.0277  0.0134  346 ARG A O   
55  C CB  . ARG A 7  ? 0.1920 0.1265 0.2083 -0.0353 0.0294  0.0149  346 ARG A CB  
56  C CG  . ARG A 7  ? 0.2007 0.1462 0.2234 -0.0318 0.0283  0.0149  346 ARG A CG  
57  C CD  . ARG A 7  ? 0.2471 0.1971 0.2721 -0.0241 0.0273  0.0199  346 ARG A CD  
58  N NE  . ARG A 7  ? 0.2536 0.1889 0.2762 -0.0183 0.0318  0.0215  346 ARG A NE  
59  C CZ  . ARG A 7  ? 0.2395 0.1730 0.2660 -0.0141 0.0348  0.0195  346 ARG A CZ  
60  N NH1 . ARG A 7  ? 0.2343 0.1807 0.2674 -0.0145 0.0335  0.0167  346 ARG A NH1 
61  N NH2 . ARG A 7  ? 0.2804 0.1971 0.3034 -0.0098 0.0408  0.0200  346 ARG A NH2 
62  N N   . MET A 8  ? 0.1660 0.0929 0.1741 -0.0456 0.0317  0.0066  347 MET A N   
63  C CA  . MET A 8  ? 0.1692 0.0956 0.1738 -0.0483 0.0318  0.0054  347 MET A CA  
64  C C   . MET A 8  ? 0.1936 0.1297 0.1976 -0.0499 0.0293  0.0035  347 MET A C   
65  O O   . MET A 8  ? 0.1926 0.1294 0.1936 -0.0509 0.0280  0.0056  347 MET A O   
66  C CB  . MET A 8  ? 0.2528 0.1757 0.2580 -0.0511 0.0363  -0.0014 347 MET A CB  
67  C CG  . MET A 8  ? 0.3061 0.2147 0.3094 -0.0494 0.0415  0.0002  347 MET A CG  
68  S SD  . MET A 8  ? 0.3188 0.2271 0.3240 -0.0556 0.0483  -0.0119 347 MET A SD  
69  C CE  . MET A 8  ? 0.2694 0.1895 0.2744 -0.0614 0.0470  -0.0162 347 MET A CE  
70  N N   . LYS A 9  ? 0.1704 0.1122 0.1759 -0.0498 0.0301  -0.0003 348 LYS A N   
71  C CA  . LYS A 9  ? 0.1507 0.0977 0.1536 -0.0505 0.0306  -0.0013 348 LYS A CA  
72  C C   . LYS A 9  ? 0.1490 0.0949 0.1494 -0.0485 0.0285  0.0035  348 LYS A C   
73  O O   . LYS A 9  ? 0.1609 0.1077 0.1577 -0.0492 0.0289  0.0035  348 LYS A O   
74  C CB  . LYS A 9  ? 0.1489 0.1035 0.1518 -0.0474 0.0328  -0.0052 348 LYS A CB  
75  C CG  . LYS A 9  ? 0.1501 0.1149 0.1563 -0.0493 0.0335  -0.0134 348 LYS A CG  
76  C CD  . LYS A 9  ? 0.1671 0.1464 0.1722 -0.0418 0.0330  -0.0168 348 LYS A CD  
77  C CE  . LYS A 9  ? 0.2004 0.1929 0.2102 -0.0455 0.0335  -0.0277 348 LYS A CE  
78  N NZ  . LYS A 9  ? 0.2022 0.2058 0.2152 -0.0522 0.0345  -0.0352 348 LYS A NZ  
79  N N   . ASP A 10 ? 0.1487 0.0936 0.1513 -0.0474 0.0272  0.0061  349 ASP A N   
80  C CA  . ASP A 10 ? 0.1906 0.1373 0.1925 -0.0487 0.0263  0.0078  349 ASP A CA  
81  C C   . ASP A 10 ? 0.2323 0.1794 0.2321 -0.0515 0.0241  0.0096  349 ASP A C   
82  O O   . ASP A 10 ? 0.2495 0.1985 0.2464 -0.0539 0.0241  0.0085  349 ASP A O   
83  C CB  . ASP A 10 ? 0.1659 0.1144 0.1721 -0.0494 0.0270  0.0085  349 ASP A CB  
84  C CG  . ASP A 10 ? 0.1976 0.1446 0.2034 -0.0470 0.0311  0.0072  349 ASP A CG  
85  O OD1 . ASP A 10 ? 0.2273 0.1707 0.2276 -0.0450 0.0341  0.0065  349 ASP A OD1 
86  O OD2 . ASP A 10 ? 0.2407 0.1890 0.2508 -0.0469 0.0329  0.0073  349 ASP A OD2 
87  N N   . GLU A 11 ? 0.1890 0.1319 0.1884 -0.0516 0.0238  0.0121  350 GLU A N   
88  C CA  . GLU A 11 ? 0.1637 0.1037 0.1572 -0.0540 0.0237  0.0153  350 GLU A CA  
89  C C   . GLU A 11 ? 0.2384 0.1799 0.2299 -0.0543 0.0240  0.0124  350 GLU A C   
90  O O   . GLU A 11 ? 0.1913 0.1340 0.1779 -0.0569 0.0238  0.0128  350 GLU A O   
91  C CB  . GLU A 11 ? 0.1750 0.1045 0.1652 -0.0525 0.0262  0.0203  350 GLU A CB  
92  C CG  . GLU A 11 ? 0.1873 0.1104 0.1675 -0.0536 0.0279  0.0254  350 GLU A CG  
93  C CD  . GLU A 11 ? 0.4228 0.3314 0.3977 -0.0485 0.0328  0.0315  350 GLU A CD  
94  O OE1 . GLU A 11 ? 0.4048 0.3083 0.3838 -0.0444 0.0347  0.0317  350 GLU A OE1 
95  O OE2 . GLU A 11 ? 0.4082 0.3086 0.3738 -0.0482 0.0362  0.0359  350 GLU A OE2 
96  N N   . GLU A 12 ? 0.2175 0.1598 0.2114 -0.0531 0.0252  0.0088  351 GLU A N   
97  C CA  . GLU A 12 ? 0.2043 0.1490 0.1961 -0.0547 0.0268  0.0058  351 GLU A CA  
98  C C   . GLU A 12 ? 0.1917 0.1390 0.1806 -0.0544 0.0271  0.0047  351 GLU A C   
99  O O   . GLU A 12 ? 0.2382 0.1858 0.2231 -0.0562 0.0281  0.0041  351 GLU A O   
100 C CB  . GLU A 12 ? 0.2496 0.1974 0.2444 -0.0562 0.0295  0.0004  351 GLU A CB  
101 C CG  . GLU A 12 ? 0.3944 0.3461 0.3879 -0.0600 0.0323  -0.0033 351 GLU A CG  
102 C CD  . GLU A 12 ? 0.5522 0.5114 0.5501 -0.0642 0.0360  -0.0113 351 GLU A CD  
103 O OE1 . GLU A 12 ? 0.5978 0.5628 0.5992 -0.0642 0.0366  -0.0149 351 GLU A OE1 
104 O OE2 . GLU A 12 ? 0.5786 0.5393 0.5771 -0.0684 0.0391  -0.0152 351 GLU A OE2 
105 N N   . LEU A 13 ? 0.1757 0.1231 0.1655 -0.0524 0.0278  0.0044  352 LEU A N   
106 C CA  . LEU A 13 ? 0.1970 0.1419 0.1824 -0.0520 0.0307  0.0035  352 LEU A CA  
107 C C   . LEU A 13 ? 0.1592 0.1044 0.1424 -0.0550 0.0293  0.0034  352 LEU A C   
108 O O   . LEU A 13 ? 0.1639 0.1069 0.1420 -0.0565 0.0320  0.0015  352 LEU A O   
109 C CB  . LEU A 13 ? 0.1567 0.0983 0.1423 -0.0492 0.0336  0.0038  352 LEU A CB  
110 C CG  . LEU A 13 ? 0.1586 0.0979 0.1420 -0.0465 0.0391  0.0036  352 LEU A CG  
111 C CD1 . LEU A 13 ? 0.1692 0.1036 0.1516 -0.0428 0.0427  0.0054  352 LEU A CD1 
112 C CD2 . LEU A 13 ? 0.1654 0.1018 0.1419 -0.0440 0.0451  0.0035  352 LEU A CD2 
113 N N   A ARG A 14 ? 0.1591 0.1070 0.1449 -0.0572 0.0262  0.0052  353 ARG A N   
114 N N   B ARG A 14 ? 0.1592 0.1070 0.1448 -0.0573 0.0262  0.0052  353 ARG A N   
115 C CA  A ARG A 14 ? 0.1652 0.1156 0.1468 -0.0630 0.0256  0.0042  353 ARG A CA  
116 C CA  B ARG A 14 ? 0.1652 0.1155 0.1468 -0.0630 0.0257  0.0041  353 ARG A CA  
117 C C   A ARG A 14 ? 0.1697 0.1187 0.1450 -0.0649 0.0257  0.0051  353 ARG A C   
118 C C   B ARG A 14 ? 0.2048 0.1538 0.1800 -0.0648 0.0257  0.0051  353 ARG A C   
119 O O   A ARG A 14 ? 0.2147 0.1644 0.1841 -0.0691 0.0272  0.0022  353 ARG A O   
120 O O   B ARG A 14 ? 0.2105 0.1602 0.1803 -0.0689 0.0271  0.0023  353 ARG A O   
121 C CB  A ARG A 14 ? 0.2004 0.1554 0.1837 -0.0669 0.0232  0.0068  353 ARG A CB  
122 C CB  B ARG A 14 ? 0.1964 0.1517 0.1800 -0.0670 0.0235  0.0061  353 ARG A CB  
123 C CG  A ARG A 14 ? 0.2234 0.1875 0.2012 -0.0758 0.0220  0.0053  353 ARG A CG  
124 C CG  B ARG A 14 ? 0.2264 0.1897 0.2038 -0.0745 0.0215  0.0067  353 ARG A CG  
125 C CD  A ARG A 14 ? 0.2635 0.2410 0.2435 -0.0702 0.0164  0.0094  353 ARG A CD  
126 C CD  B ARG A 14 ? 0.2601 0.2368 0.2430 -0.0701 0.0170  0.0086  353 ARG A CD  
127 N NE  A ARG A 14 ? 0.2609 0.2295 0.2368 -0.0625 0.0158  0.0177  353 ARG A NE  
128 N NE  B ARG A 14 ? 0.2903 0.2694 0.2696 -0.0613 0.0134  0.0169  353 ARG A NE  
129 C CZ  A ARG A 14 ? 0.1913 0.1578 0.1575 -0.0600 0.0155  0.0228  353 ARG A CZ  
130 C CZ  B ARG A 14 ? 0.1821 0.1492 0.1622 -0.0547 0.0150  0.0227  353 ARG A CZ  
131 N NH1 A ARG A 14 ? 0.2718 0.2254 0.2338 -0.0538 0.0181  0.0301  353 ARG A NH1 
132 N NH1 B ARG A 14 ? 0.1930 0.1600 0.1677 -0.0459 0.0139  0.0304  353 ARG A NH1 
133 N NH2 A ARG A 14 ? 0.1960 0.1718 0.1558 -0.0640 0.0141  0.0200  353 ARG A NH2 
134 N NH2 B ARG A 14 ? 0.2311 0.1855 0.2154 -0.0563 0.0186  0.0208  353 ARG A NH2 
135 N N   . ARG A 15 ? 0.1965 0.1429 0.1725 -0.0624 0.0253  0.0082  354 ARG A N   
136 C CA  . ARG A 15 ? 0.1755 0.1197 0.1454 -0.0644 0.0268  0.0093  354 ARG A CA  
137 C C   . ARG A 15 ? 0.2341 0.1792 0.2028 -0.0642 0.0293  0.0050  354 ARG A C   
138 O O   . ARG A 15 ? 0.2223 0.1669 0.1842 -0.0676 0.0308  0.0040  354 ARG A O   
139 C CB  . ARG A 15 ? 0.1777 0.1176 0.1499 -0.0623 0.0280  0.0120  354 ARG A CB  
140 C CG  . ARG A 15 ? 0.1841 0.1183 0.1550 -0.0613 0.0278  0.0177  354 ARG A CG  
141 C CD  . ARG A 15 ? 0.2900 0.2180 0.2480 -0.0635 0.0296  0.0247  354 ARG A CD  
142 N NE  . ARG A 15 ? 0.2839 0.2055 0.2386 -0.0631 0.0340  0.0257  354 ARG A NE  
143 C CZ  . ARG A 15 ? 0.3319 0.2424 0.2845 -0.0602 0.0386  0.0298  354 ARG A CZ  
144 N NH1 . ARG A 15 ? 0.3730 0.2782 0.3229 -0.0616 0.0436  0.0293  354 ARG A NH1 
145 N NH2 . ARG A 15 ? 0.3498 0.2535 0.3025 -0.0562 0.0392  0.0342  354 ARG A NH2 
146 N N   . MET A 16 ? 0.1681 0.1141 0.1412 -0.0610 0.0306  0.0028  355 MET A N   
147 C CA  A MET A 16 ? 0.1851 0.1304 0.1550 -0.0612 0.0351  -0.0003 355 MET A CA  
148 C CA  B MET A 16 ? 0.1864 0.1317 0.1564 -0.0611 0.0351  -0.0003 355 MET A CA  
149 C C   . MET A 16 ? 0.1760 0.1166 0.1404 -0.0620 0.0379  -0.0023 355 MET A C   
150 O O   . MET A 16 ? 0.1823 0.1200 0.1412 -0.0635 0.0422  -0.0045 355 MET A O   
151 C CB  A MET A 16 ? 0.1843 0.1314 0.1577 -0.0589 0.0381  -0.0016 355 MET A CB  
152 C CB  B MET A 16 ? 0.1965 0.1433 0.1700 -0.0587 0.0380  -0.0015 355 MET A CB  
153 C CG  A MET A 16 ? 0.2256 0.1786 0.2047 -0.0607 0.0371  -0.0029 355 MET A CG  
154 C CG  B MET A 16 ? 0.2203 0.1729 0.1999 -0.0601 0.0366  -0.0026 355 MET A CG  
155 S SD  A MET A 16 ? 0.2384 0.2009 0.2215 -0.0603 0.0421  -0.0071 355 MET A SD  
156 S SD  B MET A 16 ? 0.2378 0.2001 0.2189 -0.0648 0.0422  -0.0080 355 MET A SD  
157 C CE  A MET A 16 ? 0.2350 0.2046 0.2141 -0.0557 0.0463  -0.0089 355 MET A CE  
158 C CE  B MET A 16 ? 0.2355 0.2079 0.2174 -0.0560 0.0450  -0.0097 355 MET A CE  
159 N N   . GLN A 17 ? 0.2112 0.1505 0.1768 -0.0619 0.0369  -0.0025 356 GLN A N   
160 C CA  . GLN A 17 ? 0.2081 0.1422 0.1682 -0.0649 0.0412  -0.0066 356 GLN A CA  
161 C C   . GLN A 17 ? 0.2427 0.1805 0.1976 -0.0718 0.0397  -0.0089 356 GLN A C   
162 O O   . GLN A 17 ? 0.2352 0.1686 0.1833 -0.0753 0.0446  -0.0134 356 GLN A O   
163 C CB  . GLN A 17 ? 0.1859 0.1189 0.1492 -0.0648 0.0421  -0.0079 356 GLN A CB  
164 C CG  . GLN A 17 ? 0.2469 0.1723 0.2044 -0.0685 0.0494  -0.0137 356 GLN A CG  
165 C CD  . GLN A 17 ? 0.2998 0.2198 0.2591 -0.0668 0.0540  -0.0148 356 GLN A CD  
166 O OE1 . GLN A 17 ? 0.3969 0.3116 0.3571 -0.0601 0.0560  -0.0108 356 GLN A OE1 
167 N NE2 . GLN A 17 ? 0.3012 0.2234 0.2605 -0.0740 0.0566  -0.0209 356 GLN A NE2 
168 N N   . GLU A 18 ? 0.2607 0.2053 0.2167 -0.0747 0.0344  -0.0059 357 GLU A N   
169 C CA  . GLU A 18 ? 0.3027 0.2513 0.2504 -0.0822 0.0336  -0.0066 357 GLU A CA  
170 C C   . GLU A 18 ? 0.3135 0.2579 0.2554 -0.0814 0.0365  -0.0063 357 GLU A C   
171 O O   . GLU A 18 ? 0.3262 0.2709 0.2600 -0.0874 0.0393  -0.0102 357 GLU A O   
172 C CB  . GLU A 18 ? 0.3538 0.3077 0.3002 -0.0847 0.0292  -0.0001 357 GLU A CB  
173 C CG  . GLU A 18 ? 0.4396 0.4025 0.3907 -0.0882 0.0264  -0.0012 357 GLU A CG  
174 C CD  . GLU A 18 ? 0.4589 0.4279 0.4107 -0.0809 0.0209  0.0068  357 GLU A CD  
175 O OE1 . GLU A 18 ? 0.3894 0.3480 0.3381 -0.0765 0.0223  0.0134  357 GLU A OE1 
176 O OE2 . GLU A 18 ? 0.5242 0.5084 0.4791 -0.0795 0.0164  0.0059  357 GLU A OE2 
177 N N   . MET A 19 ? 0.1943 0.1367 0.1413 -0.0755 0.0366  -0.0032 358 MET A N   
178 C CA  . MET A 19 ? 0.1978 0.1391 0.1413 -0.0758 0.0401  -0.0041 358 MET A CA  
179 C C   . MET A 19 ? 0.2604 0.1972 0.2006 -0.0758 0.0460  -0.0090 358 MET A C   
180 O O   . MET A 19 ? 0.2530 0.1884 0.1867 -0.0790 0.0499  -0.0114 358 MET A O   
181 C CB  . MET A 19 ? 0.1914 0.1348 0.1422 -0.0721 0.0400  -0.0019 358 MET A CB  
182 C CG  . MET A 19 ? 0.3267 0.2717 0.2754 -0.0743 0.0441  -0.0034 358 MET A CG  
183 S SD  . MET A 19 ? 0.3623 0.3124 0.3205 -0.0737 0.0450  -0.0040 358 MET A SD  
184 C CE  . MET A 19 ? 0.3413 0.2856 0.3001 -0.0720 0.0408  0.0018  358 MET A CE  
185 N N   . LEU A 20 ? 0.2005 0.1330 0.1439 -0.0721 0.0483  -0.0103 359 LEU A N   
186 C CA  . LEU A 20 ? 0.2478 0.1704 0.1856 -0.0714 0.0569  -0.0142 359 LEU A CA  
187 C C   . LEU A 20 ? 0.2223 0.1412 0.1522 -0.0783 0.0594  -0.0199 359 LEU A C   
188 O O   . LEU A 20 ? 0.2426 0.1538 0.1651 -0.0801 0.0670  -0.0239 359 LEU A O   
189 C CB  . LEU A 20 ? 0.2687 0.1838 0.2086 -0.0657 0.0606  -0.0132 359 LEU A CB  
190 C CG  . LEU A 20 ? 0.3233 0.2388 0.2663 -0.0591 0.0639  -0.0092 359 LEU A CG  
191 C CD1 . LEU A 20 ? 0.3344 0.2418 0.2774 -0.0536 0.0671  -0.0071 359 LEU A CD1 
192 C CD2 . LEU A 20 ? 0.3365 0.2476 0.2728 -0.0559 0.0743  -0.0091 359 LEU A CD2 
193 N N   . GLN A 21 ? 0.2382 0.1635 0.1691 -0.0832 0.0545  -0.0212 360 GLN A N   
194 C CA  . GLN A 21 ? 0.2341 0.1595 0.1571 -0.0924 0.0580  -0.0288 360 GLN A CA  
195 C C   . GLN A 21 ? 0.2394 0.1696 0.1543 -0.0983 0.0572  -0.0294 360 GLN A C   
196 O O   . GLN A 21 ? 0.3708 0.2965 0.2775 -0.1038 0.0638  -0.0362 360 GLN A O   
197 C CB  . GLN A 21 ? 0.4515 0.3874 0.3779 -0.0983 0.0536  -0.0315 360 GLN A CB  
198 C CG  . GLN A 21 ? 0.5304 0.4632 0.4655 -0.0923 0.0537  -0.0295 360 GLN A CG  
199 C CD  . GLN A 21 ? 0.5879 0.5060 0.5202 -0.0902 0.0643  -0.0341 360 GLN A CD  
200 O OE1 . GLN A 21 ? 0.6840 0.5894 0.6116 -0.0849 0.0707  -0.0328 360 GLN A OE1 
201 N NE2 . GLN A 21 ? 0.5101 0.4291 0.4442 -0.0947 0.0679  -0.0397 360 GLN A NE2 
202 N N   . ARG A 22 ? 0.2466 0.1835 0.1626 -0.0968 0.0515  -0.0222 361 ARG A N   
203 C CA  . ARG A 22 ? 0.2403 0.1802 0.1467 -0.1017 0.0525  -0.0212 361 ARG A CA  
204 C C   . ARG A 22 ? 0.2821 0.2145 0.1867 -0.0985 0.0590  -0.0234 361 ARG A C   
205 O O   . ARG A 22 ? 0.2555 0.1873 0.1504 -0.1041 0.0637  -0.0277 361 ARG A O   
206 C CB  . ARG A 22 ? 0.2673 0.2123 0.1738 -0.0993 0.0473  -0.0118 361 ARG A CB  
207 C CG  . ARG A 22 ? 0.3093 0.2623 0.2163 -0.1007 0.0413  -0.0078 361 ARG A CG  
208 C CD  . ARG A 22 ? 0.3712 0.3232 0.2760 -0.0949 0.0387  0.0028  361 ARG A CD  
209 N NE  . ARG A 22 ? 0.3473 0.3039 0.2569 -0.0902 0.0331  0.0076  361 ARG A NE  
210 C CZ  . ARG A 22 ? 0.2872 0.2357 0.2057 -0.0868 0.0334  0.0115  361 ARG A CZ  
211 N NH1 . ARG A 22 ? 0.3252 0.2673 0.2525 -0.0830 0.0360  0.0091  361 ARG A NH1 
212 N NH2 . ARG A 22 ? 0.2822 0.2349 0.2042 -0.0819 0.0289  0.0157  361 ARG A NH2 
213 N N   . MET A 23 ? 0.2981 0.2269 0.2113 -0.0902 0.0604  -0.0209 362 MET A N   
214 C CA  . MET A 23 ? 0.2847 0.2090 0.1962 -0.0877 0.0683  -0.0231 362 MET A CA  
215 C C   . MET A 23 ? 0.2771 0.1887 0.1816 -0.0893 0.0772  -0.0298 362 MET A C   
216 O O   . MET A 23 ? 0.3125 0.2195 0.2109 -0.0896 0.0850  -0.0330 362 MET A O   
217 C CB  . MET A 23 ? 0.2992 0.2266 0.2204 -0.0803 0.0692  -0.0195 362 MET A CB  
218 C CG  . MET A 23 ? 0.3634 0.3017 0.2916 -0.0804 0.0636  -0.0155 362 MET A CG  
219 S SD  . MET A 23 ? 0.4169 0.3651 0.3561 -0.0757 0.0668  -0.0151 362 MET A SD  
220 C CE  . MET A 23 ? 0.4233 0.3759 0.3583 -0.0732 0.0778  -0.0188 362 MET A CE  
221 N N   . LYS A 24 ? 0.2568 0.1623 0.1619 -0.0900 0.0776  -0.0325 363 LYS A N   
222 C CA  . LYS A 24 ? 0.2748 0.1653 0.1721 -0.0929 0.0883  -0.0404 363 LYS A CA  
223 C C   . LYS A 24 ? 0.3169 0.2106 0.2045 -0.1046 0.0901  -0.0486 363 LYS A C   
224 O O   . LYS A 24 ? 0.3347 0.2165 0.2138 -0.1071 0.1007  -0.0549 363 LYS A O   
225 C CB  . LYS A 24 ? 0.2755 0.1614 0.1763 -0.0915 0.0889  -0.0419 363 LYS A CB  
226 C CG  . LYS A 24 ? 0.2977 0.1660 0.1903 -0.0937 0.1029  -0.0499 363 LYS A CG  
227 C CD  . LYS A 24 ? 0.3799 0.2457 0.2767 -0.0927 0.1049  -0.0507 363 LYS A CD  
228 C CE  . LYS A 24 ? 0.3765 0.2633 0.2815 -0.0989 0.0925  -0.0508 363 LYS A CE  
229 N NZ  . LYS A 24 ? 0.3842 0.2845 0.2854 -0.1117 0.0909  -0.0592 363 LYS A NZ  
230 N N   . GLN A 25 ? 0.2813 0.1912 0.1688 -0.1120 0.0812  -0.0486 364 GLN A N   
231 C CA  . GLN A 25 ? 0.2941 0.2116 0.1711 -0.1246 0.0827  -0.0566 364 GLN A CA  
232 C C   . GLN A 25 ? 0.4634 0.3816 0.3329 -0.1240 0.0854  -0.0541 364 GLN A C   
233 O O   . GLN A 25 ? 0.4606 0.3807 0.3197 -0.1306 0.0899  -0.0624 364 GLN A O   
234 C CB  . GLN A 25 ? 0.2883 0.2266 0.1662 -0.1314 0.0721  -0.0557 364 GLN A CB  
235 C CG  . GLN A 25 ? 0.3863 0.3294 0.2729 -0.1314 0.0692  -0.0582 364 GLN A CG  
236 C CD  . GLN A 25 ? 0.4170 0.3825 0.3061 -0.1345 0.0574  -0.0552 364 GLN A CD  
237 O OE1 . GLN A 25 ? 0.4739 0.4546 0.3548 -0.1329 0.0513  -0.0524 364 GLN A OE1 
238 N NE2 . GLN A 25 ? 0.3633 0.3323 0.2625 -0.1328 0.0538  -0.0535 364 GLN A NE2 
239 N N   . GLN A 26 ? 0.4380 0.3576 0.3139 -0.1141 0.0814  -0.0443 365 GLN A N   
240 C CA  . GLN A 26 ? 0.4121 0.3343 0.2835 -0.1117 0.0836  -0.0425 365 GLN A CA  
241 C C   . GLN A 26 ? 0.3978 0.3080 0.2693 -0.1068 0.0938  -0.0468 365 GLN A C   
242 O O   . GLN A 26 ? 0.4349 0.3457 0.3002 -0.1080 0.0978  -0.0501 365 GLN A O   
243 C CB  . GLN A 26 ? 0.3949 0.3247 0.2743 -0.1053 0.0774  -0.0325 365 GLN A CB  
244 C CG  . GLN A 26 ? 0.4266 0.3652 0.3023 -0.1083 0.0696  -0.0265 365 GLN A CG  
245 C CD  . GLN A 26 ? 0.5025 0.4426 0.3876 -0.1021 0.0653  -0.0178 365 GLN A CD  
246 O OE1 . GLN A 26 ? 0.5311 0.4699 0.4267 -0.0969 0.0670  -0.0177 365 GLN A OE1 
247 N NE2 . GLN A 26 ? 0.5204 0.4641 0.4004 -0.1026 0.0608  -0.0109 365 GLN A NE2 
248 N N   . MET A 27 ? 0.3600 0.2591 0.2373 -0.1000 0.0985  -0.0461 366 MET A N   
249 C CA  . MET A 27 ? 0.4178 0.3045 0.2929 -0.0929 0.1096  -0.0488 366 MET A CA  
250 C C   . MET A 27 ? 0.4881 0.3582 0.3541 -0.1000 0.1184  -0.0585 366 MET A C   
251 O O   . MET A 27 ? 0.5479 0.4087 0.4104 -0.0957 0.1270  -0.0608 366 MET A O   
252 C CB  . MET A 27 ? 0.4375 0.3184 0.3193 -0.0803 0.1133  -0.0431 366 MET A CB  
253 C CG  . MET A 27 ? 0.4648 0.3646 0.3566 -0.0737 0.1070  -0.0359 366 MET A CG  
254 S SD  . MET A 27 ? 0.5077 0.4074 0.4054 -0.0568 0.1121  -0.0304 366 MET A SD  
255 C CE  . MET A 27 ? 0.5192 0.3961 0.4124 -0.0589 0.1148  -0.0307 366 MET A CE  
256 N N   . GLN A 28 ? 0.4702 0.3397 0.3335 -0.1120 0.1168  -0.0647 367 GLN A N   
257 C CA  . GLN A 28 ? 0.4758 0.3367 0.3345 -0.1223 0.1254  -0.0739 367 GLN A CA  
258 C C   . GLN A 28 ? 0.4796 0.3540 0.3324 -0.1285 0.1224  -0.0788 367 GLN A C   
259 O O   . GLN A 28 ? 0.5107 0.3784 0.3600 -0.1343 0.1307  -0.0861 367 GLN A O   
260 C CB  . GLN A 28 ? 0.4565 0.3258 0.3182 -0.1315 0.1252  -0.0775 367 GLN A CB  
261 C CG  . GLN A 28 ? 0.4531 0.3100 0.3188 -0.1218 0.1297  -0.0737 367 GLN A CG  
262 C CD  . GLN A 28 ? 0.5461 0.4162 0.4146 -0.1286 0.1273  -0.0783 367 GLN A CD  
263 O OE1 . GLN A 28 ? 0.6211 0.5121 0.4912 -0.1389 0.1193  -0.0835 367 GLN A OE1 
264 N NE2 . GLN A 28 ? 0.5610 0.4198 0.4325 -0.1217 0.1318  -0.0761 367 GLN A NE2 
265 N N   . ASP A 29 ? 0.4218 0.3143 0.2727 -0.1271 0.1120  -0.0740 368 ASP A N   
266 C CA  . ASP A 29 ? 0.4383 0.3438 0.2819 -0.1315 0.1095  -0.0770 368 ASP A CA  
267 C C   . ASP A 29 ? 0.4517 0.3487 0.2935 -0.1247 0.1171  -0.0766 368 ASP A C   
268 O O   . ASP A 29 ? 0.3765 0.2803 0.2114 -0.1286 0.1176  -0.0807 368 ASP A O   
269 C CB  . ASP A 29 ? 0.3948 0.3196 0.2356 -0.1305 0.0981  -0.0692 368 ASP A CB  
270 C CG  . ASP A 29 ? 0.4188 0.3613 0.2557 -0.1386 0.0901  -0.0728 368 ASP A CG  
271 O OD1 . ASP A 29 ? 0.4619 0.4118 0.2957 -0.1463 0.0917  -0.0827 368 ASP A OD1 
272 O OD2 . ASP A 29 ? 0.4608 0.4122 0.2986 -0.1364 0.0822  -0.0656 368 ASP A OD2 
273 N N   . GLN A 30 ? 0.4600 0.3450 0.3076 -0.1136 0.1226  -0.0718 369 GLN A N   
274 C CA  . GLN A 30 ? 0.4989 0.3775 0.3453 -0.1054 0.1308  -0.0720 369 GLN A CA  
275 C C   . GLN A 30 ? 0.5992 0.4575 0.4409 -0.1078 0.1425  -0.0797 369 GLN A C   
276 O O   . GLN A 30 ? 0.7564 0.5985 0.5996 -0.1080 0.1481  -0.0805 369 GLN A O   
277 C CB  . GLN A 30 ? 0.4825 0.3621 0.3375 -0.0907 0.1320  -0.0636 369 GLN A CB  
278 C CG  . GLN A 30 ? 0.4546 0.3542 0.3168 -0.0896 0.1224  -0.0564 369 GLN A CG  
279 C CD  . GLN A 30 ? 0.4444 0.3574 0.3040 -0.0926 0.1205  -0.0560 369 GLN A CD  
280 O OE1 . GLN A 30 ? 0.4235 0.3359 0.2809 -0.0887 0.1272  -0.0587 369 GLN A OE1 
281 N NE2 . GLN A 30 ? 0.4881 0.4122 0.3477 -0.0983 0.1123  -0.0517 369 GLN A NE2 
282 N N   . GLU B 1  ? 0.2445 0.2733 0.2667 -0.0877 0.0353  -0.0427 340 GLU B N   
283 C CA  . GLU B 1  ? 0.2296 0.2474 0.2439 -0.0870 0.0322  -0.0361 340 GLU B CA  
284 C C   . GLU B 1  ? 0.2421 0.2572 0.2628 -0.0801 0.0270  -0.0342 340 GLU B C   
285 O O   . GLU B 1  ? 0.2520 0.2596 0.2720 -0.0779 0.0239  -0.0291 340 GLU B O   
286 C CB  . GLU B 1  ? 0.1761 0.1814 0.1792 -0.0915 0.0329  -0.0294 340 GLU B CB  
287 C CG  . GLU B 1  ? 0.1912 0.1952 0.1856 -0.0994 0.0401  -0.0312 340 GLU B CG  
288 C CD  . GLU B 1  ? 0.2089 0.1956 0.1878 -0.1045 0.0422  -0.0235 340 GLU B CD  
289 O OE1 . GLU B 1  ? 0.2685 0.2461 0.2449 -0.1017 0.0375  -0.0172 340 GLU B OE1 
290 O OE2 . GLU B 1  ? 0.2814 0.2621 0.2496 -0.1114 0.0495  -0.0238 340 GLU B OE2 
291 N N   . THR B 2  ? 0.2193 0.2398 0.2458 -0.0772 0.0275  -0.0389 341 THR B N   
292 C CA  . THR B 2  ? 0.2489 0.2658 0.2810 -0.0718 0.0252  -0.0387 341 THR B CA  
293 C C   . THR B 2  ? 0.2496 0.2563 0.2777 -0.0701 0.0221  -0.0330 341 THR B C   
294 O O   . THR B 2  ? 0.2425 0.2436 0.2728 -0.0666 0.0202  -0.0304 341 THR B O   
295 C CB  . THR B 2  ? 0.2631 0.2842 0.3012 -0.0704 0.0286  -0.0461 341 THR B CB  
296 O OG1 . THR B 2  ? 0.3442 0.3605 0.3774 -0.0718 0.0301  -0.0463 341 THR B OG1 
297 C CG2 . THR B 2  ? 0.1782 0.2141 0.2221 -0.0710 0.0313  -0.0530 341 THR B CG2 
298 N N   . GLU B 3  ? 0.2573 0.2634 0.2802 -0.0732 0.0216  -0.0323 342 GLU B N   
299 C CA  . GLU B 3  ? 0.2452 0.2467 0.2677 -0.0724 0.0184  -0.0293 342 GLU B CA  
300 C C   . GLU B 3  ? 0.2269 0.2237 0.2477 -0.0727 0.0152  -0.0236 342 GLU B C   
301 O O   . GLU B 3  ? 0.2262 0.2199 0.2508 -0.0703 0.0127  -0.0218 342 GLU B O   
302 C CB  . GLU B 3  ? 0.2494 0.2548 0.2673 -0.0770 0.0182  -0.0324 342 GLU B CB  
303 C CG  . GLU B 3  ? 0.2135 0.2209 0.2337 -0.0765 0.0221  -0.0389 342 GLU B CG  
304 C CD  . GLU B 3  ? 0.2518 0.2531 0.2781 -0.0719 0.0235  -0.0399 342 GLU B CD  
305 O OE1 . GLU B 3  ? 0.2634 0.2625 0.2923 -0.0704 0.0205  -0.0371 342 GLU B OE1 
306 O OE2 . GLU B 3  ? 0.3042 0.3018 0.3325 -0.0705 0.0288  -0.0443 342 GLU B OE2 
307 N N   . LYS B 4  ? 0.2332 0.2285 0.2485 -0.0762 0.0165  -0.0214 343 LYS B N   
308 C CA  . LYS B 4  ? 0.2074 0.1946 0.2204 -0.0767 0.0152  -0.0162 343 LYS B CA  
309 C C   . LYS B 4  ? 0.2068 0.1928 0.2272 -0.0712 0.0146  -0.0161 343 LYS B C   
310 O O   . LYS B 4  ? 0.2481 0.2281 0.2704 -0.0692 0.0128  -0.0130 343 LYS B O   
311 C CB  . LYS B 4  ? 0.1908 0.1729 0.1934 -0.0828 0.0190  -0.0140 343 LYS B CB  
312 C CG  . LYS B 4  ? 0.2281 0.1958 0.2210 -0.0859 0.0189  -0.0072 343 LYS B CG  
313 C CD  . LYS B 4  ? 0.2488 0.2071 0.2270 -0.0927 0.0250  -0.0044 343 LYS B CD  
314 C CE  . LYS B 4  ? 0.2225 0.1602 0.1877 -0.0926 0.0262  0.0041  343 LYS B CE  
315 N NZ  . LYS B 4  ? 0.3216 0.2568 0.2784 -0.0837 0.0185  0.0105  343 LYS B NZ  
316 N N   . LEU B 5  ? 0.1936 0.1857 0.2179 -0.0695 0.0163  -0.0201 344 LEU B N   
317 C CA  . LEU B 5  ? 0.1476 0.1395 0.1766 -0.0659 0.0157  -0.0211 344 LEU B CA  
318 C C   . LEU B 5  ? 0.1352 0.1226 0.1667 -0.0618 0.0144  -0.0201 344 LEU B C   
319 O O   . LEU B 5  ? 0.1344 0.1170 0.1669 -0.0596 0.0136  -0.0184 344 LEU B O   
320 C CB  . LEU B 5  ? 0.1741 0.1758 0.2070 -0.0665 0.0178  -0.0277 344 LEU B CB  
321 C CG  . LEU B 5  ? 0.2034 0.2116 0.2372 -0.0702 0.0195  -0.0310 344 LEU B CG  
322 C CD1 . LEU B 5  ? 0.1904 0.2139 0.2317 -0.0704 0.0208  -0.0398 344 LEU B CD1 
323 C CD2 . LEU B 5  ? 0.2248 0.2277 0.2585 -0.0697 0.0184  -0.0293 344 LEU B CD2 
324 N N   . ILE B 6  ? 0.1346 0.1227 0.1667 -0.0612 0.0155  -0.0219 345 ILE B N   
325 C CA  . ILE B 6  ? 0.1338 0.1165 0.1677 -0.0582 0.0164  -0.0218 345 ILE B CA  
326 C C   . ILE B 6  ? 0.1336 0.1139 0.1691 -0.0578 0.0136  -0.0184 345 ILE B C   
327 O O   . ILE B 6  ? 0.3355 0.3113 0.3728 -0.0552 0.0146  -0.0177 345 ILE B O   
328 C CB  . ILE B 6  ? 0.1363 0.1192 0.1703 -0.0588 0.0193  -0.0255 345 ILE B CB  
329 C CG1 . ILE B 6  ? 0.3216 0.3039 0.3557 -0.0585 0.0235  -0.0301 345 ILE B CG1 
330 C CG2 . ILE B 6  ? 0.2003 0.1777 0.2360 -0.0571 0.0214  -0.0259 345 ILE B CG2 
331 C CD1 . ILE B 6  ? 0.3086 0.2883 0.3424 -0.0593 0.0280  -0.0346 345 ILE B CD1 
332 N N   . ARG B 7  ? 0.1360 0.1188 0.1709 -0.0610 0.0111  -0.0169 346 ARG B N   
333 C CA  . ARG B 7  ? 0.2024 0.1835 0.2408 -0.0617 0.0089  -0.0152 346 ARG B CA  
334 C C   . ARG B 7  ? 0.1389 0.1131 0.1765 -0.0600 0.0089  -0.0119 346 ARG B C   
335 O O   . ARG B 7  ? 0.1451 0.1164 0.1869 -0.0584 0.0088  -0.0115 346 ARG B O   
336 C CB  . ARG B 7  ? 0.1922 0.1762 0.2274 -0.0675 0.0066  -0.0154 346 ARG B CB  
337 C CG  . ARG B 7  ? 0.2103 0.2034 0.2476 -0.0695 0.0058  -0.0206 346 ARG B CG  
338 C CD  . ARG B 7  ? 0.2207 0.2200 0.2527 -0.0695 0.0000  -0.0195 346 ARG B CD  
339 N NE  . ARG B 7  ? 0.1629 0.1567 0.1806 -0.0709 -0.0001 -0.0142 346 ARG B NE  
340 C CZ  . ARG B 7  ? 0.2235 0.2208 0.2336 -0.0750 0.0013  -0.0164 346 ARG B CZ  
341 N NH1 . ARG B 7  ? 0.2071 0.2133 0.2228 -0.0776 0.0024  -0.0238 346 ARG B NH1 
342 N NH2 . ARG B 7  ? 0.2802 0.2710 0.2768 -0.0771 0.0031  -0.0117 346 ARG B NH2 
343 N N   . MET B 8  ? 0.1611 0.1337 0.1942 -0.0609 0.0099  -0.0108 347 MET B N   
344 C CA  . MET B 8  ? 0.1960 0.1627 0.2283 -0.0600 0.0105  -0.0093 347 MET B CA  
345 C C   . MET B 8  ? 0.1386 0.1053 0.1732 -0.0562 0.0112  -0.0113 347 MET B C   
346 O O   . MET B 8  ? 0.2012 0.1627 0.2366 -0.0547 0.0115  -0.0104 347 MET B O   
347 C CB  . MET B 8  ? 0.2249 0.1927 0.2532 -0.0629 0.0124  -0.0104 347 MET B CB  
348 C CG  . MET B 8  ? 0.2868 0.2493 0.3086 -0.0677 0.0142  -0.0078 347 MET B CG  
349 S SD  . MET B 8  ? 0.3172 0.2842 0.3359 -0.0721 0.0183  -0.0115 347 MET B SD  
350 C CE  . MET B 8  ? 0.1878 0.1560 0.2114 -0.0701 0.0183  -0.0149 347 MET B CE  
351 N N   . LYS B 9  ? 0.1774 0.1479 0.2117 -0.0551 0.0125  -0.0142 348 LYS B N   
352 C CA  . LYS B 9  ? 0.1351 0.1021 0.1690 -0.0526 0.0149  -0.0161 348 LYS B CA  
353 C C   . LYS B 9  ? 0.2007 0.1637 0.2365 -0.0502 0.0164  -0.0151 348 LYS B C   
354 O O   . LYS B 9  ? 0.2101 0.1676 0.2447 -0.0483 0.0192  -0.0156 348 LYS B O   
355 C CB  . LYS B 9  ? 0.1356 0.1047 0.1685 -0.0529 0.0173  -0.0204 348 LYS B CB  
356 C CG  . LYS B 9  ? 0.1354 0.1128 0.1692 -0.0561 0.0161  -0.0244 348 LYS B CG  
357 C CD  . LYS B 9  ? 0.2377 0.2217 0.2712 -0.0530 0.0165  -0.0287 348 LYS B CD  
358 C CE  . LYS B 9  ? 0.2511 0.2500 0.2887 -0.0564 0.0150  -0.0341 348 LYS B CE  
359 N NZ  . LYS B 9  ? 0.2229 0.2274 0.2620 -0.0585 0.0136  -0.0380 348 LYS B NZ  
360 N N   . ASP B 10 ? 0.1341 0.1004 0.1728 -0.0511 0.0157  -0.0149 349 ASP B N   
361 C CA  . ASP B 10 ? 0.1351 0.1008 0.1781 -0.0503 0.0176  -0.0161 349 ASP B CA  
362 C C   . ASP B 10 ? 0.1790 0.1440 0.2267 -0.0502 0.0163  -0.0150 349 ASP B C   
363 O O   . ASP B 10 ? 0.1381 0.1016 0.1896 -0.0488 0.0195  -0.0167 349 ASP B O   
364 C CB  . ASP B 10 ? 0.1423 0.1139 0.1891 -0.0526 0.0173  -0.0185 349 ASP B CB  
365 C CG  . ASP B 10 ? 0.2572 0.2259 0.3003 -0.0523 0.0216  -0.0209 349 ASP B CG  
366 O OD1 . ASP B 10 ? 0.3051 0.2654 0.3436 -0.0499 0.0260  -0.0206 349 ASP B OD1 
367 O OD2 . ASP B 10 ? 0.2668 0.2399 0.3111 -0.0545 0.0215  -0.0235 349 ASP B OD2 
368 N N   . GLU B 11 ? 0.1830 0.1475 0.2303 -0.0518 0.0129  -0.0127 350 GLU B N   
369 C CA  . GLU B 11 ? 0.1704 0.1300 0.2220 -0.0512 0.0129  -0.0119 350 GLU B CA  
370 C C   . GLU B 11 ? 0.1430 0.0968 0.1906 -0.0489 0.0155  -0.0118 350 GLU B C   
371 O O   . GLU B 11 ? 0.1453 0.0963 0.1980 -0.0470 0.0178  -0.0130 350 GLU B O   
372 C CB  . GLU B 11 ? 0.1957 0.1503 0.2454 -0.0539 0.0109  -0.0087 350 GLU B CB  
373 C CG  . GLU B 11 ? 0.3407 0.2857 0.3926 -0.0509 0.0114  -0.0064 350 GLU B CG  
374 C CD  . GLU B 11 ? 0.4871 0.4224 0.5280 -0.0506 0.0100  -0.0007 350 GLU B CD  
375 O OE1 . GLU B 11 ? 0.5421 0.4800 0.5759 -0.0538 0.0085  0.0008  350 GLU B OE1 
376 O OE2 . GLU B 11 ? 0.5473 0.4704 0.5852 -0.0473 0.0114  0.0022  350 GLU B OE2 
377 N N   . GLU B 12 ? 0.1424 0.0957 0.1830 -0.0492 0.0153  -0.0117 351 GLU B N   
378 C CA  . GLU B 12 ? 0.1452 0.0944 0.1826 -0.0481 0.0176  -0.0134 351 GLU B CA  
379 C C   . GLU B 12 ? 0.1456 0.0929 0.1834 -0.0458 0.0217  -0.0153 351 GLU B C   
380 O O   . GLU B 12 ? 0.1497 0.0924 0.1878 -0.0447 0.0247  -0.0166 351 GLU B O   
381 C CB  . GLU B 12 ? 0.1911 0.1428 0.2242 -0.0502 0.0171  -0.0155 351 GLU B CB  
382 C CG  . GLU B 12 ? 0.2832 0.2322 0.3136 -0.0513 0.0190  -0.0192 351 GLU B CG  
383 C CD  . GLU B 12 ? 0.4265 0.3820 0.4553 -0.0550 0.0184  -0.0241 351 GLU B CD  
384 O OE1 . GLU B 12 ? 0.4727 0.4346 0.5030 -0.0564 0.0166  -0.0235 351 GLU B OE1 
385 O OE2 . GLU B 12 ? 0.4842 0.4403 0.5108 -0.0570 0.0196  -0.0300 351 GLU B OE2 
386 N N   . LEU B 13 ? 0.1439 0.0927 0.1809 -0.0454 0.0233  -0.0157 352 LEU B N   
387 C CA  . LEU B 13 ? 0.1662 0.1097 0.2013 -0.0439 0.0293  -0.0171 352 LEU B CA  
388 C C   . LEU B 13 ? 0.1832 0.1286 0.2264 -0.0437 0.0318  -0.0184 352 LEU B C   
389 O O   . LEU B 13 ? 0.1775 0.1178 0.2194 -0.0429 0.0375  -0.0202 352 LEU B O   
390 C CB  . LEU B 13 ? 0.1650 0.1074 0.1976 -0.0440 0.0317  -0.0174 352 LEU B CB  
391 C CG  . LEU B 13 ? 0.1725 0.1082 0.1966 -0.0434 0.0332  -0.0176 352 LEU B CG  
392 C CD1 . LEU B 13 ? 0.1943 0.1286 0.2173 -0.0434 0.0355  -0.0179 352 LEU B CD1 
393 C CD2 . LEU B 13 ? 0.1680 0.0895 0.1815 -0.0414 0.0394  -0.0179 352 LEU B CD2 
394 N N   . ARG B 14 ? 0.1803 0.1327 0.2325 -0.0448 0.0283  -0.0187 353 ARG B N   
395 C CA  . ARG B 14 ? 0.1738 0.1298 0.2383 -0.0448 0.0309  -0.0219 353 ARG B CA  
396 C C   . ARG B 14 ? 0.1985 0.1491 0.2645 -0.0431 0.0321  -0.0219 353 ARG B C   
397 O O   . ARG B 14 ? 0.2310 0.1811 0.3032 -0.0425 0.0378  -0.0254 353 ARG B O   
398 C CB  . ARG B 14 ? 0.1897 0.1548 0.2657 -0.0467 0.0265  -0.0234 353 ARG B CB  
399 C CG  . ARG B 14 ? 0.2690 0.2409 0.3451 -0.0491 0.0266  -0.0256 353 ARG B CG  
400 C CD  . ARG B 14 ? 0.3140 0.2991 0.4048 -0.0516 0.0224  -0.0298 353 ARG B CD  
401 N NE  . ARG B 14 ? 0.3233 0.3080 0.4111 -0.0524 0.0158  -0.0261 353 ARG B NE  
402 C CZ  . ARG B 14 ? 0.2917 0.2798 0.3732 -0.0549 0.0134  -0.0258 353 ARG B CZ  
403 N NH1 . ARG B 14 ? 0.3000 0.2905 0.3784 -0.0559 0.0168  -0.0287 353 ARG B NH1 
404 N NH2 . ARG B 14 ? 0.2473 0.2345 0.3237 -0.0555 0.0083  -0.0221 353 ARG B NH2 
405 N N   . ARG B 15 ? 0.2160 0.1619 0.2767 -0.0427 0.0280  -0.0188 354 ARG B N   
406 C CA  . ARG B 15 ? 0.1565 0.0954 0.2176 -0.0412 0.0297  -0.0194 354 ARG B CA  
407 C C   . ARG B 15 ? 0.1603 0.0951 0.2138 -0.0410 0.0345  -0.0215 354 ARG B C   
408 O O   . ARG B 15 ? 0.1655 0.0968 0.2228 -0.0398 0.0392  -0.0242 354 ARG B O   
409 C CB  . ARG B 15 ? 0.1604 0.0937 0.2157 -0.0420 0.0258  -0.0161 354 ARG B CB  
410 C CG  . ARG B 15 ? 0.1617 0.0944 0.2235 -0.0421 0.0225  -0.0135 354 ARG B CG  
411 C CD  . ARG B 15 ? 0.2077 0.1285 0.2622 -0.0426 0.0216  -0.0097 354 ARG B CD  
412 N NE  . ARG B 15 ? 0.3357 0.2592 0.3806 -0.0468 0.0189  -0.0076 354 ARG B NE  
413 C CZ  . ARG B 15 ? 0.3765 0.2908 0.4137 -0.0492 0.0190  -0.0043 354 ARG B CZ  
414 N NH1 . ARG B 15 ? 0.4462 0.3448 0.4813 -0.0468 0.0217  -0.0019 354 ARG B NH1 
415 N NH2 . ARG B 15 ? 0.3335 0.2532 0.3651 -0.0533 0.0174  -0.0038 354 ARG B NH2 
416 N N   . MET B 16 ? 0.1924 0.1265 0.2357 -0.0420 0.0341  -0.0208 355 MET B N   
417 C CA  A MET B 16 ? 0.1672 0.0946 0.2021 -0.0421 0.0393  -0.0233 355 MET B CA  
418 C CA  B MET B 16 ? 0.1671 0.0945 0.2019 -0.0421 0.0392  -0.0233 355 MET B CA  
419 C C   . MET B 16 ? 0.1716 0.0968 0.2080 -0.0414 0.0468  -0.0250 355 MET B C   
420 O O   . MET B 16 ? 0.1809 0.0989 0.2116 -0.0415 0.0530  -0.0274 355 MET B O   
421 C CB  A MET B 16 ? 0.1726 0.0977 0.1975 -0.0432 0.0380  -0.0233 355 MET B CB  
422 C CB  B MET B 16 ? 0.1734 0.0988 0.1983 -0.0431 0.0380  -0.0230 355 MET B CB  
423 C CG  A MET B 16 ? 0.1692 0.0960 0.1916 -0.0458 0.0338  -0.0254 355 MET B CG  
424 C CG  B MET B 16 ? 0.2032 0.1332 0.2282 -0.0453 0.0321  -0.0233 355 MET B CG  
425 S SD  A MET B 16 ? 0.2105 0.1367 0.2224 -0.0469 0.0328  -0.0287 355 MET B SD  
426 S SD  B MET B 16 ? 0.2033 0.1292 0.2222 -0.0482 0.0333  -0.0293 355 MET B SD  
427 C CE  A MET B 16 ? 0.2182 0.1537 0.2331 -0.0520 0.0280  -0.0340 355 MET B CE  
428 C CE  B MET B 16 ? 0.1798 0.1068 0.1861 -0.0466 0.0323  -0.0323 355 MET B CE  
429 N N   . GLN B 17 ? 0.1674 0.0980 0.2106 -0.0417 0.0477  -0.0247 356 GLN B N   
430 C CA  . GLN B 17 ? 0.2171 0.1462 0.2629 -0.0426 0.0566  -0.0278 356 GLN B CA  
431 C C   . GLN B 17 ? 0.1919 0.1255 0.2520 -0.0426 0.0599  -0.0321 356 GLN B C   
432 O O   . GLN B 17 ? 0.2028 0.1319 0.2622 -0.0434 0.0687  -0.0355 356 GLN B O   
433 C CB  . GLN B 17 ? 0.1714 0.1051 0.2203 -0.0440 0.0576  -0.0282 356 GLN B CB  
434 C CG  . GLN B 17 ? 0.3489 0.2792 0.3981 -0.0462 0.0688  -0.0322 356 GLN B CG  
435 C CD  . GLN B 17 ? 0.3814 0.3097 0.4263 -0.0476 0.0717  -0.0322 356 GLN B CD  
436 O OE1 . GLN B 17 ? 0.4327 0.3534 0.4650 -0.0460 0.0696  -0.0280 356 GLN B OE1 
437 N NE2 . GLN B 17 ? 0.3976 0.3329 0.4539 -0.0510 0.0770  -0.0382 356 GLN B NE2 
438 N N   . GLU B 18 ? 0.2086 0.1494 0.2819 -0.0417 0.0539  -0.0323 357 GLU B N   
439 C CA  . GLU B 18 ? 0.2581 0.2008 0.3469 -0.0405 0.0568  -0.0368 357 GLU B CA  
440 C C   . GLU B 18 ? 0.1765 0.1092 0.2563 -0.0391 0.0603  -0.0370 357 GLU B C   
441 O O   . GLU B 18 ? 0.2014 0.1331 0.2889 -0.0390 0.0678  -0.0419 357 GLU B O   
442 C CB  . GLU B 18 ? 0.2792 0.2258 0.3810 -0.0385 0.0493  -0.0357 357 GLU B CB  
443 C CG  . GLU B 18 ? 0.3468 0.3064 0.4626 -0.0405 0.0458  -0.0381 357 GLU B CG  
444 C CD  . GLU B 18 ? 0.3795 0.3426 0.4980 -0.0358 0.0357  -0.0338 357 GLU B CD  
445 O OE1 . GLU B 18 ? 0.4023 0.3527 0.5092 -0.0338 0.0330  -0.0283 357 GLU B OE1 
446 O OE2 . GLU B 18 ? 0.4151 0.3941 0.5448 -0.0335 0.0306  -0.0361 357 GLU B OE2 
447 N N   . MET B 19 ? 0.1786 0.1049 0.2433 -0.0389 0.0554  -0.0330 358 MET B N   
448 C CA  . MET B 19 ? 0.1866 0.1047 0.2429 -0.0387 0.0583  -0.0348 358 MET B CA  
449 C C   . MET B 19 ? 0.2494 0.1618 0.2954 -0.0405 0.0669  -0.0375 358 MET B C   
450 O O   . MET B 19 ? 0.2050 0.1121 0.2496 -0.0407 0.0731  -0.0415 358 MET B O   
451 C CB  . MET B 19 ? 0.1863 0.1016 0.2316 -0.0398 0.0517  -0.0323 358 MET B CB  
452 C CG  . MET B 19 ? 0.2621 0.1702 0.3004 -0.0409 0.0539  -0.0359 358 MET B CG  
453 S SD  . MET B 19 ? 0.3106 0.2193 0.3407 -0.0441 0.0470  -0.0352 358 MET B SD  
454 C CE  . MET B 19 ? 0.2975 0.2096 0.3365 -0.0424 0.0410  -0.0291 358 MET B CE  
455 N N   . LEU B 20 ? 0.1963 0.1073 0.2335 -0.0417 0.0683  -0.0353 359 LEU B N   
456 C CA  . LEU B 20 ? 0.2954 0.1958 0.3191 -0.0432 0.0781  -0.0370 359 LEU B CA  
457 C C   . LEU B 20 ? 0.2150 0.1176 0.2494 -0.0446 0.0884  -0.0414 359 LEU B C   
458 O O   . LEU B 20 ? 0.2285 0.1225 0.2554 -0.0460 0.0976  -0.0447 359 LEU B O   
459 C CB  . LEU B 20 ? 0.3102 0.2051 0.3216 -0.0432 0.0785  -0.0330 359 LEU B CB  
460 C CG  . LEU B 20 ? 0.2185 0.1053 0.2140 -0.0422 0.0730  -0.0310 359 LEU B CG  
461 C CD1 . LEU B 20 ? 0.2947 0.1767 0.2820 -0.0409 0.0731  -0.0268 359 LEU B CD1 
462 C CD2 . LEU B 20 ? 0.2697 0.1406 0.2453 -0.0419 0.0787  -0.0341 359 LEU B CD2 
463 N N   . GLN B 21 ? 0.2208 0.1349 0.2728 -0.0450 0.0879  -0.0429 360 GLN B N   
464 C CA  . GLN B 21 ? 0.2095 0.1287 0.2764 -0.0474 0.0982  -0.0498 360 GLN B CA  
465 C C   . GLN B 21 ? 0.2374 0.1593 0.3182 -0.0456 0.0989  -0.0544 360 GLN B C   
466 O O   . GLN B 21 ? 0.2307 0.1540 0.3213 -0.0475 0.1096  -0.0612 360 GLN B O   
472 N N   . ARG B 22 ? 0.2434 0.1650 0.3251 -0.0419 0.0889  -0.0511 361 ARG B N   
473 C CA  . ARG B 22 ? 0.2074 0.1267 0.2977 -0.0389 0.0899  -0.0547 361 ARG B CA  
474 C C   . ARG B 22 ? 0.2206 0.1288 0.2936 -0.0402 0.0960  -0.0561 361 ARG B C   
475 O O   . ARG B 22 ? 0.2633 0.1699 0.3428 -0.0399 0.1037  -0.0617 361 ARG B O   
476 C CB  . ARG B 22 ? 0.2020 0.1202 0.2947 -0.0348 0.0789  -0.0503 361 ARG B CB  
477 C CG  . ARG B 22 ? 0.2526 0.1662 0.3556 -0.0297 0.0796  -0.0534 361 ARG B CG  
478 C CD  . ARG B 22 ? 0.2628 0.1747 0.3732 -0.0245 0.0707  -0.0493 361 ARG B CD  
479 N NE  . ARG B 22 ? 0.2557 0.1639 0.3493 -0.0274 0.0631  -0.0421 361 ARG B NE  
480 C CZ  . ARG B 22 ? 0.2095 0.1233 0.3034 -0.0288 0.0567  -0.0380 361 ARG B CZ  
481 N NH1 . ARG B 22 ? 0.2273 0.1507 0.3381 -0.0283 0.0565  -0.0405 361 ARG B NH1 
482 N NH2 . ARG B 22 ? 0.2314 0.1423 0.3106 -0.0313 0.0509  -0.0328 361 ARG B NH2 
483 N N   . MET B 23 ? 0.2687 0.1696 0.3204 -0.0418 0.0928  -0.0521 362 MET B N   
484 C CA  . MET B 23 ? 0.2840 0.1737 0.3176 -0.0437 0.0989  -0.0548 362 MET B CA  
485 C C   . MET B 23 ? 0.2523 0.1362 0.2797 -0.0467 0.1123  -0.0578 362 MET B C   
486 O O   . MET B 23 ? 0.2674 0.1432 0.2853 -0.0482 0.1203  -0.0619 362 MET B O   
487 C CB  . MET B 23 ? 0.3098 0.1928 0.3235 -0.0444 0.0924  -0.0520 362 MET B CB  
488 C CG  . MET B 23 ? 0.3741 0.2615 0.3916 -0.0435 0.0817  -0.0507 362 MET B CG  
489 S SD  . MET B 23 ? 0.4187 0.3006 0.4156 -0.0458 0.0763  -0.0517 362 MET B SD  
490 C CE  . MET B 23 ? 0.4087 0.2789 0.3862 -0.0472 0.0845  -0.0600 362 MET B CE  
491 N N   . LYS B 24 ? 0.3010 0.1881 0.3323 -0.0484 0.1156  -0.0558 363 LYS B N   
492 C CA  . LYS B 24 ? 0.3105 0.1907 0.3357 -0.0526 0.1307  -0.0586 363 LYS B CA  
493 C C   . LYS B 24 ? 0.2654 0.1536 0.3115 -0.0546 0.1401  -0.0668 363 LYS B C   
494 O O   . LYS B 24 ? 0.2827 0.1620 0.3198 -0.0583 0.1525  -0.0702 363 LYS B O   
495 C CB  . LYS B 24 ? 0.2608 0.1434 0.2867 -0.0539 0.1320  -0.0560 363 LYS B CB  
496 C CG  . LYS B 24 ? 0.2810 0.1525 0.2954 -0.0584 0.1487  -0.0585 363 LYS B CG  
497 C CD  . LYS B 24 ? 0.4106 0.2840 0.4259 -0.0587 0.1486  -0.0573 363 LYS B CD  
498 C CE  . LYS B 24 ? 0.3936 0.2626 0.3952 -0.0549 0.1363  -0.0483 363 LYS B CE  
499 N NZ  . LYS B 24 ? 0.3504 0.2278 0.3614 -0.0552 0.1329  -0.0480 363 LYS B NZ  
500 N N   . GLN B 25 ? 0.2496 0.1536 0.3232 -0.0521 0.1344  -0.0701 364 GLN B N   
501 C CA  . GLN B 25 ? 0.3151 0.2272 0.4111 -0.0532 0.1431  -0.0792 364 GLN B CA  
502 C C   . GLN B 25 ? 0.3802 0.2856 0.4700 -0.0502 0.1430  -0.0806 364 GLN B C   
503 O O   . GLN B 25 ? 0.4258 0.3328 0.5240 -0.0522 0.1526  -0.0870 364 GLN B O   
504 C CB  . GLN B 25 ? 0.3019 0.2312 0.4291 -0.0496 0.1365  -0.0837 364 GLN B CB  
505 C CG  . GLN B 25 ? 0.4015 0.3433 0.5555 -0.0487 0.1432  -0.0945 364 GLN B CG  
506 C CD  . GLN B 25 ? 0.4912 0.4533 0.6727 -0.0506 0.1436  -0.1026 364 GLN B CD  
507 O OE1 . GLN B 25 ? 0.5120 0.4876 0.7091 -0.0438 0.1332  -0.1026 364 GLN B OE1 
508 N NE2 . GLN B 25 ? 0.5013 0.4643 0.6854 -0.0592 0.1533  -0.1096 364 GLN B NE2 
509 N N   . GLN B 26 ? 0.3497 0.2469 0.4231 -0.0467 0.1333  -0.0752 365 GLN B N   
510 C CA  . GLN B 26 ? 0.3132 0.2033 0.3783 -0.0453 0.1342  -0.0778 365 GLN B CA  
511 C C   . GLN B 26 ? 0.3261 0.2040 0.3672 -0.0501 0.1440  -0.0792 365 GLN B C   
512 O O   . GLN B 26 ? 0.3874 0.2618 0.4265 -0.0507 0.1502  -0.0842 365 GLN B O   
513 C CB  . GLN B 26 ? 0.3006 0.1872 0.3581 -0.0418 0.1216  -0.0734 365 GLN B CB  
514 C CG  . GLN B 26 ? 0.2939 0.1876 0.3713 -0.0363 0.1129  -0.0714 365 GLN B CG  
515 C CD  . GLN B 26 ? 0.2989 0.1885 0.3667 -0.0352 0.1014  -0.0657 365 GLN B CD  
516 O OE1 . GLN B 26 ? 0.3081 0.1928 0.3573 -0.0387 0.0988  -0.0643 365 GLN B OE1 
517 N NE2 . GLN B 26 ? 0.2834 0.1745 0.3639 -0.0303 0.0949  -0.0631 365 GLN B NE2 
518 N N   . MET B 27 ? 0.2969 0.1663 0.3176 -0.0528 0.1452  -0.0746 366 MET B N   
519 C CA  . MET B 27 ? 0.3606 0.2145 0.3546 -0.0562 0.1550  -0.0752 366 MET B CA  
520 C C   . MET B 27 ? 0.4051 0.2577 0.4058 -0.0619 0.1702  -0.0783 366 MET B C   
521 O O   . MET B 27 ? 0.4479 0.2882 0.4307 -0.0647 0.1792  -0.0799 366 MET B O   
522 C CB  . MET B 27 ? 0.3714 0.2130 0.3384 -0.0551 0.1514  -0.0689 366 MET B CB  
523 C CG  . MET B 27 ? 0.4836 0.3066 0.4167 -0.0558 0.1598  -0.0680 366 MET B CG  
524 S SD  . MET B 27 ? 0.5891 0.4091 0.5020 -0.0527 0.1543  -0.0733 366 MET B SD  
525 C CE  . MET B 27 ? 0.6356 0.4358 0.5106 -0.0523 0.1654  -0.0702 366 MET B CE  
526 N N   . GLN B 28 ? 0.3809 0.2460 0.4075 -0.0642 0.1729  -0.0801 367 GLN B N   
527 C CA  . GLN B 28 ? 0.3638 0.2292 0.4020 -0.0715 0.1862  -0.0859 367 GLN B CA  
528 C C   . GLN B 28 ? 0.3766 0.2514 0.4334 -0.0701 0.1888  -0.0941 367 GLN B C   
529 O O   . GLN B 28 ? 0.4012 0.2726 0.4607 -0.0759 0.2000  -0.0997 367 GLN B O   
530 C CB  . GLN B 28 ? 0.3163 0.1933 0.3774 -0.0749 0.1865  -0.0881 367 GLN B CB  
531 C CG  . GLN B 28 ? 0.3667 0.2331 0.4054 -0.0740 0.1840  -0.0808 367 GLN B CG  
532 C CD  . GLN B 28 ? 0.4003 0.2797 0.4570 -0.0714 0.1785  -0.0854 367 GLN B CD  
533 O OE1 . GLN B 28 ? 0.4292 0.3275 0.5169 -0.0718 0.1752  -0.0924 367 GLN B OE1 
534 N NE2 . GLN B 28 ? 0.4449 0.3159 0.4839 -0.0707 0.1794  -0.0807 367 GLN B NE2 
535 N N   . ASP B 29 ? 0.3338 0.2167 0.3996 -0.0627 0.1789  -0.0946 368 ASP B N   
536 C CA  . ASP B 29 ? 0.3247 0.2131 0.4044 -0.0601 0.1814  -0.1014 368 ASP B CA  
537 C C   . ASP B 29 ? 0.4254 0.2981 0.4777 -0.0625 0.1875  -0.1019 368 ASP B C   
538 O O   . ASP B 29 ? 0.4421 0.3167 0.5026 -0.0629 0.1939  -0.1083 368 ASP B O   
539 C CB  . ASP B 29 ? 0.3104 0.2074 0.4068 -0.0508 0.1696  -0.1015 368 ASP B CB  
540 C CG  . ASP B 29 ? 0.3663 0.2814 0.4957 -0.0461 0.1658  -0.1054 368 ASP B CG  
541 O OD1 . ASP B 29 ? 0.3549 0.2809 0.5047 -0.0454 0.1711  -0.1132 368 ASP B OD1 
542 O OD2 . ASP B 29 ? 0.3794 0.2991 0.5150 -0.0417 0.1558  -0.1012 368 ASP B OD2 
543 N N   . GLN B 30 ? 0.4174 0.2750 0.4376 -0.0634 0.1854  -0.0962 369 GLN B N   
544 C CA  . GLN B 30 ? 0.4539 0.2978 0.4474 -0.0653 0.1913  -0.0985 369 GLN B CA  
545 C C   . GLN B 30 ? 0.4064 0.2387 0.3861 -0.0718 0.2053  -0.0989 369 GLN B C   
546 O O   . GLN B 30 ? 0.4438 0.2770 0.4332 -0.0758 0.2104  -0.0977 369 GLN B O   
547 C CB  . GLN B 30 ? 0.4888 0.3222 0.4516 -0.0626 0.1829  -0.0941 369 GLN B CB  
548 C CG  . GLN B 30 ? 0.4922 0.3338 0.4650 -0.0579 0.1686  -0.0925 369 GLN B CG  
549 C CD  . GLN B 30 ? 0.5035 0.3528 0.4963 -0.0557 0.1661  -0.0980 369 GLN B CD  
550 O OE1 . GLN B 30 ? 0.5367 0.3818 0.5220 -0.0567 0.1702  -0.1035 369 GLN B OE1 
551 N NE2 . GLN B 30 ? 0.4964 0.3561 0.5143 -0.0521 0.1602  -0.0964 369 GLN B NE2 
# 
